data_3I8E
#
_entry.id   3I8E
#
_cell.length_a   64.138
_cell.length_b   133.815
_cell.length_c   183.999
_cell.angle_alpha   90.00
_cell.angle_beta   90.45
_cell.angle_gamma   90.00
#
_symmetry.space_group_name_H-M   'P 1 21 1'
#
loop_
_entity.id
_entity.type
_entity.pdbx_description
1 polymer 'DNA damage-binding protein 1'
2 polymer 'WD repeat-containing protein 42A'
#
loop_
_entity_poly.entity_id
_entity_poly.type
_entity_poly.pdbx_seq_one_letter_code
_entity_poly.pdbx_strand_id
1 'polypeptide(L)'
;GSHMSYNYVVTAQKPTAVNGCVTGHFTSAEDLNLLIAKNTRLEIYVVTAEGLRPVKEVGMYGKIAVMELFRPKGESKDLL
FILTAKYNACILEYKQSGESIDIITRAHGNVQDRIGRPSETGIIGIIDPECRMIGLRLYDGLFKVIPLDRDNKELKAFNI
RLEELHVIDVKFLYGCQAPTICFVYQDPQGRHVKTYEVSLREKEFNKGPWKQENVEAEASMVIAVPEPFGGAIIIGQESI
TYHNGDKYLAIAPPIIKQSTIVCHNRVDPNGSRYLLGDMEGRLFMLLLEKEEQMDGTVTLKDLRVELLGETSIAECLTYL
DNGVVFVGSRLGDSQLVKLNVDSNEQGSYVVAMETFTNLGPIVDMCVVDLERQGQGQLVTCSGAFKEGSLRIIRNGIGIH
EHASIDLPGIKGLWPLRSDPNRETYDTLVLSFVGQTRVLMLNGEEVEETELMGFVDDQQTFFCGNVAHQQLIQITSASVR
LVSQEPKALVSEWKEPQAKNISVASCNSSQVVVAVGRALYYLQIHPQELRQISHTEMEHEVACLDITPLGDSNGLSPLCA
IGLWTDISARILKLPSFELLHKEMLGGEIIPRSILMTTFESSHYLLCALGDGALFYFGLNIETGLLSDRKKVTLGTQPTV
LRTFRSLSTTNVFACSDRPTVIYSSNHKLVFSNVNLKEVNYMCPLNSDGYPDSLALANNSTLTIGTIDEIQKLHIRTVPL
YESPRKICYQEVSQCFGVLSSRIEVQDTSGGTTALRPSASTQALSSSVSSSKLFSSSTAPHETSFGEEVEVHNLLIIDQH
TFEVLHAHQFLQNEYALSLVSCKLGKDPNTYFIVGTAMVYPEEAEPKQGRIVVFQYSDGKLQTVAEKEVKGAVYSMVEFN
GKLLASINSTVRLYEWTTEKDVRTECNHYNNIMALYLKTKGDFILVGDLMRSVLLLAYKPMEGNFEEIARDFNPNWMSAV
EILDDDNFLGAENAFNLFVCQKDSAATTDEERQHLQEVGLFHLGEFVNVFCHGSLVMQNLGETSTPTQGSVLFGTVNGMI
GLVTSLSESWYNLLLDMQNRLNKVIKSVGKIEHSFWRSFHTERKTEPATGFIDGDLIESFLDISRPKMQEVVANLQYDDG
SGMKREATADDLIKVVEELTRIH
;
A,B
2 'polypeptide(L)' QALPALRERELGS C,D
#
# COMPACT_ATOMS: atom_id res chain seq x y z
N MET A 4 1.08 8.60 -11.41
CA MET A 4 1.45 7.33 -10.70
C MET A 4 1.87 6.22 -11.68
N SER A 5 3.18 5.97 -11.74
CA SER A 5 3.77 4.98 -12.66
C SER A 5 4.67 3.97 -11.94
N TYR A 6 4.10 2.81 -11.62
CA TYR A 6 4.78 1.80 -10.83
C TYR A 6 5.57 0.82 -11.69
N ASN A 7 6.90 0.87 -11.58
CA ASN A 7 7.78 0.07 -12.43
C ASN A 7 8.84 -0.77 -11.73
N TYR A 8 9.18 -1.88 -12.39
CA TYR A 8 10.04 -2.89 -11.82
C TYR A 8 11.06 -3.29 -12.87
N VAL A 9 12.33 -2.97 -12.60
CA VAL A 9 13.45 -3.38 -13.48
C VAL A 9 14.26 -4.56 -12.92
N VAL A 10 14.70 -5.42 -13.83
CA VAL A 10 15.49 -6.58 -13.44
C VAL A 10 16.66 -6.83 -14.38
N THR A 11 17.79 -7.22 -13.80
CA THR A 11 18.93 -7.64 -14.58
C THR A 11 18.72 -9.09 -14.99
N ALA A 12 18.29 -9.29 -16.24
CA ALA A 12 18.15 -10.63 -16.84
C ALA A 12 19.50 -11.27 -17.25
N GLN A 13 20.55 -10.46 -17.27
CA GLN A 13 21.88 -10.88 -17.69
C GLN A 13 22.85 -9.78 -17.32
N LYS A 14 23.85 -10.15 -16.52
CA LYS A 14 24.84 -9.21 -15.98
C LYS A 14 25.71 -8.62 -17.09
N PRO A 15 26.20 -7.37 -16.93
CA PRO A 15 27.10 -6.75 -17.90
C PRO A 15 28.34 -7.60 -18.13
N THR A 16 28.65 -7.88 -19.39
CA THR A 16 29.77 -8.76 -19.71
C THR A 16 31.04 -8.02 -20.14
N ALA A 17 30.95 -6.71 -20.33
CA ALA A 17 32.11 -5.93 -20.75
C ALA A 17 33.04 -5.74 -19.57
N VAL A 18 34.30 -6.11 -19.78
CA VAL A 18 35.35 -5.87 -18.79
C VAL A 18 35.72 -4.42 -18.94
N ASN A 19 35.64 -3.69 -17.83
CA ASN A 19 35.88 -2.26 -17.83
C ASN A 19 37.21 -1.95 -17.18
N GLY A 20 37.77 -2.95 -16.49
CA GLY A 20 39.04 -2.83 -15.80
C GLY A 20 39.43 -4.13 -15.11
N CYS A 21 40.73 -4.36 -15.00
CA CYS A 21 41.26 -5.56 -14.36
C CYS A 21 42.67 -5.32 -13.82
N VAL A 22 43.04 -6.10 -12.82
CA VAL A 22 44.33 -5.95 -12.14
C VAL A 22 44.82 -7.27 -11.55
N THR A 23 46.13 -7.36 -11.31
CA THR A 23 46.74 -8.53 -10.68
C THR A 23 47.39 -8.17 -9.34
N GLY A 24 47.62 -9.20 -8.51
CA GLY A 24 48.19 -9.02 -7.18
C GLY A 24 47.77 -10.10 -6.19
N HIS A 25 48.15 -9.92 -4.93
CA HIS A 25 47.90 -10.91 -3.88
C HIS A 25 46.87 -10.35 -2.91
N PHE A 26 45.60 -10.55 -3.25
CA PHE A 26 44.49 -9.95 -2.54
C PHE A 26 43.81 -11.01 -1.68
N THR A 27 43.83 -12.24 -2.17
CA THR A 27 43.33 -13.40 -1.44
C THR A 27 44.36 -13.85 -0.39
N SER A 28 45.58 -14.18 -0.85
CA SER A 28 46.67 -14.62 0.03
C SER A 28 48.04 -14.08 -0.40
N ALA A 29 48.86 -13.69 0.58
CA ALA A 29 50.17 -13.07 0.32
C ALA A 29 51.00 -13.93 -0.61
N GLU A 30 50.68 -15.22 -0.62
CA GLU A 30 51.25 -16.23 -1.51
C GLU A 30 50.15 -16.83 -2.36
N ASP A 31 49.52 -15.97 -3.14
CA ASP A 31 48.46 -16.30 -4.10
C ASP A 31 48.56 -15.27 -5.23
N LEU A 32 48.22 -15.67 -6.45
CA LEU A 32 48.09 -14.69 -7.52
C LEU A 32 46.61 -14.50 -7.86
N ASN A 33 46.18 -13.24 -7.90
CA ASN A 33 44.78 -12.91 -8.12
C ASN A 33 44.56 -12.14 -9.39
N LEU A 34 43.48 -12.47 -10.06
CA LEU A 34 43.00 -11.67 -11.14
C LEU A 34 41.77 -10.97 -10.61
N LEU A 35 41.82 -9.63 -10.63
CA LEU A 35 40.70 -8.82 -10.18
C LEU A 35 40.06 -8.10 -11.33
N ILE A 36 39.01 -8.70 -11.88
CA ILE A 36 38.32 -8.16 -13.05
C ILE A 36 37.06 -7.41 -12.64
N ALA A 37 37.05 -6.10 -12.85
CA ALA A 37 35.85 -5.31 -12.63
C ALA A 37 35.00 -5.33 -13.90
N LYS A 38 33.71 -5.66 -13.79
CA LYS A 38 32.78 -5.35 -14.88
C LYS A 38 32.27 -3.91 -14.73
N ASN A 39 30.98 -3.68 -14.90
CA ASN A 39 30.52 -2.33 -14.66
C ASN A 39 30.43 -2.14 -13.16
N THR A 40 29.56 -2.96 -12.58
CA THR A 40 29.14 -2.90 -11.18
C THR A 40 29.56 -4.17 -10.49
N ARG A 41 29.71 -5.24 -11.27
CA ARG A 41 30.23 -6.51 -10.75
C ARG A 41 31.74 -6.45 -10.49
N LEU A 42 32.25 -7.40 -9.72
CA LEU A 42 33.65 -7.47 -9.47
C LEU A 42 34.06 -8.93 -9.33
N GLU A 43 34.57 -9.53 -10.41
CA GLU A 43 35.01 -10.91 -10.38
C GLU A 43 36.33 -11.05 -9.65
N ILE A 44 36.41 -12.07 -8.79
CA ILE A 44 37.64 -12.36 -8.07
C ILE A 44 38.14 -13.77 -8.41
N TYR A 45 39.34 -13.84 -8.98
CA TYR A 45 39.94 -15.10 -9.41
C TYR A 45 41.28 -15.37 -8.74
N VAL A 46 41.68 -16.64 -8.74
CA VAL A 46 43.03 -17.07 -8.40
C VAL A 46 43.58 -17.87 -9.58
N VAL A 47 44.84 -17.61 -9.94
CA VAL A 47 45.47 -18.19 -11.12
C VAL A 47 45.98 -19.62 -10.87
N THR A 48 45.83 -20.47 -11.88
CA THR A 48 46.18 -21.88 -11.80
C THR A 48 47.00 -22.34 -13.01
N ALA A 49 47.44 -23.59 -12.97
CA ALA A 49 48.08 -24.25 -14.11
C ALA A 49 47.14 -24.21 -15.32
N GLU A 50 45.85 -24.40 -15.08
CA GLU A 50 44.85 -24.30 -16.14
C GLU A 50 44.67 -22.84 -16.58
N GLY A 51 44.47 -21.97 -15.58
CA GLY A 51 44.13 -20.58 -15.82
C GLY A 51 43.53 -19.95 -14.57
N LEU A 52 42.21 -19.79 -14.55
CA LEU A 52 41.55 -19.03 -13.50
C LEU A 52 40.60 -19.86 -12.64
N ARG A 53 40.89 -19.96 -11.35
CA ARG A 53 39.94 -20.52 -10.38
C ARG A 53 39.08 -19.40 -9.81
N PRO A 54 37.77 -19.39 -10.14
CA PRO A 54 36.87 -18.39 -9.56
C PRO A 54 36.83 -18.56 -8.05
N VAL A 55 36.60 -17.44 -7.37
CA VAL A 55 36.79 -17.37 -5.92
C VAL A 55 35.62 -16.66 -5.25
N LYS A 56 35.25 -15.48 -5.79
CA LYS A 56 34.20 -14.64 -5.23
C LYS A 56 33.75 -13.62 -6.25
N GLU A 57 32.44 -13.54 -6.47
CA GLU A 57 31.88 -12.55 -7.39
C GLU A 57 30.88 -11.73 -6.63
N VAL A 58 31.09 -10.42 -6.60
CA VAL A 58 30.20 -9.49 -5.91
C VAL A 58 29.81 -8.30 -6.78
N GLY A 59 28.62 -7.74 -6.53
CA GLY A 59 28.20 -6.50 -7.17
C GLY A 59 28.62 -5.33 -6.31
N MET A 60 28.33 -4.12 -6.78
CA MET A 60 28.51 -2.89 -6.00
C MET A 60 27.40 -1.92 -6.35
N TYR A 61 27.31 -0.85 -5.58
CA TYR A 61 26.34 0.20 -5.85
C TYR A 61 27.01 1.37 -6.54
N GLY A 62 27.36 1.14 -7.81
CA GLY A 62 28.10 2.13 -8.56
C GLY A 62 28.87 1.49 -9.70
N LYS A 63 29.25 2.34 -10.64
CA LYS A 63 30.12 1.95 -11.70
C LYS A 63 31.50 2.14 -11.12
N ILE A 64 32.30 1.08 -11.13
CA ILE A 64 33.72 1.19 -10.83
C ILE A 64 34.41 2.00 -11.92
N ALA A 65 35.31 2.88 -11.51
CA ALA A 65 36.01 3.77 -12.43
C ALA A 65 37.49 3.78 -12.08
N VAL A 66 37.77 3.55 -10.80
CA VAL A 66 39.12 3.34 -10.35
C VAL A 66 39.11 2.02 -9.59
N MET A 67 40.13 1.20 -9.84
CA MET A 67 40.33 -0.04 -9.10
C MET A 67 41.83 -0.32 -9.00
N GLU A 68 42.40 -0.16 -7.81
CA GLU A 68 43.82 -0.38 -7.63
C GLU A 68 44.07 -1.29 -6.45
N LEU A 69 45.09 -2.15 -6.57
CA LEU A 69 45.60 -2.90 -5.43
C LEU A 69 46.83 -2.18 -4.87
N PHE A 70 46.97 -2.22 -3.55
CA PHE A 70 48.07 -1.58 -2.84
C PHE A 70 48.29 -2.27 -1.51
N ARG A 71 49.52 -2.19 -1.02
CA ARG A 71 49.89 -2.83 0.23
C ARG A 71 50.88 -1.95 0.97
N PRO A 72 50.43 -1.30 2.04
CA PRO A 72 51.34 -0.41 2.73
C PRO A 72 52.29 -1.19 3.63
N LYS A 73 53.20 -0.47 4.27
CA LYS A 73 53.99 -1.01 5.35
C LYS A 73 53.04 -1.46 6.46
N GLY A 74 53.45 -2.46 7.24
CA GLY A 74 52.65 -2.97 8.37
C GLY A 74 51.35 -3.67 8.01
N GLU A 75 51.21 -4.04 6.74
CA GLU A 75 50.08 -4.83 6.24
C GLU A 75 50.53 -6.20 5.71
N SER A 76 49.70 -7.22 5.92
CA SER A 76 50.03 -8.58 5.49
C SER A 76 49.90 -8.77 3.96
N LYS A 77 48.67 -8.77 3.46
CA LYS A 77 48.39 -8.94 2.02
C LYS A 77 47.87 -7.63 1.44
N ASP A 78 47.74 -7.57 0.11
CA ASP A 78 47.26 -6.38 -0.58
C ASP A 78 45.79 -6.08 -0.26
N LEU A 79 45.46 -4.80 -0.19
CA LEU A 79 44.08 -4.34 0.01
C LEU A 79 43.58 -3.73 -1.30
N LEU A 80 42.26 -3.61 -1.45
CA LEU A 80 41.72 -3.06 -2.69
C LEU A 80 41.15 -1.66 -2.49
N PHE A 81 41.37 -0.79 -3.47
CA PHE A 81 40.82 0.55 -3.44
C PHE A 81 39.89 0.77 -4.63
N ILE A 82 38.63 1.09 -4.36
CA ILE A 82 37.62 1.28 -5.40
C ILE A 82 37.01 2.67 -5.35
N LEU A 83 36.77 3.26 -6.53
CA LEU A 83 36.09 4.55 -6.62
C LEU A 83 34.92 4.57 -7.63
N THR A 84 33.71 4.59 -7.10
CA THR A 84 32.50 4.71 -7.89
C THR A 84 32.45 5.99 -8.73
N ALA A 85 31.86 5.89 -9.93
CA ALA A 85 31.62 7.03 -10.82
C ALA A 85 30.80 8.17 -10.19
N LYS A 86 30.05 7.85 -9.14
CA LYS A 86 29.36 8.86 -8.33
C LYS A 86 30.24 9.34 -7.18
N TYR A 87 31.55 9.21 -7.41
CA TYR A 87 32.59 9.68 -6.50
C TYR A 87 32.51 9.01 -5.13
N ASN A 88 32.42 7.67 -5.15
CA ASN A 88 32.48 6.81 -3.94
C ASN A 88 33.84 6.15 -3.70
N ALA A 89 34.64 6.72 -2.82
CA ALA A 89 35.89 6.06 -2.46
C ALA A 89 35.61 4.97 -1.44
N CYS A 90 36.48 3.96 -1.38
CA CYS A 90 36.42 2.92 -0.35
C CYS A 90 37.59 1.97 -0.46
N ILE A 91 38.04 1.46 0.68
CA ILE A 91 39.16 0.51 0.75
C ILE A 91 38.66 -0.87 1.16
N LEU A 92 38.95 -1.87 0.34
CA LEU A 92 38.45 -3.21 0.58
C LEU A 92 39.55 -4.16 1.04
N GLU A 93 39.13 -5.30 1.61
CA GLU A 93 40.01 -6.37 2.11
C GLU A 93 39.30 -7.73 2.09
N TYR A 94 40.04 -8.77 1.70
CA TYR A 94 39.50 -10.12 1.62
C TYR A 94 39.79 -10.90 2.89
N LYS A 95 38.75 -11.51 3.44
CA LYS A 95 38.80 -12.05 4.79
C LYS A 95 38.02 -13.33 4.84
N GLN A 96 38.74 -14.43 5.06
CA GLN A 96 38.11 -15.74 5.15
C GLN A 96 38.09 -16.22 6.60
N SER A 97 36.93 -16.77 7.01
CA SER A 97 36.79 -17.37 8.32
C SER A 97 36.92 -18.89 8.22
N GLY A 98 37.67 -19.34 7.23
CA GLY A 98 37.90 -20.76 6.98
C GLY A 98 37.19 -21.26 5.74
N GLU A 99 35.86 -21.17 5.74
CA GLU A 99 35.03 -21.65 4.64
C GLU A 99 34.01 -20.60 4.21
N SER A 100 33.77 -19.61 5.08
CA SER A 100 32.87 -18.50 4.78
C SER A 100 33.69 -17.29 4.37
N ILE A 101 33.54 -16.88 3.12
CA ILE A 101 34.37 -15.83 2.52
C ILE A 101 33.71 -14.44 2.56
N ASP A 102 34.49 -13.43 2.93
CA ASP A 102 33.98 -12.07 3.15
C ASP A 102 34.90 -10.97 2.62
N ILE A 103 34.29 -9.98 1.97
CA ILE A 103 34.99 -8.78 1.51
C ILE A 103 34.57 -7.62 2.40
N ILE A 104 35.55 -7.00 3.04
CA ILE A 104 35.30 -6.05 4.13
C ILE A 104 35.51 -4.59 3.66
N THR A 105 35.07 -3.63 4.48
CA THR A 105 35.24 -2.21 4.17
C THR A 105 36.14 -1.54 5.22
N ARG A 106 37.42 -1.39 4.88
CA ARG A 106 38.43 -0.88 5.81
C ARG A 106 38.38 0.64 5.95
N ALA A 107 37.93 1.31 4.89
CA ALA A 107 37.73 2.75 4.89
C ALA A 107 36.63 3.08 3.88
N HIS A 108 36.19 4.33 3.85
CA HIS A 108 35.23 4.80 2.83
C HIS A 108 34.78 6.22 3.08
N GLY A 109 34.40 6.90 2.01
CA GLY A 109 33.83 8.25 2.10
C GLY A 109 33.36 8.65 0.73
N ASN A 110 32.80 9.86 0.61
CA ASN A 110 32.44 10.38 -0.69
C ASN A 110 33.30 11.56 -1.09
N VAL A 111 34.05 11.39 -2.18
CA VAL A 111 35.16 12.29 -2.51
C VAL A 111 34.91 13.35 -3.59
N GLN A 112 33.66 13.79 -3.72
CA GLN A 112 33.34 14.80 -4.71
C GLN A 112 33.27 16.18 -4.10
N ASP A 113 33.33 17.21 -4.93
CA ASP A 113 33.17 18.59 -4.48
C ASP A 113 32.10 19.28 -5.29
N ARG A 114 31.44 20.27 -4.68
CA ARG A 114 30.39 21.04 -5.35
C ARG A 114 30.91 21.79 -6.57
N ILE A 115 32.13 22.34 -6.41
CA ILE A 115 32.86 23.04 -7.45
C ILE A 115 33.62 22.05 -8.34
N GLY A 116 33.74 22.36 -9.62
CA GLY A 116 34.65 21.62 -10.49
C GLY A 116 34.04 20.88 -11.66
N ARG A 117 34.37 21.36 -12.85
CA ARG A 117 34.02 20.70 -14.10
C ARG A 117 34.74 19.33 -14.11
N PRO A 118 34.00 18.23 -14.37
CA PRO A 118 34.70 16.97 -14.63
C PRO A 118 35.41 17.08 -15.97
N SER A 119 36.60 16.49 -16.08
CA SER A 119 37.48 16.81 -17.21
C SER A 119 37.45 15.79 -18.35
N GLU A 120 38.26 16.08 -19.37
CA GLU A 120 38.58 15.15 -20.45
C GLU A 120 39.24 13.89 -19.87
N THR A 121 38.98 12.74 -20.50
CA THR A 121 39.46 11.43 -20.04
C THR A 121 38.81 11.01 -18.72
N GLY A 122 38.09 11.93 -18.09
CA GLY A 122 37.39 11.66 -16.85
C GLY A 122 38.32 11.41 -15.67
N ILE A 123 37.88 10.51 -14.79
CA ILE A 123 38.56 10.22 -13.54
C ILE A 123 39.92 9.55 -13.75
N ILE A 124 40.93 10.06 -13.06
CA ILE A 124 42.21 9.37 -12.91
C ILE A 124 42.50 9.21 -11.41
N GLY A 125 42.59 7.97 -10.95
CA GLY A 125 43.00 7.68 -9.58
C GLY A 125 44.36 7.03 -9.55
N ILE A 126 45.21 7.43 -8.61
CA ILE A 126 46.55 6.86 -8.52
C ILE A 126 47.10 6.80 -7.08
N ILE A 127 47.80 5.72 -6.79
CA ILE A 127 48.44 5.53 -5.50
C ILE A 127 49.96 5.68 -5.64
N ASP A 128 50.56 6.42 -4.71
CA ASP A 128 52.01 6.61 -4.62
C ASP A 128 52.72 5.29 -4.23
N PRO A 129 53.95 5.07 -4.77
CA PRO A 129 54.71 3.81 -4.53
C PRO A 129 54.95 3.46 -3.06
N GLU A 130 55.09 4.47 -2.21
CA GLU A 130 55.32 4.27 -0.79
C GLU A 130 54.02 4.08 0.01
N CYS A 131 52.87 4.19 -0.68
CA CYS A 131 51.53 4.11 -0.05
C CYS A 131 51.28 5.27 0.91
N ARG A 132 51.96 6.39 0.68
CA ARG A 132 51.85 7.56 1.55
C ARG A 132 50.54 8.32 1.36
N MET A 133 49.91 8.12 0.20
CA MET A 133 48.68 8.82 -0.14
C MET A 133 47.94 8.14 -1.30
N ILE A 134 46.82 8.75 -1.69
CA ILE A 134 46.10 8.37 -2.89
C ILE A 134 45.78 9.66 -3.63
N GLY A 135 46.25 9.76 -4.86
CA GLY A 135 46.04 10.95 -5.67
C GLY A 135 44.93 10.74 -6.65
N LEU A 136 44.08 11.74 -6.81
CA LEU A 136 42.90 11.64 -7.65
C LEU A 136 42.82 12.89 -8.50
N ARG A 137 42.60 12.70 -9.79
CA ARG A 137 42.22 13.82 -10.62
C ARG A 137 40.78 13.58 -10.99
N LEU A 138 39.88 13.93 -10.06
CA LEU A 138 38.46 13.84 -10.35
C LEU A 138 38.07 15.02 -11.22
N TYR A 139 38.57 16.19 -10.82
CA TYR A 139 38.04 17.44 -11.34
C TYR A 139 39.01 18.24 -12.17
N ASP A 140 38.47 19.11 -13.01
CA ASP A 140 39.31 19.89 -13.89
C ASP A 140 39.89 21.06 -13.13
N GLY A 141 41.20 21.04 -12.94
CA GLY A 141 41.91 22.16 -12.34
C GLY A 141 42.39 21.92 -10.92
N LEU A 142 41.85 20.92 -10.26
CA LEU A 142 42.29 20.57 -8.90
C LEU A 142 42.87 19.18 -8.88
N PHE A 143 43.69 18.92 -7.86
CA PHE A 143 44.20 17.59 -7.63
C PHE A 143 43.79 17.18 -6.20
N LYS A 144 43.12 16.02 -6.08
CA LYS A 144 42.65 15.53 -4.78
C LYS A 144 43.67 14.61 -4.15
N VAL A 145 43.95 14.82 -2.87
CA VAL A 145 44.83 13.94 -2.13
C VAL A 145 44.08 13.26 -0.99
N ILE A 146 44.20 11.94 -0.90
CA ILE A 146 43.70 11.22 0.26
C ILE A 146 44.90 10.73 1.05
N PRO A 147 45.32 11.53 2.06
CA PRO A 147 46.53 11.28 2.85
C PRO A 147 46.40 9.96 3.60
N LEU A 148 47.19 8.97 3.19
CA LEU A 148 47.05 7.62 3.74
C LEU A 148 47.62 7.47 5.13
N ASP A 149 46.72 7.29 6.09
CA ASP A 149 47.07 7.13 7.49
C ASP A 149 46.47 5.85 8.02
N ARG A 150 46.72 5.57 9.29
CA ARG A 150 46.05 4.49 9.97
C ARG A 150 44.64 4.96 10.33
N ASP A 151 44.49 6.27 10.57
CA ASP A 151 43.19 6.89 10.85
C ASP A 151 42.39 6.95 9.55
N ASN A 152 41.86 8.14 9.25
CA ASN A 152 41.26 8.42 7.95
C ASN A 152 40.36 7.29 7.46
N LYS A 153 39.51 6.79 8.35
CA LYS A 153 38.57 5.73 8.02
C LYS A 153 37.42 6.25 7.17
N GLU A 154 37.32 7.57 7.06
CA GLU A 154 36.36 8.24 6.19
C GLU A 154 37.06 9.00 5.07
N LEU A 155 38.32 8.66 4.86
CA LEU A 155 39.11 9.16 3.73
C LEU A 155 39.03 10.66 3.50
N LYS A 156 39.10 11.43 4.58
CA LYS A 156 39.18 12.88 4.48
C LYS A 156 40.24 13.23 3.45
N ALA A 157 39.92 14.16 2.57
CA ALA A 157 40.78 14.50 1.44
C ALA A 157 40.88 16.00 1.23
N PHE A 158 42.11 16.49 1.10
CA PHE A 158 42.32 17.89 0.76
C PHE A 158 42.58 18.05 -0.73
N ASN A 159 42.21 19.20 -1.27
CA ASN A 159 42.49 19.53 -2.66
C ASN A 159 43.65 20.50 -2.75
N ILE A 160 44.39 20.43 -3.85
CA ILE A 160 45.45 21.38 -4.13
C ILE A 160 45.17 22.00 -5.49
N ARG A 161 45.45 23.30 -5.64
CA ARG A 161 45.24 24.00 -6.90
C ARG A 161 46.25 23.53 -7.95
N LEU A 162 45.80 23.42 -9.19
CA LEU A 162 46.67 23.11 -10.31
C LEU A 162 46.69 24.30 -11.28
N GLU A 163 47.89 24.74 -11.65
CA GLU A 163 48.05 25.82 -12.63
C GLU A 163 47.62 25.38 -14.04
N GLU A 164 47.62 24.07 -14.28
CA GLU A 164 47.28 23.53 -15.60
C GLU A 164 45.93 22.83 -15.58
N LEU A 165 45.00 23.35 -16.37
CA LEU A 165 43.61 22.86 -16.41
C LEU A 165 43.31 22.03 -17.67
N HIS A 166 44.10 21.00 -17.90
CA HIS A 166 43.84 20.01 -18.94
C HIS A 166 44.91 18.94 -18.86
N VAL A 167 44.72 17.99 -17.96
CA VAL A 167 45.67 16.88 -17.84
C VAL A 167 45.16 15.66 -18.60
N ILE A 168 46.11 14.89 -19.13
CA ILE A 168 45.80 13.76 -19.98
C ILE A 168 46.10 12.43 -19.26
N ASP A 169 47.26 12.33 -18.61
CA ASP A 169 47.56 11.20 -17.72
C ASP A 169 48.59 11.55 -16.65
N VAL A 170 48.46 10.90 -15.50
CA VAL A 170 49.29 11.20 -14.34
C VAL A 170 49.68 9.91 -13.64
N LYS A 171 50.94 9.81 -13.26
CA LYS A 171 51.39 8.70 -12.43
C LYS A 171 52.22 9.24 -11.27
N PHE A 172 52.54 8.38 -10.32
CA PHE A 172 53.53 8.69 -9.31
C PHE A 172 54.82 8.03 -9.77
N LEU A 173 55.95 8.65 -9.42
CA LEU A 173 57.26 8.22 -9.89
C LEU A 173 58.03 7.52 -8.79
N TYR A 174 58.67 6.42 -9.14
CA TYR A 174 59.52 5.70 -8.21
C TYR A 174 60.80 6.50 -7.99
N GLY A 175 61.39 6.37 -6.80
CA GLY A 175 62.72 6.91 -6.50
C GLY A 175 62.81 8.42 -6.32
N CYS A 176 61.69 9.04 -5.96
CA CYS A 176 61.65 10.48 -5.71
C CYS A 176 61.53 10.75 -4.21
N GLN A 177 62.31 11.70 -3.71
CA GLN A 177 62.36 12.04 -2.29
C GLN A 177 60.96 12.09 -1.68
N ALA A 178 60.19 13.10 -2.11
CA ALA A 178 58.81 13.25 -1.68
C ALA A 178 57.91 12.30 -2.49
N PRO A 179 56.59 12.34 -2.23
CA PRO A 179 55.71 11.80 -3.25
C PRO A 179 55.74 12.74 -4.45
N THR A 180 55.96 12.21 -5.64
CA THR A 180 56.03 13.04 -6.84
C THR A 180 55.13 12.55 -7.99
N ILE A 181 54.34 13.46 -8.54
CA ILE A 181 53.49 13.15 -9.69
C ILE A 181 54.14 13.50 -11.02
N CYS A 182 53.65 12.89 -12.10
CA CYS A 182 54.14 13.15 -13.45
C CYS A 182 53.02 13.10 -14.47
N PHE A 183 52.94 14.15 -15.30
CA PHE A 183 51.76 14.35 -16.14
C PHE A 183 51.98 15.05 -17.49
N VAL A 184 51.05 14.76 -18.40
CA VAL A 184 50.99 15.41 -19.71
C VAL A 184 49.80 16.37 -19.68
N TYR A 185 50.08 17.68 -19.77
CA TYR A 185 48.99 18.66 -19.87
C TYR A 185 48.90 19.30 -21.26
N GLN A 186 47.87 20.14 -21.45
CA GLN A 186 47.66 20.87 -22.69
C GLN A 186 47.51 22.37 -22.47
N ASP A 187 47.88 23.14 -23.49
CA ASP A 187 47.68 24.59 -23.53
C ASP A 187 47.84 25.08 -24.99
N PRO A 188 47.63 26.39 -25.25
CA PRO A 188 47.76 26.91 -26.61
C PRO A 188 49.13 26.72 -27.29
N GLN A 189 50.18 26.43 -26.53
CA GLN A 189 51.49 26.12 -27.12
C GLN A 189 51.56 24.65 -27.54
N GLY A 190 50.73 23.81 -26.93
CA GLY A 190 50.66 22.38 -27.23
C GLY A 190 50.79 21.53 -25.98
N ARG A 191 51.36 20.34 -26.14
CA ARG A 191 51.50 19.38 -25.04
C ARG A 191 52.85 19.43 -24.37
N HIS A 192 52.84 19.33 -23.03
CA HIS A 192 54.06 19.43 -22.22
C HIS A 192 54.09 18.39 -21.09
N VAL A 193 55.28 18.13 -20.57
CA VAL A 193 55.47 17.26 -19.42
C VAL A 193 55.97 18.06 -18.21
N LYS A 194 55.49 17.70 -17.03
CA LYS A 194 55.76 18.46 -15.81
C LYS A 194 55.77 17.52 -14.60
N THR A 195 56.54 17.87 -13.58
CA THR A 195 56.52 17.16 -12.31
C THR A 195 56.34 18.11 -11.13
N TYR A 196 55.56 17.64 -10.16
CA TYR A 196 55.36 18.31 -8.88
C TYR A 196 55.71 17.36 -7.75
N GLU A 197 56.51 17.84 -6.79
CA GLU A 197 56.73 17.13 -5.53
C GLU A 197 55.57 17.44 -4.61
N VAL A 198 54.88 16.42 -4.11
CA VAL A 198 53.68 16.63 -3.30
C VAL A 198 53.93 16.46 -1.79
N SER A 199 54.28 17.59 -1.15
CA SER A 199 54.40 17.65 0.30
C SER A 199 53.02 17.80 0.89
N LEU A 200 52.66 16.90 1.79
CA LEU A 200 51.33 16.89 2.39
C LEU A 200 51.30 17.59 3.75
N ARG A 201 52.49 17.93 4.24
CA ARG A 201 52.63 18.73 5.44
C ARG A 201 52.09 20.14 5.20
N GLU A 202 52.53 20.77 4.12
CA GLU A 202 52.18 22.16 3.83
C GLU A 202 50.98 22.27 2.89
N LYS A 203 50.45 21.11 2.48
CA LYS A 203 49.39 20.97 1.45
C LYS A 203 49.71 21.71 0.14
N GLU A 204 50.98 21.70 -0.24
CA GLU A 204 51.45 22.43 -1.41
C GLU A 204 51.89 21.49 -2.52
N PHE A 205 52.30 22.08 -3.64
CA PHE A 205 52.72 21.33 -4.81
C PHE A 205 54.21 21.43 -5.10
N ASN A 206 54.89 22.35 -4.41
CA ASN A 206 56.33 22.60 -4.61
C ASN A 206 56.74 22.52 -6.08
N LYS A 207 57.86 21.86 -6.36
CA LYS A 207 58.33 21.71 -7.73
C LYS A 207 58.99 20.34 -7.89
N GLY A 208 58.69 19.67 -9.00
CA GLY A 208 59.19 18.32 -9.26
C GLY A 208 60.68 18.23 -9.50
N PRO A 209 61.22 17.00 -9.53
CA PRO A 209 62.64 16.73 -9.65
C PRO A 209 63.26 17.10 -11.01
N TRP A 210 62.46 17.35 -12.04
CA TRP A 210 63.05 17.81 -13.30
C TRP A 210 62.20 18.74 -14.15
N LYS A 211 62.89 19.64 -14.85
CA LYS A 211 62.28 20.72 -15.60
C LYS A 211 61.28 20.26 -16.64
N GLN A 212 60.21 21.04 -16.76
CA GLN A 212 59.16 20.81 -17.75
C GLN A 212 59.79 20.74 -19.13
N GLU A 213 59.63 19.59 -19.77
CA GLU A 213 60.11 19.40 -21.14
C GLU A 213 58.95 19.48 -22.12
N ASN A 214 59.10 18.86 -23.29
CA ASN A 214 58.06 18.90 -24.32
C ASN A 214 57.74 17.51 -24.89
N VAL A 215 56.46 17.15 -24.84
CA VAL A 215 56.00 15.91 -25.47
C VAL A 215 55.15 16.20 -26.71
N GLU A 216 54.80 15.15 -27.45
CA GLU A 216 54.17 15.31 -28.75
C GLU A 216 52.69 15.73 -28.68
N ALA A 217 52.18 16.25 -29.79
CA ALA A 217 50.82 16.79 -29.89
C ALA A 217 49.77 15.69 -29.97
N GLU A 218 50.07 14.56 -29.35
CA GLU A 218 49.17 13.40 -29.32
C GLU A 218 49.49 12.49 -28.14
N ALA A 219 50.33 12.98 -27.22
CA ALA A 219 50.74 12.21 -26.04
C ALA A 219 49.53 11.90 -25.15
N SER A 220 49.42 10.65 -24.72
CA SER A 220 48.19 10.18 -24.07
C SER A 220 48.38 9.12 -22.98
N MET A 221 49.61 8.88 -22.57
CA MET A 221 49.89 7.90 -21.52
C MET A 221 51.20 8.21 -20.82
N VAL A 222 51.17 8.23 -19.49
CA VAL A 222 52.39 8.27 -18.72
C VAL A 222 52.56 6.91 -18.09
N ILE A 223 53.70 6.26 -18.36
CA ILE A 223 54.04 5.04 -17.65
C ILE A 223 55.21 5.30 -16.72
N ALA A 224 54.98 5.11 -15.42
CA ALA A 224 56.04 5.21 -14.42
C ALA A 224 56.84 3.92 -14.42
N VAL A 225 58.11 4.01 -14.01
CA VAL A 225 59.03 2.87 -14.07
C VAL A 225 59.71 2.62 -12.70
N PRO A 226 59.91 1.35 -12.33
CA PRO A 226 60.27 0.98 -10.97
C PRO A 226 61.72 1.25 -10.55
N GLU A 227 62.10 0.65 -9.42
CA GLU A 227 63.31 0.97 -8.65
C GLU A 227 64.68 0.92 -9.34
N PRO A 228 64.93 -0.05 -10.24
CA PRO A 228 66.25 -0.04 -10.88
C PRO A 228 66.44 1.16 -11.82
N PHE A 229 65.36 1.62 -12.42
CA PHE A 229 65.38 2.66 -13.46
C PHE A 229 64.88 4.02 -12.96
N GLY A 230 63.58 4.13 -12.73
CA GLY A 230 62.95 5.41 -12.47
C GLY A 230 62.84 6.19 -13.75
N GLY A 231 61.83 7.05 -13.84
CA GLY A 231 61.59 7.85 -15.04
C GLY A 231 60.18 7.66 -15.55
N ALA A 232 59.85 8.32 -16.65
CA ALA A 232 58.50 8.26 -17.20
C ALA A 232 58.50 7.93 -18.69
N ILE A 233 57.87 6.82 -19.03
CA ILE A 233 57.68 6.48 -20.44
C ILE A 233 56.39 7.12 -20.90
N ILE A 234 56.48 7.94 -21.94
CA ILE A 234 55.33 8.65 -22.49
C ILE A 234 54.97 8.17 -23.89
N ILE A 235 53.70 7.82 -24.08
CA ILE A 235 53.25 7.27 -25.35
C ILE A 235 52.25 8.18 -26.06
N GLY A 236 52.54 8.49 -27.32
CA GLY A 236 51.62 9.24 -28.16
C GLY A 236 51.19 8.42 -29.35
N GLN A 237 51.01 9.08 -30.49
CA GLN A 237 50.87 8.39 -31.76
C GLN A 237 52.26 8.33 -32.36
N GLU A 238 52.50 7.34 -33.22
CA GLU A 238 53.76 7.23 -34.02
C GLU A 238 55.11 7.52 -33.32
N SER A 239 55.12 7.52 -32.00
CA SER A 239 56.32 7.86 -31.22
C SER A 239 56.23 7.38 -29.78
N ILE A 240 57.38 7.02 -29.21
CA ILE A 240 57.50 6.69 -27.79
C ILE A 240 58.71 7.42 -27.18
N THR A 241 58.48 8.12 -26.07
CA THR A 241 59.54 8.85 -25.38
C THR A 241 59.79 8.31 -23.97
N TYR A 242 61.02 8.45 -23.51
CA TYR A 242 61.39 8.10 -22.14
C TYR A 242 61.99 9.36 -21.49
N HIS A 243 61.41 9.78 -20.36
CA HIS A 243 61.85 11.01 -19.70
C HIS A 243 62.50 10.79 -18.35
N ASN A 244 63.54 11.58 -18.09
CA ASN A 244 64.22 11.61 -16.81
C ASN A 244 64.98 12.93 -16.58
N GLY A 245 65.57 13.07 -15.38
CA GLY A 245 66.32 14.26 -14.96
C GLY A 245 66.78 15.16 -16.09
N ASP A 246 67.78 14.68 -16.83
CA ASP A 246 68.18 15.26 -18.11
C ASP A 246 68.39 14.16 -19.15
N LYS A 247 68.09 12.93 -18.76
CA LYS A 247 68.11 11.80 -19.67
C LYS A 247 66.80 11.81 -20.46
N TYR A 248 66.95 11.71 -21.78
CA TYR A 248 65.82 11.67 -22.71
C TYR A 248 66.10 10.59 -23.76
N LEU A 249 65.10 9.75 -24.05
CA LEU A 249 65.23 8.73 -25.10
C LEU A 249 63.96 8.66 -25.93
N ALA A 250 64.11 8.52 -27.24
CA ALA A 250 62.94 8.52 -28.15
C ALA A 250 63.10 7.62 -29.37
N ILE A 251 61.99 7.03 -29.81
CA ILE A 251 61.92 6.23 -31.05
C ILE A 251 60.53 6.25 -31.67
N ALA A 252 60.51 6.37 -33.00
CA ALA A 252 59.28 6.43 -33.77
C ALA A 252 59.21 5.28 -34.79
N PRO A 253 58.84 4.07 -34.33
CA PRO A 253 58.85 2.89 -35.19
C PRO A 253 57.60 2.85 -36.04
N PRO A 254 57.76 2.84 -37.38
CA PRO A 254 56.61 2.89 -38.28
C PRO A 254 55.49 1.91 -37.90
N ILE A 255 55.85 0.79 -37.28
CA ILE A 255 54.87 -0.21 -36.88
C ILE A 255 53.71 0.36 -36.04
N ILE A 256 54.03 1.14 -35.00
CA ILE A 256 53.02 1.65 -34.07
C ILE A 256 52.20 2.82 -34.60
N LYS A 257 52.70 3.45 -35.66
CA LYS A 257 52.02 4.60 -36.28
C LYS A 257 50.59 4.24 -36.64
N GLN A 258 50.42 3.11 -37.34
CA GLN A 258 49.13 2.67 -37.87
C GLN A 258 47.90 2.89 -36.97
N SER A 259 48.02 2.59 -35.67
CA SER A 259 46.91 2.81 -34.73
C SER A 259 47.36 3.17 -33.29
N THR A 260 46.50 3.89 -32.58
CA THR A 260 46.81 4.45 -31.27
C THR A 260 46.97 3.38 -30.20
N ILE A 261 48.12 3.35 -29.54
CA ILE A 261 48.32 2.46 -28.39
C ILE A 261 47.47 2.97 -27.23
N VAL A 262 46.49 2.15 -26.82
CA VAL A 262 45.44 2.53 -25.85
C VAL A 262 45.67 2.08 -24.39
N CYS A 263 46.04 0.82 -24.20
CA CYS A 263 46.27 0.27 -22.86
C CYS A 263 47.64 -0.43 -22.80
N HIS A 264 48.22 -0.45 -21.59
CA HIS A 264 49.57 -0.98 -21.37
C HIS A 264 49.61 -1.91 -20.16
N ASN A 265 50.80 -2.43 -19.83
CA ASN A 265 51.01 -3.23 -18.62
C ASN A 265 52.42 -3.81 -18.50
N ARG A 266 53.03 -3.62 -17.31
CA ARG A 266 54.35 -4.17 -16.98
C ARG A 266 54.33 -5.69 -16.82
N VAL A 267 55.28 -6.36 -17.44
CA VAL A 267 55.36 -7.82 -17.44
C VAL A 267 56.35 -8.33 -16.38
N ASP A 268 57.56 -7.78 -16.41
CA ASP A 268 58.58 -8.12 -15.44
C ASP A 268 58.70 -7.01 -14.41
N PRO A 269 58.68 -7.37 -13.11
CA PRO A 269 58.69 -6.44 -11.97
C PRO A 269 59.73 -5.33 -12.09
N ASN A 270 60.96 -5.72 -12.48
CA ASN A 270 62.06 -4.78 -12.69
C ASN A 270 61.81 -3.82 -13.86
N GLY A 271 60.57 -3.83 -14.36
CA GLY A 271 60.13 -2.92 -15.41
C GLY A 271 60.96 -2.96 -16.68
N SER A 272 61.23 -4.17 -17.18
CA SER A 272 61.97 -4.31 -18.43
C SER A 272 61.02 -4.48 -19.63
N ARG A 273 59.97 -5.28 -19.45
CA ARG A 273 59.06 -5.63 -20.55
C ARG A 273 57.65 -5.16 -20.25
N TYR A 274 57.04 -4.50 -21.22
CA TYR A 274 55.68 -3.99 -21.10
C TYR A 274 54.81 -4.49 -22.24
N LEU A 275 53.50 -4.62 -21.99
CA LEU A 275 52.52 -5.01 -23.01
C LEU A 275 51.70 -3.81 -23.47
N LEU A 276 51.33 -3.77 -24.74
CA LEU A 276 50.59 -2.63 -25.28
C LEU A 276 49.44 -3.00 -26.23
N GLY A 277 48.27 -2.40 -25.98
CA GLY A 277 47.06 -2.61 -26.80
C GLY A 277 46.77 -1.51 -27.82
N ASP A 278 45.98 -1.85 -28.85
CA ASP A 278 45.73 -0.99 -30.01
C ASP A 278 44.22 -0.94 -30.29
N MET A 279 43.75 -0.10 -31.22
CA MET A 279 42.35 -0.21 -31.67
C MET A 279 42.22 -1.41 -32.60
N GLU A 280 43.37 -1.85 -33.12
CA GLU A 280 43.43 -2.94 -34.06
C GLU A 280 43.35 -4.28 -33.36
N GLY A 281 43.70 -4.27 -32.08
CA GLY A 281 43.77 -5.49 -31.28
C GLY A 281 45.18 -6.06 -31.31
N ARG A 282 46.15 -5.23 -31.69
CA ARG A 282 47.53 -5.67 -31.83
C ARG A 282 48.25 -5.61 -30.49
N LEU A 283 48.99 -6.67 -30.19
CA LEU A 283 49.64 -6.82 -28.90
C LEU A 283 51.13 -6.54 -29.03
N PHE A 284 51.56 -5.39 -28.53
CA PHE A 284 52.94 -4.97 -28.65
C PHE A 284 53.77 -5.30 -27.42
N MET A 285 55.08 -5.44 -27.61
CA MET A 285 56.01 -5.71 -26.53
C MET A 285 57.04 -4.60 -26.43
N LEU A 286 56.90 -3.77 -25.40
CA LEU A 286 57.81 -2.65 -25.15
C LEU A 286 59.00 -3.17 -24.36
N LEU A 287 60.18 -3.12 -24.97
CA LEU A 287 61.39 -3.64 -24.35
C LEU A 287 62.43 -2.53 -24.22
N LEU A 288 62.81 -2.22 -22.99
CA LEU A 288 63.89 -1.25 -22.73
C LEU A 288 65.25 -1.93 -22.54
N GLU A 289 66.29 -1.35 -23.14
CA GLU A 289 67.64 -1.94 -23.12
C GLU A 289 68.44 -1.51 -21.89
N LYS A 290 68.95 -2.50 -21.16
CA LYS A 290 69.72 -2.28 -19.94
C LYS A 290 71.16 -1.88 -20.27
N GLU A 291 71.62 -0.79 -19.66
CA GLU A 291 72.99 -0.30 -19.82
C GLU A 291 73.62 -0.04 -18.44
N GLU A 292 74.90 -0.36 -18.29
CA GLU A 292 75.50 -0.36 -16.97
C GLU A 292 76.80 0.43 -16.84
N GLN A 293 76.84 1.33 -15.84
CA GLN A 293 78.07 1.99 -15.41
C GLN A 293 78.66 1.31 -14.18
N MET A 294 77.87 0.40 -13.58
CA MET A 294 78.36 -0.59 -12.60
C MET A 294 78.56 -0.11 -11.15
N ASP A 295 78.57 1.20 -10.92
CA ASP A 295 78.77 1.74 -9.56
C ASP A 295 77.81 2.89 -9.24
N GLY A 296 76.53 2.54 -9.09
CA GLY A 296 75.48 3.48 -8.73
C GLY A 296 74.14 2.81 -8.82
N THR A 297 73.71 2.53 -10.06
CA THR A 297 72.56 1.67 -10.39
C THR A 297 72.71 1.19 -11.85
N VAL A 298 71.62 1.22 -12.62
CA VAL A 298 71.65 0.86 -14.04
C VAL A 298 70.90 1.88 -14.91
N THR A 299 71.50 2.28 -16.02
CA THR A 299 70.92 3.26 -16.94
C THR A 299 70.18 2.58 -18.13
N LEU A 300 70.04 3.29 -19.24
CA LEU A 300 69.38 2.75 -20.44
C LEU A 300 70.12 3.11 -21.73
N LYS A 301 70.19 2.15 -22.64
CA LYS A 301 70.85 2.35 -23.93
C LYS A 301 69.82 2.75 -24.99
N ASP A 302 68.68 2.07 -24.98
CA ASP A 302 67.63 2.24 -25.99
C ASP A 302 66.36 1.49 -25.55
N LEU A 303 65.35 1.42 -26.42
CA LEU A 303 64.10 0.69 -26.15
C LEU A 303 63.33 0.38 -27.44
N ARG A 304 63.18 -0.90 -27.79
CA ARG A 304 62.51 -1.28 -29.05
C ARG A 304 61.16 -2.01 -28.90
N VAL A 305 60.31 -1.91 -29.93
CA VAL A 305 58.93 -2.41 -29.88
C VAL A 305 58.67 -3.53 -30.91
N GLU A 306 58.22 -4.67 -30.41
CA GLU A 306 57.94 -5.84 -31.25
C GLU A 306 56.46 -6.20 -31.27
N LEU A 307 55.95 -6.57 -32.45
CA LEU A 307 54.56 -6.99 -32.59
C LEU A 307 54.46 -8.49 -32.32
N LEU A 308 53.72 -8.85 -31.27
CA LEU A 308 53.59 -10.24 -30.83
C LEU A 308 52.44 -11.01 -31.46
N GLY A 309 51.38 -10.31 -31.85
CA GLY A 309 50.24 -10.96 -32.46
C GLY A 309 48.94 -10.21 -32.38
N GLU A 310 47.88 -10.92 -32.00
CA GLU A 310 46.53 -10.40 -32.11
C GLU A 310 45.65 -10.80 -30.93
N THR A 311 44.89 -9.83 -30.45
CA THR A 311 43.95 -10.01 -29.36
C THR A 311 42.63 -9.37 -29.74
N SER A 312 41.59 -9.66 -28.97
CA SER A 312 40.33 -8.95 -29.04
C SER A 312 40.63 -7.53 -28.61
N ILE A 313 39.95 -6.55 -29.16
CA ILE A 313 40.28 -5.15 -28.89
C ILE A 313 40.42 -4.87 -27.38
N ALA A 314 41.67 -4.84 -26.94
CA ALA A 314 42.01 -4.80 -25.52
C ALA A 314 41.75 -3.44 -24.89
N GLU A 315 40.99 -3.46 -23.80
CA GLU A 315 40.64 -2.27 -23.04
C GLU A 315 41.40 -2.37 -21.75
N CYS A 316 41.55 -3.61 -21.29
CA CYS A 316 42.23 -3.94 -20.05
C CYS A 316 43.25 -5.01 -20.35
N LEU A 317 44.38 -4.96 -19.65
CA LEU A 317 45.48 -5.86 -19.97
C LEU A 317 46.23 -6.27 -18.73
N THR A 318 46.56 -7.56 -18.65
CA THR A 318 47.30 -8.09 -17.51
C THR A 318 48.00 -9.38 -17.82
N TYR A 319 49.31 -9.39 -17.58
CA TYR A 319 50.12 -10.59 -17.56
C TYR A 319 49.90 -11.30 -16.24
N LEU A 320 49.83 -12.63 -16.29
CA LEU A 320 49.62 -13.46 -15.08
C LEU A 320 50.88 -14.26 -14.74
N ASP A 321 50.75 -15.59 -14.68
CA ASP A 321 51.85 -16.45 -14.26
C ASP A 321 52.95 -16.60 -15.34
N ASN A 322 52.75 -17.52 -16.28
CA ASN A 322 53.79 -17.86 -17.26
C ASN A 322 53.30 -17.75 -18.68
N GLY A 323 53.50 -16.57 -19.27
CA GLY A 323 53.05 -16.30 -20.62
C GLY A 323 51.58 -15.92 -20.65
N VAL A 324 50.81 -16.46 -19.71
CA VAL A 324 49.37 -16.22 -19.62
C VAL A 324 49.05 -14.73 -19.50
N VAL A 325 48.30 -14.22 -20.46
CA VAL A 325 47.91 -12.83 -20.48
C VAL A 325 46.40 -12.76 -20.59
N PHE A 326 45.76 -12.08 -19.63
CA PHE A 326 44.31 -11.89 -19.65
C PHE A 326 44.01 -10.62 -20.39
N VAL A 327 43.17 -10.72 -21.41
CA VAL A 327 42.84 -9.58 -22.24
C VAL A 327 41.42 -9.13 -21.97
N GLY A 328 41.29 -7.94 -21.38
CA GLY A 328 39.97 -7.35 -21.11
C GLY A 328 39.40 -6.56 -22.28
N SER A 329 38.37 -7.08 -22.91
CA SER A 329 37.79 -6.45 -24.09
C SER A 329 36.45 -5.81 -23.76
N ARG A 330 36.13 -4.75 -24.50
CA ARG A 330 34.88 -4.03 -24.33
C ARG A 330 34.03 -4.19 -25.58
N LEU A 331 34.69 -4.27 -26.73
CA LEU A 331 34.01 -4.39 -28.00
C LEU A 331 33.94 -5.83 -28.48
N GLY A 332 34.55 -6.74 -27.72
CA GLY A 332 34.60 -8.15 -28.08
C GLY A 332 34.75 -9.03 -26.86
N ASP A 333 34.91 -10.34 -27.10
CA ASP A 333 35.02 -11.32 -26.02
C ASP A 333 36.35 -11.15 -25.34
N SER A 334 36.33 -10.95 -24.04
CA SER A 334 37.57 -11.06 -23.26
C SER A 334 38.14 -12.46 -23.44
N GLN A 335 39.40 -12.66 -23.08
CA GLN A 335 40.10 -13.90 -23.38
C GLN A 335 41.36 -14.08 -22.54
N LEU A 336 41.81 -15.33 -22.50
CA LEU A 336 43.06 -15.70 -21.87
C LEU A 336 44.00 -16.05 -22.98
N VAL A 337 45.20 -15.50 -22.93
CA VAL A 337 46.13 -15.60 -24.05
C VAL A 337 47.56 -15.93 -23.61
N LYS A 338 48.17 -16.87 -24.31
CA LYS A 338 49.52 -17.34 -23.99
C LYS A 338 50.57 -16.69 -24.90
N LEU A 339 51.65 -16.19 -24.29
CA LEU A 339 52.80 -15.66 -25.02
C LEU A 339 53.88 -16.72 -25.13
N ASN A 340 54.02 -17.31 -26.32
CA ASN A 340 55.09 -18.26 -26.59
C ASN A 340 56.38 -17.55 -26.96
N VAL A 341 57.47 -18.30 -27.07
CA VAL A 341 58.72 -17.74 -27.56
C VAL A 341 58.79 -17.85 -29.09
N ASP A 342 58.05 -18.82 -29.63
CA ASP A 342 58.14 -19.15 -31.06
C ASP A 342 56.87 -18.85 -31.86
N SER A 343 57.06 -18.32 -33.06
CA SER A 343 55.97 -18.04 -33.99
C SER A 343 55.42 -19.31 -34.61
N ASN A 344 54.21 -19.23 -35.14
CA ASN A 344 53.61 -20.34 -35.90
C ASN A 344 53.31 -19.92 -37.34
N GLU A 345 52.07 -20.17 -37.82
CA GLU A 345 51.57 -19.67 -39.10
C GLU A 345 51.07 -18.24 -38.97
N GLN A 346 51.91 -17.27 -39.75
CA GLN A 346 51.61 -15.90 -39.98
C GLN A 346 52.41 -15.00 -38.97
N GLY A 347 53.25 -15.81 -38.21
CA GLY A 347 54.21 -15.18 -37.31
C GLY A 347 53.61 -14.71 -36.00
N SER A 348 52.76 -15.53 -35.39
CA SER A 348 52.08 -15.15 -34.16
C SER A 348 52.60 -15.85 -32.89
N TYR A 349 53.26 -15.05 -32.04
CA TYR A 349 53.78 -15.49 -30.76
C TYR A 349 52.64 -15.61 -29.75
N VAL A 350 51.44 -15.29 -30.21
CA VAL A 350 50.23 -15.29 -29.38
C VAL A 350 49.37 -16.52 -29.70
N VAL A 351 48.99 -17.26 -28.66
CA VAL A 351 48.08 -18.39 -28.83
C VAL A 351 46.89 -18.29 -27.88
N ALA A 352 45.69 -18.26 -28.44
CA ALA A 352 44.46 -18.17 -27.66
C ALA A 352 44.33 -19.43 -26.83
N MET A 353 44.04 -19.27 -25.53
CA MET A 353 43.76 -20.39 -24.64
C MET A 353 42.25 -20.50 -24.42
N GLU A 354 41.64 -19.43 -23.92
CA GLU A 354 40.20 -19.40 -23.66
C GLU A 354 39.54 -18.09 -24.08
N THR A 355 38.29 -18.18 -24.53
CA THR A 355 37.50 -17.04 -25.02
C THR A 355 36.16 -16.88 -24.28
N PHE A 356 36.07 -15.88 -23.42
CA PHE A 356 34.91 -15.64 -22.54
C PHE A 356 33.84 -14.77 -23.20
N THR A 357 32.60 -15.25 -23.19
CA THR A 357 31.48 -14.61 -23.89
C THR A 357 31.10 -13.23 -23.37
N ASN A 358 31.46 -12.21 -24.15
CA ASN A 358 30.97 -10.85 -23.95
C ASN A 358 29.91 -10.51 -25.01
N LEU A 359 28.68 -10.23 -24.55
CA LEU A 359 27.59 -9.78 -25.43
C LEU A 359 27.79 -8.30 -25.82
N GLY A 360 28.90 -7.72 -25.36
CA GLY A 360 29.51 -6.49 -25.90
C GLY A 360 28.56 -5.36 -26.19
N PRO A 361 29.04 -4.34 -26.93
CA PRO A 361 28.14 -3.25 -27.30
C PRO A 361 26.91 -3.82 -27.99
N ILE A 362 25.81 -3.91 -27.25
CA ILE A 362 24.53 -4.22 -27.83
C ILE A 362 24.03 -2.93 -28.47
N VAL A 363 24.11 -2.88 -29.79
CA VAL A 363 23.75 -1.71 -30.54
C VAL A 363 22.25 -1.78 -30.79
N ASP A 364 21.79 -3.00 -31.06
CA ASP A 364 20.41 -3.24 -31.48
C ASP A 364 20.08 -4.72 -31.35
N MET A 365 18.81 -5.04 -31.12
CA MET A 365 18.36 -6.42 -31.01
C MET A 365 16.86 -6.51 -31.27
N CYS A 366 16.37 -7.75 -31.41
CA CYS A 366 14.94 -8.01 -31.52
C CYS A 366 14.59 -9.42 -31.00
N VAL A 367 13.32 -9.61 -30.65
CA VAL A 367 12.79 -10.88 -30.14
C VAL A 367 12.18 -11.75 -31.25
N VAL A 368 12.74 -12.93 -31.44
CA VAL A 368 12.36 -13.81 -32.54
C VAL A 368 12.29 -15.25 -32.05
N ASP A 369 11.18 -15.93 -32.32
CA ASP A 369 10.96 -17.31 -31.85
C ASP A 369 11.96 -18.34 -32.39
N LEU A 370 12.03 -18.47 -33.72
CA LEU A 370 12.99 -19.37 -34.37
C LEU A 370 12.82 -20.85 -33.99
N GLU A 371 11.86 -21.13 -33.11
CA GLU A 371 11.52 -22.48 -32.67
C GLU A 371 10.03 -22.78 -32.79
N ARG A 372 9.29 -21.80 -33.33
CA ARG A 372 7.80 -21.86 -33.46
C ARG A 372 7.06 -22.44 -32.23
N GLN A 373 7.58 -22.11 -31.05
CA GLN A 373 6.96 -22.46 -29.78
C GLN A 373 6.19 -21.25 -29.24
N GLY A 374 6.53 -20.83 -28.03
CA GLY A 374 5.98 -19.62 -27.43
C GLY A 374 7.13 -18.76 -26.93
N GLN A 375 8.23 -19.42 -26.57
CA GLN A 375 9.46 -18.74 -26.12
C GLN A 375 10.10 -17.90 -27.22
N GLY A 376 10.85 -16.88 -26.79
CA GLY A 376 11.56 -16.05 -27.74
C GLY A 376 13.06 -16.18 -27.58
N GLN A 377 13.76 -16.29 -28.70
CA GLN A 377 15.19 -16.09 -28.73
C GLN A 377 15.35 -14.60 -28.87
N LEU A 378 16.50 -14.10 -28.43
CA LEU A 378 16.87 -12.72 -28.67
C LEU A 378 18.08 -12.75 -29.60
N VAL A 379 18.11 -11.85 -30.58
CA VAL A 379 19.25 -11.77 -31.50
C VAL A 379 19.88 -10.39 -31.46
N THR A 380 20.97 -10.24 -30.70
CA THR A 380 21.61 -8.93 -30.53
C THR A 380 22.74 -8.70 -31.50
N CYS A 381 22.74 -7.54 -32.16
CA CYS A 381 23.92 -7.07 -32.87
C CYS A 381 24.90 -6.64 -31.81
N SER A 382 26.00 -7.38 -31.69
CA SER A 382 27.00 -7.11 -30.67
C SER A 382 28.32 -6.74 -31.32
N GLY A 383 29.30 -6.45 -30.48
CA GLY A 383 30.65 -6.16 -30.94
C GLY A 383 30.72 -4.93 -31.81
N ALA A 384 31.90 -4.73 -32.40
CA ALA A 384 32.20 -3.59 -33.28
C ALA A 384 33.50 -3.84 -33.96
N PHE A 385 33.63 -3.38 -35.20
CA PHE A 385 34.84 -3.63 -35.99
C PHE A 385 35.04 -5.16 -36.04
N LYS A 386 36.28 -5.64 -36.04
CA LYS A 386 36.52 -7.07 -36.23
C LYS A 386 35.74 -7.98 -35.25
N GLU A 387 35.26 -7.43 -34.15
CA GLU A 387 34.63 -8.24 -33.13
C GLU A 387 33.14 -8.39 -33.35
N GLY A 388 32.61 -7.69 -34.34
CA GLY A 388 31.18 -7.71 -34.63
C GLY A 388 30.60 -9.10 -34.75
N SER A 389 29.34 -9.21 -34.36
CA SER A 389 28.67 -10.49 -34.27
C SER A 389 27.19 -10.30 -34.04
N LEU A 390 26.45 -11.35 -34.33
CA LEU A 390 25.11 -11.51 -33.77
C LEU A 390 25.22 -12.52 -32.64
N ARG A 391 24.40 -12.35 -31.61
CA ARG A 391 24.31 -13.33 -30.53
C ARG A 391 22.86 -13.83 -30.46
N ILE A 392 22.67 -15.15 -30.55
CA ILE A 392 21.33 -15.71 -30.35
C ILE A 392 21.13 -16.30 -28.94
N ILE A 393 20.42 -15.54 -28.12
CA ILE A 393 20.25 -15.84 -26.70
C ILE A 393 18.96 -16.65 -26.43
N ARG A 394 19.14 -17.88 -25.95
CA ARG A 394 18.05 -18.84 -25.77
C ARG A 394 17.97 -19.25 -24.31
N ASN A 395 16.82 -18.99 -23.71
CA ASN A 395 16.60 -19.26 -22.29
C ASN A 395 16.24 -20.73 -22.06
N GLY A 396 16.90 -21.33 -21.07
CA GLY A 396 16.66 -22.72 -20.70
C GLY A 396 17.50 -23.74 -21.44
N ILE A 397 17.65 -24.91 -20.81
CA ILE A 397 18.34 -26.04 -21.40
C ILE A 397 17.32 -26.83 -22.22
N GLY A 398 17.70 -27.26 -23.43
CA GLY A 398 16.75 -27.88 -24.34
C GLY A 398 17.13 -29.30 -24.72
N ILE A 399 16.16 -30.03 -25.29
CA ILE A 399 16.35 -31.44 -25.64
C ILE A 399 16.41 -31.73 -27.14
N HIS A 400 17.33 -32.62 -27.52
CA HIS A 400 17.39 -33.14 -28.87
C HIS A 400 16.65 -34.47 -28.93
N GLU A 401 15.50 -34.49 -29.62
CA GLU A 401 14.71 -35.72 -29.66
C GLU A 401 14.99 -36.58 -30.91
N HIS A 402 14.95 -37.91 -30.74
CA HIS A 402 15.24 -38.86 -31.82
C HIS A 402 14.02 -39.73 -32.20
N ALA A 403 13.46 -40.45 -31.23
CA ALA A 403 12.28 -41.30 -31.45
C ALA A 403 11.17 -40.98 -30.45
N SER A 404 9.92 -41.17 -30.86
CA SER A 404 8.77 -40.79 -30.04
C SER A 404 7.67 -41.87 -30.05
N ILE A 405 7.83 -42.87 -29.17
CA ILE A 405 6.91 -44.01 -29.08
C ILE A 405 5.82 -43.74 -28.06
N ASP A 406 4.57 -44.00 -28.45
CA ASP A 406 3.40 -43.61 -27.65
C ASP A 406 2.97 -44.62 -26.57
N LEU A 407 3.62 -44.54 -25.40
CA LEU A 407 3.30 -45.42 -24.27
C LEU A 407 2.77 -44.63 -23.06
N PRO A 408 1.43 -44.66 -22.83
CA PRO A 408 0.84 -44.00 -21.67
C PRO A 408 0.94 -44.82 -20.37
N GLY A 409 1.50 -44.21 -19.34
CA GLY A 409 1.61 -44.82 -18.02
C GLY A 409 2.92 -45.51 -17.74
N ILE A 410 4.03 -44.87 -18.08
CA ILE A 410 5.34 -45.39 -17.73
C ILE A 410 5.67 -44.93 -16.31
N LYS A 411 6.32 -45.80 -15.52
CA LYS A 411 6.56 -45.55 -14.10
C LYS A 411 8.05 -45.51 -13.68
N GLY A 412 8.95 -45.86 -14.59
CA GLY A 412 10.39 -45.78 -14.34
C GLY A 412 11.21 -46.32 -15.49
N LEU A 413 12.52 -46.11 -15.44
CA LEU A 413 13.45 -46.71 -16.42
C LEU A 413 14.92 -46.64 -15.97
N TRP A 414 15.65 -47.70 -16.28
CA TRP A 414 17.04 -47.89 -15.82
C TRP A 414 17.94 -48.44 -16.94
N PRO A 415 19.23 -48.04 -16.97
CA PRO A 415 20.20 -48.46 -18.01
C PRO A 415 20.47 -49.98 -18.04
N LEU A 416 20.49 -50.57 -19.24
CA LEU A 416 20.61 -52.04 -19.38
C LEU A 416 21.35 -52.52 -20.64
N ARG A 417 21.97 -53.69 -20.55
CA ARG A 417 22.70 -54.31 -21.65
C ARG A 417 22.44 -55.83 -21.70
N SER A 418 22.38 -56.38 -22.90
CA SER A 418 22.20 -57.83 -23.09
C SER A 418 23.49 -58.52 -23.58
N ASP A 419 24.62 -57.90 -23.27
CA ASP A 419 25.95 -58.43 -23.57
C ASP A 419 26.96 -57.73 -22.65
N PRO A 420 27.69 -58.51 -21.81
CA PRO A 420 28.69 -57.96 -20.88
C PRO A 420 29.87 -57.26 -21.58
N ASN A 421 30.04 -57.50 -22.89
CA ASN A 421 31.12 -56.88 -23.66
C ASN A 421 30.88 -55.40 -23.95
N ARG A 422 29.91 -55.11 -24.82
CA ARG A 422 29.62 -53.72 -25.23
C ARG A 422 28.99 -52.90 -24.11
N GLU A 423 29.55 -51.71 -23.89
CA GLU A 423 29.01 -50.74 -22.93
C GLU A 423 27.96 -49.84 -23.61
N THR A 424 27.72 -50.09 -24.90
CA THR A 424 26.62 -49.46 -25.63
C THR A 424 25.31 -50.17 -25.28
N TYR A 425 24.78 -49.84 -24.11
CA TYR A 425 23.57 -50.41 -23.52
C TYR A 425 22.47 -50.73 -24.56
N ASP A 426 22.38 -52.01 -24.94
CA ASP A 426 21.46 -52.43 -26.01
C ASP A 426 20.08 -52.90 -25.54
N THR A 427 19.73 -52.56 -24.29
CA THR A 427 18.43 -52.92 -23.72
C THR A 427 17.96 -51.89 -22.70
N LEU A 428 16.65 -51.83 -22.46
CA LEU A 428 16.06 -50.96 -21.43
C LEU A 428 14.73 -51.51 -20.93
N VAL A 429 14.62 -51.64 -19.60
CA VAL A 429 13.38 -52.11 -18.97
C VAL A 429 12.67 -50.96 -18.26
N LEU A 430 11.38 -50.83 -18.57
CA LEU A 430 10.54 -49.80 -17.95
C LEU A 430 9.51 -50.38 -16.98
N SER A 431 9.12 -49.57 -16.00
CA SER A 431 8.01 -49.89 -15.13
C SER A 431 6.73 -49.39 -15.78
N PHE A 432 5.72 -50.26 -15.87
CA PHE A 432 4.45 -49.94 -16.52
C PHE A 432 3.34 -49.87 -15.45
N VAL A 433 2.10 -49.60 -15.88
CA VAL A 433 0.96 -49.45 -14.97
C VAL A 433 0.62 -50.77 -14.24
N GLY A 434 1.42 -51.12 -13.25
CA GLY A 434 1.25 -52.39 -12.54
C GLY A 434 1.75 -53.60 -13.32
N GLN A 435 2.43 -53.33 -14.44
CA GLN A 435 2.95 -54.37 -15.33
C GLN A 435 4.45 -54.11 -15.58
N THR A 436 5.06 -54.92 -16.44
CA THR A 436 6.43 -54.70 -16.90
C THR A 436 6.58 -55.21 -18.34
N ARG A 437 7.01 -54.33 -19.25
CA ARG A 437 7.31 -54.75 -20.63
C ARG A 437 8.77 -54.52 -21.00
N VAL A 438 9.33 -55.52 -21.69
CA VAL A 438 10.73 -55.50 -22.10
C VAL A 438 10.91 -54.56 -23.30
N LEU A 439 12.03 -53.86 -23.33
CA LEU A 439 12.43 -53.08 -24.49
C LEU A 439 13.89 -53.34 -24.87
N MET A 440 14.07 -54.31 -25.77
CA MET A 440 15.37 -54.64 -26.32
C MET A 440 15.49 -53.98 -27.68
N LEU A 441 16.71 -53.56 -28.03
CA LEU A 441 16.92 -52.82 -29.27
C LEU A 441 17.70 -53.60 -30.32
N ASN A 442 17.07 -53.77 -31.48
CA ASN A 442 17.76 -54.25 -32.69
C ASN A 442 18.66 -53.13 -33.21
N GLY A 443 18.62 -51.99 -32.51
CA GLY A 443 19.38 -50.80 -32.86
C GLY A 443 18.55 -49.56 -32.60
N GLU A 444 17.84 -49.12 -33.65
CA GLU A 444 16.88 -48.03 -33.54
C GLU A 444 15.45 -48.56 -33.65
N GLU A 445 15.31 -49.89 -33.59
CA GLU A 445 13.99 -50.54 -33.63
C GLU A 445 13.46 -50.85 -32.23
N VAL A 446 12.27 -50.36 -31.94
CA VAL A 446 11.59 -50.55 -30.65
C VAL A 446 10.88 -51.91 -30.60
N GLU A 447 11.37 -52.77 -29.71
CA GLU A 447 10.97 -54.18 -29.70
C GLU A 447 10.49 -54.60 -28.31
N GLU A 448 9.22 -54.98 -28.23
CA GLU A 448 8.65 -55.49 -26.98
C GLU A 448 8.37 -57.00 -27.01
N THR A 449 9.23 -57.76 -26.34
CA THR A 449 9.08 -59.21 -26.24
C THR A 449 9.04 -59.63 -24.76
N GLU A 450 9.41 -60.88 -24.49
CA GLU A 450 9.55 -61.39 -23.12
C GLU A 450 11.03 -61.67 -22.83
N LEU A 451 11.41 -61.53 -21.56
CA LEU A 451 12.75 -61.95 -21.14
C LEU A 451 12.69 -62.91 -19.95
N MET A 452 13.40 -64.03 -20.10
CA MET A 452 13.39 -65.14 -19.14
C MET A 452 13.95 -64.71 -17.78
N GLY A 453 13.23 -65.04 -16.72
CA GLY A 453 13.62 -64.68 -15.36
C GLY A 453 13.19 -63.28 -14.95
N PHE A 454 12.34 -62.66 -15.77
CA PHE A 454 11.76 -61.37 -15.49
C PHE A 454 10.23 -61.49 -15.54
N VAL A 455 9.56 -61.10 -14.46
CA VAL A 455 8.09 -61.17 -14.40
C VAL A 455 7.44 -59.98 -15.10
N ASP A 456 6.42 -60.28 -15.92
CA ASP A 456 5.79 -59.27 -16.79
C ASP A 456 4.32 -58.98 -16.47
N ASP A 457 3.85 -59.45 -15.31
CA ASP A 457 2.49 -59.15 -14.84
C ASP A 457 2.49 -58.56 -13.42
N GLN A 458 3.67 -58.38 -12.86
CA GLN A 458 3.88 -57.63 -11.63
C GLN A 458 4.42 -56.24 -11.98
N GLN A 459 4.59 -55.37 -10.99
CA GLN A 459 5.12 -54.03 -11.23
C GLN A 459 6.55 -53.88 -10.71
N THR A 460 7.48 -53.60 -11.63
CA THR A 460 8.92 -53.49 -11.29
C THR A 460 9.22 -52.20 -10.53
N PHE A 461 10.11 -52.29 -9.55
CA PHE A 461 10.52 -51.12 -8.74
C PHE A 461 11.92 -50.62 -9.10
N PHE A 462 12.82 -51.55 -9.37
CA PHE A 462 14.21 -51.25 -9.77
C PHE A 462 14.70 -52.29 -10.77
N CYS A 463 15.70 -51.91 -11.57
CA CYS A 463 16.24 -52.77 -12.62
C CYS A 463 17.59 -52.25 -13.15
N GLY A 464 18.60 -52.27 -12.28
CA GLY A 464 19.92 -51.71 -12.63
C GLY A 464 20.98 -52.71 -13.07
N ASN A 465 22.22 -52.21 -13.19
CA ASN A 465 23.37 -53.02 -13.62
C ASN A 465 24.20 -53.60 -12.46
N VAL A 466 23.74 -54.73 -11.93
CA VAL A 466 24.51 -55.48 -10.95
C VAL A 466 25.59 -56.28 -11.67
N ALA A 467 26.84 -55.90 -11.46
CA ALA A 467 27.97 -56.55 -12.12
C ALA A 467 28.19 -57.97 -11.60
N HIS A 468 29.15 -58.68 -12.21
CA HIS A 468 29.41 -60.11 -11.95
C HIS A 468 28.38 -60.99 -12.68
N GLN A 469 28.10 -60.63 -13.93
CA GLN A 469 27.17 -61.34 -14.82
C GLN A 469 25.77 -61.64 -14.22
N GLN A 470 24.95 -60.59 -14.10
CA GLN A 470 23.60 -60.68 -13.53
C GLN A 470 22.68 -59.49 -13.90
N LEU A 471 21.37 -59.76 -13.96
CA LEU A 471 20.33 -58.74 -14.19
C LEU A 471 19.25 -58.80 -13.11
N ILE A 472 19.02 -57.66 -12.45
CA ILE A 472 18.17 -57.59 -11.25
C ILE A 472 16.77 -57.02 -11.54
N GLN A 473 15.75 -57.57 -10.90
CA GLN A 473 14.37 -57.06 -11.03
C GLN A 473 13.59 -57.09 -9.72
N ILE A 474 13.69 -56.02 -8.94
CA ILE A 474 12.90 -55.89 -7.72
C ILE A 474 11.48 -55.52 -8.10
N THR A 475 10.51 -56.22 -7.52
CA THR A 475 9.09 -55.98 -7.80
C THR A 475 8.22 -56.21 -6.57
N SER A 476 6.97 -55.76 -6.63
CA SER A 476 5.99 -55.89 -5.56
C SER A 476 6.34 -56.98 -4.56
N ALA A 477 6.30 -58.23 -5.03
CA ALA A 477 6.59 -59.39 -4.20
C ALA A 477 8.09 -59.68 -4.12
N SER A 478 8.57 -60.56 -4.99
CA SER A 478 9.96 -61.02 -4.95
C SER A 478 10.92 -60.08 -5.65
N VAL A 479 12.20 -60.21 -5.34
CA VAL A 479 13.26 -59.64 -6.15
C VAL A 479 13.95 -60.80 -6.88
N ARG A 480 13.59 -60.95 -8.16
CA ARG A 480 14.13 -62.02 -9.01
C ARG A 480 15.58 -61.76 -9.41
N LEU A 481 16.17 -62.70 -10.13
CA LEU A 481 17.55 -62.56 -10.60
C LEU A 481 17.79 -63.37 -11.87
N VAL A 482 18.58 -62.80 -12.77
CA VAL A 482 19.00 -63.46 -14.02
C VAL A 482 20.52 -63.30 -14.16
N SER A 483 21.16 -64.17 -14.94
CA SER A 483 22.59 -64.04 -15.21
C SER A 483 22.89 -63.80 -16.69
N GLN A 484 24.16 -63.86 -17.04
CA GLN A 484 24.61 -63.74 -18.43
C GLN A 484 25.12 -65.09 -18.96
N GLU A 485 25.02 -66.12 -18.13
CA GLU A 485 25.40 -67.48 -18.52
C GLU A 485 24.16 -68.35 -18.87
N PRO A 486 23.22 -68.56 -17.91
CA PRO A 486 22.01 -69.32 -18.26
C PRO A 486 20.80 -68.48 -18.74
N LYS A 487 20.47 -67.40 -18.03
CA LYS A 487 19.30 -66.55 -18.32
C LYS A 487 17.98 -67.24 -17.97
N ALA A 488 17.69 -67.32 -16.67
CA ALA A 488 16.43 -67.85 -16.13
C ALA A 488 16.26 -67.41 -14.67
N LEU A 489 15.91 -68.34 -13.78
CA LEU A 489 15.95 -68.07 -12.34
C LEU A 489 17.28 -68.54 -11.76
N VAL A 490 18.25 -67.62 -11.76
CA VAL A 490 19.60 -67.90 -11.26
C VAL A 490 19.58 -67.95 -9.73
N SER A 491 18.91 -66.96 -9.13
CA SER A 491 18.60 -66.95 -7.71
C SER A 491 17.35 -66.10 -7.48
N GLU A 492 16.92 -66.02 -6.22
CA GLU A 492 15.72 -65.26 -5.87
C GLU A 492 15.69 -64.90 -4.38
N TRP A 493 15.08 -63.76 -4.07
CA TRP A 493 14.80 -63.36 -2.68
C TRP A 493 13.30 -63.12 -2.48
N LYS A 494 12.80 -63.55 -1.33
CA LYS A 494 11.40 -63.40 -0.96
C LYS A 494 11.32 -62.94 0.50
N GLU A 495 10.37 -62.06 0.81
CA GLU A 495 10.19 -61.58 2.18
C GLU A 495 9.57 -62.69 3.04
N PRO A 496 10.26 -63.10 4.12
CA PRO A 496 9.88 -64.26 4.93
C PRO A 496 8.55 -64.11 5.69
N GLN A 497 7.51 -63.67 4.98
CA GLN A 497 6.16 -63.47 5.52
C GLN A 497 5.11 -63.38 4.40
N ALA A 498 5.58 -63.10 3.19
CA ALA A 498 4.74 -62.83 2.01
C ALA A 498 4.28 -61.37 1.92
N LYS A 499 4.92 -60.50 2.70
CA LYS A 499 4.66 -59.06 2.66
C LYS A 499 5.32 -58.39 1.46
N ASN A 500 4.65 -57.36 0.93
CA ASN A 500 5.09 -56.65 -0.27
C ASN A 500 6.18 -55.60 0.01
N ILE A 501 7.18 -55.56 -0.86
CA ILE A 501 8.26 -54.56 -0.79
C ILE A 501 7.72 -53.20 -1.25
N SER A 502 8.19 -52.13 -0.61
CA SER A 502 7.78 -50.77 -0.95
C SER A 502 8.91 -49.97 -1.60
N VAL A 503 9.85 -49.48 -0.81
CA VAL A 503 10.94 -48.65 -1.33
C VAL A 503 12.17 -49.49 -1.63
N ALA A 504 12.88 -49.13 -2.70
CA ALA A 504 14.07 -49.87 -3.17
C ALA A 504 15.22 -48.96 -3.59
N SER A 505 16.45 -49.40 -3.35
CA SER A 505 17.67 -48.71 -3.77
C SER A 505 18.76 -49.74 -4.08
N CYS A 506 19.51 -49.53 -5.16
CA CYS A 506 20.51 -50.53 -5.60
C CYS A 506 21.60 -50.02 -6.54
N ASN A 507 22.80 -50.55 -6.35
CA ASN A 507 23.95 -50.29 -7.22
C ASN A 507 24.55 -51.59 -7.82
N SER A 508 25.86 -51.76 -7.76
CA SER A 508 26.52 -52.94 -8.32
C SER A 508 26.34 -54.18 -7.43
N SER A 509 26.83 -54.09 -6.20
CA SER A 509 26.84 -55.23 -5.30
C SER A 509 26.29 -54.85 -3.92
N GLN A 510 25.19 -54.12 -3.92
CA GLN A 510 24.60 -53.58 -2.69
C GLN A 510 23.12 -53.20 -2.89
N VAL A 511 22.26 -53.65 -1.99
CA VAL A 511 20.80 -53.40 -2.05
C VAL A 511 20.19 -53.10 -0.67
N VAL A 512 19.44 -52.01 -0.56
CA VAL A 512 18.63 -51.70 0.63
C VAL A 512 17.16 -51.56 0.21
N VAL A 513 16.28 -52.32 0.86
CA VAL A 513 14.84 -52.27 0.60
C VAL A 513 14.02 -51.83 1.81
N ALA A 514 12.70 -51.82 1.66
CA ALA A 514 11.77 -51.45 2.73
C ALA A 514 10.43 -52.11 2.53
N VAL A 515 9.90 -52.69 3.61
CA VAL A 515 8.61 -53.39 3.59
C VAL A 515 7.58 -52.59 4.40
N GLY A 516 7.78 -51.27 4.44
CA GLY A 516 7.07 -50.41 5.37
C GLY A 516 7.76 -50.55 6.70
N ARG A 517 8.31 -49.56 7.34
CA ARG A 517 9.23 -49.47 8.38
C ARG A 517 10.38 -50.47 8.40
N ALA A 518 10.18 -51.63 7.78
CA ALA A 518 11.16 -52.72 7.82
C ALA A 518 12.30 -52.48 6.84
N LEU A 519 13.50 -52.90 7.23
CA LEU A 519 14.69 -52.74 6.38
C LEU A 519 15.46 -54.04 6.21
N TYR A 520 16.10 -54.18 5.04
CA TYR A 520 16.97 -55.31 4.74
C TYR A 520 18.13 -54.88 3.85
N TYR A 521 19.30 -55.49 4.06
CA TYR A 521 20.50 -55.23 3.24
C TYR A 521 20.91 -56.51 2.51
N LEU A 522 21.02 -56.44 1.19
CA LEU A 522 21.34 -57.60 0.34
C LEU A 522 22.76 -57.55 -0.21
N GLN A 523 23.16 -58.64 -0.87
CA GLN A 523 24.44 -58.73 -1.57
C GLN A 523 24.30 -59.57 -2.83
N ILE A 524 25.06 -59.23 -3.86
CA ILE A 524 25.12 -60.01 -5.09
C ILE A 524 26.55 -60.48 -5.35
N HIS A 525 26.70 -61.77 -5.65
CA HIS A 525 28.00 -62.38 -5.94
C HIS A 525 27.83 -63.26 -7.20
N PRO A 526 28.78 -64.20 -7.46
CA PRO A 526 28.47 -65.15 -8.54
C PRO A 526 27.19 -65.97 -8.28
N GLN A 527 26.13 -65.63 -9.04
CA GLN A 527 24.92 -66.45 -9.20
C GLN A 527 23.85 -66.48 -8.08
N GLU A 528 24.20 -66.06 -6.86
CA GLU A 528 23.28 -66.21 -5.72
C GLU A 528 22.88 -64.91 -5.03
N LEU A 529 21.69 -64.92 -4.42
CA LEU A 529 21.14 -63.77 -3.70
C LEU A 529 21.25 -64.00 -2.19
N ARG A 530 22.14 -63.25 -1.53
CA ARG A 530 22.41 -63.42 -0.10
C ARG A 530 22.03 -62.21 0.76
N GLN A 531 21.15 -62.47 1.74
CA GLN A 531 20.61 -61.47 2.66
C GLN A 531 21.56 -61.20 3.83
N ILE A 532 21.49 -60.00 4.40
CA ILE A 532 22.30 -59.62 5.57
C ILE A 532 21.43 -58.94 6.66
N SER A 533 21.88 -57.81 7.19
CA SER A 533 21.30 -57.19 8.39
C SER A 533 19.83 -56.75 8.23
N HIS A 534 19.20 -56.38 9.35
CA HIS A 534 17.79 -55.92 9.40
C HIS A 534 17.49 -55.06 10.63
N THR A 535 16.83 -53.92 10.40
CA THR A 535 16.33 -53.08 11.50
C THR A 535 15.01 -52.39 11.12
N GLU A 536 14.13 -52.25 12.11
CA GLU A 536 12.85 -51.58 11.97
C GLU A 536 13.08 -50.10 12.22
N MET A 537 12.14 -49.26 11.80
CA MET A 537 12.29 -47.81 11.92
C MET A 537 11.04 -47.10 12.44
N GLU A 538 11.26 -45.92 13.03
CA GLU A 538 10.23 -45.10 13.65
C GLU A 538 8.87 -45.13 12.96
N HIS A 539 8.83 -44.72 11.69
CA HIS A 539 7.58 -44.69 10.91
C HIS A 539 7.76 -45.45 9.59
N GLU A 540 6.91 -45.16 8.61
CA GLU A 540 6.96 -45.86 7.32
C GLU A 540 7.95 -45.22 6.35
N VAL A 541 8.76 -46.06 5.71
CA VAL A 541 9.78 -45.58 4.79
C VAL A 541 9.14 -44.98 3.55
N ALA A 542 9.42 -43.70 3.30
CA ALA A 542 8.95 -43.02 2.11
C ALA A 542 9.94 -43.16 0.95
N CYS A 543 11.23 -43.06 1.26
CA CYS A 543 12.31 -43.23 0.26
C CYS A 543 13.68 -43.57 0.86
N LEU A 544 14.53 -44.17 0.02
CA LEU A 544 15.90 -44.54 0.38
C LEU A 544 16.86 -44.15 -0.75
N ASP A 545 18.16 -44.08 -0.46
CA ASP A 545 19.19 -44.08 -1.51
C ASP A 545 20.56 -44.64 -1.08
N ILE A 546 21.13 -45.48 -1.94
CA ILE A 546 22.48 -46.05 -1.78
C ILE A 546 23.27 -46.00 -3.09
N THR A 547 24.53 -45.56 -3.02
CA THR A 547 25.46 -45.54 -4.18
C THR A 547 26.93 -45.43 -3.72
N PRO A 548 27.81 -46.32 -4.23
CA PRO A 548 29.25 -46.22 -3.95
C PRO A 548 29.87 -44.92 -4.46
N LEU A 549 30.28 -44.05 -3.53
CA LEU A 549 30.74 -42.69 -3.85
C LEU A 549 32.17 -42.64 -4.41
N GLY A 550 32.87 -41.53 -4.20
CA GLY A 550 34.22 -41.33 -4.71
C GLY A 550 35.34 -41.84 -3.80
N ASP A 551 34.99 -42.66 -2.82
CA ASP A 551 35.96 -43.23 -1.87
C ASP A 551 36.01 -44.77 -1.90
N SER A 552 35.14 -45.36 -2.72
CA SER A 552 35.02 -46.83 -2.81
C SER A 552 34.61 -47.33 -4.20
N ASN A 553 34.93 -48.60 -4.47
CA ASN A 553 34.73 -49.19 -5.80
C ASN A 553 33.60 -50.24 -5.82
N GLY A 554 32.37 -49.77 -6.04
CA GLY A 554 31.22 -50.67 -6.11
C GLY A 554 30.48 -50.94 -4.81
N LEU A 555 31.08 -50.55 -3.68
CA LEU A 555 30.47 -50.71 -2.35
C LEU A 555 30.35 -49.35 -1.66
N SER A 556 29.26 -49.15 -0.91
CA SER A 556 28.89 -47.82 -0.36
C SER A 556 29.05 -47.69 1.17
N PRO A 557 29.89 -46.74 1.63
CA PRO A 557 30.15 -46.49 3.06
C PRO A 557 28.91 -46.14 3.90
N LEU A 558 28.54 -44.86 3.98
CA LEU A 558 27.41 -44.42 4.82
C LEU A 558 26.08 -44.27 4.07
N CYS A 559 25.02 -43.90 4.80
CA CYS A 559 23.66 -43.97 4.26
C CYS A 559 22.63 -43.04 4.93
N ALA A 560 21.44 -42.95 4.32
CA ALA A 560 20.40 -42.00 4.74
C ALA A 560 19.06 -42.20 4.01
N ILE A 561 17.96 -41.91 4.73
CA ILE A 561 16.60 -42.05 4.20
C ILE A 561 15.66 -40.93 4.70
N GLY A 562 14.40 -40.99 4.27
CA GLY A 562 13.36 -40.09 4.76
C GLY A 562 12.03 -40.82 4.80
N LEU A 563 11.31 -40.70 5.92
CA LEU A 563 10.07 -41.48 6.15
C LEU A 563 8.75 -40.68 6.29
N TRP A 564 7.67 -41.40 6.61
CA TRP A 564 6.28 -40.96 6.39
C TRP A 564 5.64 -39.97 7.38
N THR A 565 5.60 -40.31 8.67
CA THR A 565 4.72 -39.60 9.60
C THR A 565 5.31 -38.29 10.13
N ASP A 566 6.53 -38.36 10.65
CA ASP A 566 7.20 -37.17 11.19
C ASP A 566 7.59 -36.18 10.10
N ILE A 567 7.74 -36.69 8.88
CA ILE A 567 8.17 -35.91 7.70
C ILE A 567 9.60 -35.42 7.91
N SER A 568 10.55 -36.33 7.69
CA SER A 568 11.93 -36.13 8.10
C SER A 568 12.98 -36.64 7.10
N ALA A 569 14.24 -36.38 7.42
CA ALA A 569 15.37 -36.88 6.65
C ALA A 569 16.41 -37.43 7.61
N ARG A 570 16.69 -38.72 7.50
CA ARG A 570 17.49 -39.43 8.50
C ARG A 570 18.89 -39.74 7.99
N ILE A 571 19.89 -39.38 8.80
CA ILE A 571 21.29 -39.72 8.51
C ILE A 571 21.65 -40.97 9.33
N LEU A 572 22.26 -41.95 8.68
CA LEU A 572 22.54 -43.25 9.31
C LEU A 572 23.83 -43.94 8.84
N LYS A 573 24.14 -45.09 9.42
CA LYS A 573 25.22 -45.96 8.94
C LYS A 573 24.60 -47.12 8.15
N LEU A 574 25.40 -47.86 7.39
CA LEU A 574 24.84 -48.93 6.54
C LEU A 574 24.77 -50.35 7.15
N PRO A 575 25.93 -51.01 7.40
CA PRO A 575 25.83 -52.36 7.96
C PRO A 575 25.24 -52.38 9.38
N SER A 576 25.64 -51.41 10.20
CA SER A 576 25.22 -51.32 11.61
C SER A 576 23.81 -50.74 11.79
N PHE A 577 23.32 -50.04 10.76
CA PHE A 577 21.95 -49.48 10.72
C PHE A 577 21.63 -48.44 11.81
N GLU A 578 22.63 -48.01 12.56
CA GLU A 578 22.46 -47.03 13.64
C GLU A 578 21.98 -45.66 13.13
N LEU A 579 21.48 -44.83 14.05
CA LEU A 579 20.89 -43.54 13.69
C LEU A 579 21.79 -42.37 14.12
N LEU A 580 22.22 -41.56 13.15
CA LEU A 580 23.10 -40.40 13.41
C LEU A 580 22.32 -39.11 13.75
N HIS A 581 22.61 -38.03 13.04
CA HIS A 581 21.93 -36.74 13.23
C HIS A 581 20.95 -36.47 12.07
N LYS A 582 19.69 -36.80 12.30
CA LYS A 582 18.61 -36.51 11.36
C LYS A 582 18.35 -35.02 11.27
N GLU A 583 17.76 -34.58 10.17
CA GLU A 583 17.32 -33.19 10.03
C GLU A 583 15.78 -33.12 10.00
N MET A 584 15.21 -32.63 11.09
CA MET A 584 13.76 -32.50 11.20
C MET A 584 13.26 -31.50 10.16
N LEU A 585 12.21 -31.90 9.42
CA LEU A 585 11.59 -31.07 8.40
C LEU A 585 10.16 -30.69 8.77
N GLY A 586 9.76 -29.50 8.34
CA GLY A 586 8.36 -29.08 8.46
C GLY A 586 7.56 -29.67 7.32
N GLY A 587 6.31 -29.24 7.21
CA GLY A 587 5.45 -29.66 6.10
C GLY A 587 4.43 -30.72 6.49
N GLU A 588 3.60 -31.09 5.51
CA GLU A 588 2.49 -32.02 5.74
C GLU A 588 2.43 -33.16 4.70
N ILE A 589 3.28 -33.08 3.67
CA ILE A 589 3.33 -34.11 2.63
C ILE A 589 4.61 -34.94 2.77
N ILE A 590 4.59 -36.17 2.24
CA ILE A 590 5.75 -37.05 2.28
C ILE A 590 6.96 -36.43 1.60
N PRO A 591 8.18 -36.86 1.98
CA PRO A 591 9.31 -36.67 1.08
C PRO A 591 9.31 -37.77 0.01
N ARG A 592 9.23 -37.38 -1.27
CA ARG A 592 9.06 -38.34 -2.37
C ARG A 592 10.37 -38.96 -2.85
N SER A 593 11.44 -38.15 -2.90
CA SER A 593 12.77 -38.62 -3.35
C SER A 593 13.96 -38.08 -2.55
N ILE A 594 15.00 -38.90 -2.47
CA ILE A 594 16.22 -38.59 -1.74
C ILE A 594 17.41 -39.12 -2.55
N LEU A 595 18.54 -38.40 -2.53
CA LEU A 595 19.70 -38.81 -3.34
C LEU A 595 21.05 -38.43 -2.74
N MET A 596 22.13 -38.97 -3.34
CA MET A 596 23.52 -38.56 -3.08
C MET A 596 24.31 -38.39 -4.39
N THR A 597 25.22 -37.41 -4.43
CA THR A 597 26.03 -37.08 -5.62
C THR A 597 27.51 -36.78 -5.33
N THR A 598 28.32 -36.66 -6.38
CA THR A 598 29.73 -36.24 -6.28
C THR A 598 30.15 -35.61 -7.62
N PHE A 599 30.88 -34.49 -7.56
CA PHE A 599 31.28 -33.75 -8.77
C PHE A 599 32.81 -33.59 -8.91
N GLU A 600 33.37 -32.53 -8.32
CA GLU A 600 34.81 -32.35 -8.25
C GLU A 600 35.28 -32.36 -6.79
N SER A 601 34.70 -31.45 -5.99
CA SER A 601 35.04 -31.32 -4.57
C SER A 601 33.80 -30.99 -3.74
N SER A 602 33.23 -32.02 -3.13
CA SER A 602 32.09 -31.96 -2.19
C SER A 602 31.13 -33.13 -2.40
N HIS A 603 30.41 -33.50 -1.34
CA HIS A 603 29.36 -34.52 -1.40
C HIS A 603 28.01 -33.93 -0.95
N TYR A 604 26.93 -34.27 -1.65
CA TYR A 604 25.64 -33.57 -1.53
C TYR A 604 24.46 -34.51 -1.24
N LEU A 605 23.64 -34.15 -0.24
CA LEU A 605 22.41 -34.89 0.09
C LEU A 605 21.15 -34.07 -0.17
N LEU A 606 20.40 -34.50 -1.18
CA LEU A 606 19.22 -33.77 -1.65
C LEU A 606 17.94 -34.55 -1.36
N CYS A 607 16.93 -33.81 -0.91
CA CYS A 607 15.62 -34.39 -0.64
C CYS A 607 14.53 -33.59 -1.35
N ALA A 608 13.62 -34.30 -2.00
CA ALA A 608 12.49 -33.67 -2.69
C ALA A 608 11.17 -33.96 -2.01
N LEU A 609 10.30 -32.95 -1.96
CA LEU A 609 8.99 -33.09 -1.32
C LEU A 609 7.88 -33.38 -2.30
N GLY A 610 6.68 -33.61 -1.76
CA GLY A 610 5.51 -33.96 -2.56
C GLY A 610 4.83 -32.80 -3.27
N ASP A 611 4.86 -31.61 -2.67
CA ASP A 611 4.24 -30.44 -3.27
C ASP A 611 5.20 -29.68 -4.21
N GLY A 612 6.34 -30.31 -4.51
CA GLY A 612 7.27 -29.79 -5.51
C GLY A 612 8.52 -29.14 -4.98
N ALA A 613 8.48 -28.72 -3.72
CA ALA A 613 9.61 -28.05 -3.08
C ALA A 613 10.82 -28.98 -2.92
N LEU A 614 11.99 -28.37 -2.71
CA LEU A 614 13.22 -29.13 -2.58
C LEU A 614 14.16 -28.48 -1.56
N PHE A 615 14.76 -29.31 -0.71
CA PHE A 615 15.70 -28.84 0.30
C PHE A 615 17.10 -29.38 0.03
N TYR A 616 18.10 -28.54 0.24
CA TYR A 616 19.49 -28.95 0.00
C TYR A 616 20.37 -28.97 1.25
N PHE A 617 21.11 -30.07 1.39
CA PHE A 617 21.99 -30.30 2.54
C PHE A 617 23.30 -30.99 2.13
N GLY A 618 24.31 -30.87 3.00
CA GLY A 618 25.63 -31.45 2.76
C GLY A 618 26.00 -32.55 3.74
N LEU A 619 25.90 -33.78 3.26
CA LEU A 619 26.28 -34.98 4.01
C LEU A 619 27.74 -35.33 3.70
N ASN A 620 28.58 -35.27 4.73
CA ASN A 620 29.99 -35.64 4.59
C ASN A 620 30.15 -37.14 4.45
N ILE A 621 31.08 -37.56 3.60
CA ILE A 621 31.43 -38.98 3.44
C ILE A 621 32.03 -39.57 4.73
N GLU A 622 32.51 -38.69 5.60
CA GLU A 622 33.11 -39.10 6.87
C GLU A 622 32.19 -38.73 8.04
N THR A 623 32.12 -37.44 8.34
CA THR A 623 31.48 -36.95 9.58
C THR A 623 30.02 -37.38 9.72
N GLY A 624 29.23 -37.18 8.66
CA GLY A 624 27.81 -37.46 8.68
C GLY A 624 27.07 -36.41 9.52
N LEU A 625 27.28 -35.15 9.18
CA LEU A 625 26.72 -34.02 9.92
C LEU A 625 25.80 -33.20 9.02
N LEU A 626 25.12 -32.23 9.62
CA LEU A 626 24.26 -31.29 8.88
C LEU A 626 25.02 -30.38 7.91
N SER A 627 24.27 -29.46 7.28
CA SER A 627 24.82 -28.36 6.49
C SER A 627 23.79 -27.23 6.36
N ASP A 628 23.88 -26.46 5.29
CA ASP A 628 23.02 -25.31 5.08
C ASP A 628 21.58 -25.73 4.75
N ARG A 629 20.62 -24.91 5.15
CA ARG A 629 19.21 -25.14 4.83
C ARG A 629 18.61 -24.00 4.03
N LYS A 630 17.84 -24.35 3.01
CA LYS A 630 17.06 -23.41 2.20
C LYS A 630 15.96 -24.15 1.42
N LYS A 631 14.91 -23.42 1.06
CA LYS A 631 13.76 -23.97 0.36
C LYS A 631 13.57 -23.30 -1.00
N VAL A 632 13.43 -24.13 -2.04
CA VAL A 632 13.10 -23.66 -3.39
C VAL A 632 11.77 -24.27 -3.85
N THR A 633 11.16 -23.68 -4.88
CA THR A 633 10.07 -24.36 -5.58
C THR A 633 10.55 -24.88 -6.94
N LEU A 634 10.02 -26.03 -7.33
CA LEU A 634 10.19 -26.51 -8.68
C LEU A 634 8.81 -26.43 -9.32
N GLY A 635 8.23 -27.58 -9.62
CA GLY A 635 6.84 -27.66 -10.05
C GLY A 635 5.94 -27.70 -8.84
N THR A 636 4.67 -28.04 -9.04
CA THR A 636 3.76 -28.23 -7.93
C THR A 636 3.42 -29.71 -7.77
N GLN A 637 4.11 -30.54 -8.56
CA GLN A 637 3.97 -32.00 -8.52
C GLN A 637 5.17 -32.59 -7.76
N PRO A 638 5.10 -33.88 -7.41
CA PRO A 638 6.29 -34.52 -6.82
C PRO A 638 7.49 -34.48 -7.77
N THR A 639 8.70 -34.50 -7.20
CA THR A 639 9.91 -34.42 -7.98
C THR A 639 10.79 -35.66 -7.86
N VAL A 640 11.07 -36.30 -9.00
CA VAL A 640 11.93 -37.48 -9.06
C VAL A 640 13.35 -37.06 -9.38
N LEU A 641 14.29 -37.47 -8.52
CA LEU A 641 15.69 -37.09 -8.64
C LEU A 641 16.51 -38.20 -9.27
N ARG A 642 17.17 -37.89 -10.39
CA ARG A 642 18.07 -38.83 -11.06
C ARG A 642 19.44 -38.21 -11.28
N THR A 643 20.40 -39.04 -11.66
CA THR A 643 21.75 -38.60 -11.96
C THR A 643 22.07 -38.84 -13.44
N PHE A 644 22.84 -37.94 -14.04
CA PHE A 644 23.11 -38.03 -15.47
C PHE A 644 24.57 -37.84 -15.92
N ARG A 645 24.87 -38.36 -17.11
CA ARG A 645 26.14 -38.14 -17.79
C ARG A 645 25.99 -36.99 -18.79
N SER A 646 26.87 -36.00 -18.69
CA SER A 646 26.96 -34.93 -19.68
C SER A 646 28.40 -34.78 -20.22
N LEU A 647 29.18 -33.91 -19.58
CA LEU A 647 30.61 -33.79 -19.88
C LEU A 647 31.40 -34.50 -18.77
N SER A 648 32.55 -33.93 -18.40
CA SER A 648 33.31 -34.39 -17.24
C SER A 648 32.47 -34.24 -15.96
N THR A 649 31.89 -33.07 -15.77
CA THR A 649 30.91 -32.86 -14.69
C THR A 649 29.63 -33.59 -15.05
N THR A 650 29.38 -34.70 -14.35
CA THR A 650 28.17 -35.51 -14.54
C THR A 650 27.19 -35.18 -13.41
N ASN A 651 25.96 -34.81 -13.77
CA ASN A 651 25.08 -34.03 -12.88
C ASN A 651 23.68 -34.61 -12.58
N VAL A 652 22.81 -33.75 -12.04
CA VAL A 652 21.52 -34.18 -11.47
C VAL A 652 20.28 -33.61 -12.19
N PHE A 653 19.45 -34.49 -12.72
CA PHE A 653 18.22 -34.11 -13.43
C PHE A 653 17.03 -34.24 -12.48
N ALA A 654 16.32 -33.15 -12.28
CA ALA A 654 15.11 -33.17 -11.46
C ALA A 654 13.85 -33.25 -12.30
N CYS A 655 13.17 -34.40 -12.26
CA CYS A 655 11.94 -34.61 -13.00
C CYS A 655 10.77 -34.04 -12.20
N SER A 656 9.91 -33.29 -12.88
CA SER A 656 8.77 -32.61 -12.26
C SER A 656 7.80 -32.22 -13.37
N ASP A 657 6.79 -31.41 -13.04
CA ASP A 657 5.97 -30.79 -14.09
C ASP A 657 6.73 -29.61 -14.67
N ARG A 658 7.63 -29.05 -13.86
CA ARG A 658 8.59 -28.05 -14.30
C ARG A 658 9.99 -28.68 -14.16
N PRO A 659 10.52 -29.27 -15.26
CA PRO A 659 11.78 -30.01 -15.26
C PRO A 659 13.00 -29.11 -15.08
N THR A 660 13.85 -29.47 -14.12
CA THR A 660 14.99 -28.66 -13.71
C THR A 660 16.26 -29.51 -13.72
N VAL A 661 17.36 -28.89 -14.11
CA VAL A 661 18.67 -29.55 -14.16
C VAL A 661 19.61 -28.94 -13.13
N ILE A 662 20.49 -29.78 -12.59
CA ILE A 662 21.44 -29.40 -11.54
C ILE A 662 22.89 -29.66 -11.97
N TYR A 663 23.49 -28.69 -12.67
CA TYR A 663 24.88 -28.75 -13.11
C TYR A 663 25.83 -28.27 -12.00
N SER A 664 27.03 -27.80 -12.39
CA SER A 664 27.97 -27.13 -11.47
C SER A 664 28.56 -25.84 -12.05
N SER A 665 28.57 -24.79 -11.22
CA SER A 665 28.96 -23.43 -11.63
C SER A 665 30.44 -23.15 -11.35
N ASN A 666 30.75 -22.88 -10.08
CA ASN A 666 32.13 -22.64 -9.62
C ASN A 666 32.56 -23.63 -8.54
N HIS A 667 31.55 -24.10 -7.80
CA HIS A 667 31.68 -25.11 -6.76
C HIS A 667 30.24 -25.36 -6.34
N LYS A 668 29.40 -24.38 -6.69
CA LYS A 668 27.94 -24.39 -6.51
C LYS A 668 27.23 -25.28 -7.52
N LEU A 669 25.98 -25.66 -7.19
CA LEU A 669 25.17 -26.49 -8.06
C LEU A 669 24.12 -25.66 -8.78
N VAL A 670 24.17 -25.66 -10.12
CA VAL A 670 23.21 -24.92 -10.94
C VAL A 670 21.78 -25.41 -10.65
N PHE A 671 20.78 -24.62 -11.05
CA PHE A 671 19.38 -24.89 -10.72
C PHE A 671 18.42 -24.20 -11.70
N SER A 672 18.35 -24.71 -12.93
CA SER A 672 17.68 -23.99 -14.02
C SER A 672 16.76 -24.85 -14.88
N ASN A 673 15.82 -24.18 -15.55
CA ASN A 673 14.75 -24.82 -16.34
C ASN A 673 15.19 -25.71 -17.50
N VAL A 674 14.28 -26.60 -17.91
CA VAL A 674 14.49 -27.48 -19.05
C VAL A 674 13.29 -27.39 -19.97
N ASN A 675 13.53 -27.00 -21.21
CA ASN A 675 12.48 -26.89 -22.24
C ASN A 675 11.83 -28.22 -22.59
N LEU A 676 10.85 -28.61 -21.78
CA LEU A 676 10.06 -29.81 -22.00
C LEU A 676 8.64 -29.64 -21.50
N LYS A 677 7.72 -30.31 -22.20
CA LYS A 677 6.31 -30.37 -21.84
C LYS A 677 6.16 -30.62 -20.33
N GLU A 678 6.50 -31.83 -19.89
CA GLU A 678 6.43 -32.26 -18.51
C GLU A 678 7.23 -33.56 -18.46
N VAL A 679 8.07 -33.72 -17.44
CA VAL A 679 8.97 -34.90 -17.40
C VAL A 679 8.82 -35.70 -16.11
N ASN A 680 8.43 -36.97 -16.26
CA ASN A 680 8.10 -37.85 -15.12
C ASN A 680 9.26 -38.67 -14.57
N TYR A 681 9.94 -39.42 -15.43
CA TYR A 681 11.08 -40.28 -15.03
C TYR A 681 12.11 -40.32 -16.13
N MET A 682 13.38 -40.38 -15.75
CA MET A 682 14.48 -40.17 -16.70
C MET A 682 15.76 -40.94 -16.32
N CYS A 683 16.55 -41.32 -17.33
CA CYS A 683 17.84 -42.01 -17.12
C CYS A 683 18.86 -41.76 -18.25
N PRO A 684 20.17 -41.90 -17.96
CA PRO A 684 21.21 -41.91 -19.00
C PRO A 684 21.17 -43.16 -19.89
N LEU A 685 21.93 -43.12 -21.00
CA LEU A 685 21.91 -44.19 -22.00
C LEU A 685 23.24 -44.25 -22.78
N ASN A 686 23.29 -45.07 -23.83
CA ASN A 686 24.39 -45.07 -24.85
C ASN A 686 24.26 -46.19 -25.90
N SER A 687 23.04 -46.48 -26.35
CA SER A 687 22.81 -47.59 -27.30
C SER A 687 23.51 -47.38 -28.67
N ASP A 688 23.64 -48.45 -29.46
CA ASP A 688 24.22 -48.34 -30.80
C ASP A 688 23.19 -47.85 -31.83
N GLY A 689 22.08 -47.33 -31.32
CA GLY A 689 21.10 -46.62 -32.10
C GLY A 689 20.87 -45.22 -31.55
N TYR A 690 21.16 -45.02 -30.25
CA TYR A 690 21.03 -43.71 -29.59
C TYR A 690 22.09 -43.49 -28.49
N PRO A 691 23.37 -43.24 -28.88
CA PRO A 691 24.44 -43.02 -27.90
C PRO A 691 24.38 -41.69 -27.13
N ASP A 692 25.01 -41.64 -25.96
CA ASP A 692 25.07 -40.45 -25.08
C ASP A 692 23.69 -39.83 -24.76
N SER A 693 22.63 -40.57 -25.06
CA SER A 693 21.25 -40.10 -24.93
C SER A 693 20.77 -40.03 -23.47
N LEU A 694 19.71 -39.23 -23.25
CA LEU A 694 18.97 -39.24 -22.01
C LEU A 694 17.54 -39.67 -22.31
N ALA A 695 17.05 -40.63 -21.53
CA ALA A 695 15.72 -41.21 -21.74
C ALA A 695 14.68 -40.51 -20.88
N LEU A 696 13.51 -40.26 -21.48
CA LEU A 696 12.46 -39.50 -20.83
C LEU A 696 11.09 -40.10 -21.05
N ALA A 697 10.20 -39.86 -20.08
CA ALA A 697 8.83 -40.35 -20.13
C ALA A 697 7.92 -39.42 -19.34
N ASN A 698 6.65 -39.38 -19.73
CA ASN A 698 5.64 -38.64 -18.99
C ASN A 698 4.30 -39.37 -18.95
N ASN A 699 3.23 -38.62 -19.17
CA ASN A 699 1.88 -39.14 -19.33
C ASN A 699 1.85 -40.28 -20.34
N SER A 700 2.18 -39.93 -21.58
CA SER A 700 2.44 -40.91 -22.64
C SER A 700 3.64 -40.41 -23.42
N THR A 701 4.26 -41.23 -24.16
CA THR A 701 5.34 -40.84 -25.11
C THR A 701 6.78 -40.82 -24.52
N LEU A 702 7.63 -41.62 -25.09
CA LEU A 702 9.03 -41.66 -24.68
C LEU A 702 9.82 -40.64 -25.52
N THR A 703 10.96 -40.19 -24.99
CA THR A 703 11.92 -39.37 -25.75
C THR A 703 13.38 -39.69 -25.40
N ILE A 704 14.26 -39.47 -26.37
CA ILE A 704 15.70 -39.73 -26.22
C ILE A 704 16.52 -38.71 -26.99
N GLY A 705 17.70 -38.36 -26.49
CA GLY A 705 18.63 -37.50 -27.23
C GLY A 705 19.42 -36.49 -26.44
N THR A 706 20.57 -36.09 -26.97
CA THR A 706 21.56 -35.30 -26.22
C THR A 706 21.00 -34.00 -25.63
N ILE A 707 21.60 -33.58 -24.52
CA ILE A 707 21.21 -32.39 -23.79
C ILE A 707 22.11 -31.21 -24.14
N ASP A 708 21.56 -30.00 -24.04
CA ASP A 708 22.29 -28.75 -24.31
C ASP A 708 23.37 -28.43 -23.28
N GLU A 709 23.54 -27.14 -23.01
CA GLU A 709 24.67 -26.65 -22.24
C GLU A 709 24.36 -26.67 -20.75
N ILE A 710 24.70 -25.59 -20.06
CA ILE A 710 24.42 -25.43 -18.64
C ILE A 710 23.64 -24.12 -18.55
N GLN A 711 23.74 -23.42 -17.42
CA GLN A 711 23.26 -22.03 -17.26
C GLN A 711 21.81 -21.76 -17.67
N LYS A 712 21.35 -20.54 -17.40
CA LYS A 712 20.02 -20.13 -17.82
C LYS A 712 20.05 -19.63 -19.26
N LEU A 713 21.03 -18.79 -19.57
CA LEU A 713 21.12 -18.19 -20.90
C LEU A 713 22.08 -18.93 -21.82
N HIS A 714 21.53 -19.56 -22.85
CA HIS A 714 22.33 -20.13 -23.90
C HIS A 714 22.72 -19.04 -24.92
N ILE A 715 23.98 -19.08 -25.37
CA ILE A 715 24.52 -18.07 -26.27
C ILE A 715 25.09 -18.70 -27.54
N ARG A 716 24.59 -18.29 -28.71
CA ARG A 716 25.13 -18.85 -29.97
C ARG A 716 26.42 -18.14 -30.41
N THR A 717 26.29 -16.97 -31.04
CA THR A 717 27.41 -16.25 -31.68
C THR A 717 27.58 -16.61 -33.15
N VAL A 718 27.35 -15.62 -34.02
CA VAL A 718 27.59 -15.73 -35.45
C VAL A 718 28.63 -14.68 -35.81
N PRO A 719 29.92 -15.04 -35.77
CA PRO A 719 31.01 -14.06 -36.02
C PRO A 719 30.94 -13.35 -37.40
N LEU A 720 30.61 -12.06 -37.40
CA LEU A 720 30.49 -11.27 -38.64
C LEU A 720 31.80 -10.63 -39.08
N TYR A 721 32.69 -10.38 -38.13
CA TYR A 721 34.01 -9.78 -38.39
C TYR A 721 33.99 -8.30 -38.78
N GLU A 722 32.79 -7.77 -39.00
CA GLU A 722 32.60 -6.33 -39.11
C GLU A 722 31.73 -5.79 -37.97
N SER A 723 30.80 -4.88 -38.25
CA SER A 723 30.07 -4.24 -37.17
C SER A 723 28.65 -3.93 -37.57
N PRO A 724 27.69 -4.59 -36.94
CA PRO A 724 26.31 -4.49 -37.34
C PRO A 724 25.64 -3.32 -36.63
N ARG A 725 24.86 -2.52 -37.37
CA ARG A 725 24.21 -1.34 -36.76
C ARG A 725 22.77 -1.59 -36.31
N LYS A 726 21.93 -2.15 -37.18
CA LYS A 726 20.56 -2.54 -36.78
C LYS A 726 20.08 -3.89 -37.38
N ILE A 727 19.04 -4.46 -36.76
CA ILE A 727 18.51 -5.78 -37.17
C ILE A 727 16.97 -5.85 -37.30
N CYS A 728 16.50 -6.50 -38.36
CA CYS A 728 15.07 -6.73 -38.62
C CYS A 728 14.74 -8.17 -38.94
N TYR A 729 13.55 -8.61 -38.55
CA TYR A 729 13.10 -9.99 -38.84
C TYR A 729 11.88 -10.14 -39.77
N GLN A 730 12.14 -10.45 -41.04
CA GLN A 730 11.09 -10.82 -41.98
C GLN A 730 10.86 -12.33 -41.91
N GLU A 731 9.73 -12.71 -41.32
CA GLU A 731 9.42 -14.11 -41.05
C GLU A 731 8.77 -14.82 -42.24
N VAL A 732 7.91 -14.09 -42.96
CA VAL A 732 7.39 -14.53 -44.25
C VAL A 732 8.54 -14.92 -45.19
N SER A 733 9.72 -14.31 -44.96
CA SER A 733 10.92 -14.59 -45.74
C SER A 733 11.89 -15.55 -45.06
N GLN A 734 11.77 -15.69 -43.75
CA GLN A 734 12.62 -16.58 -42.94
C GLN A 734 14.09 -16.15 -42.96
N CYS A 735 14.35 -14.90 -42.60
CA CYS A 735 15.69 -14.36 -42.67
C CYS A 735 15.83 -13.02 -41.96
N PHE A 736 17.03 -12.73 -41.49
CA PHE A 736 17.28 -11.47 -40.84
C PHE A 736 17.89 -10.48 -41.83
N GLY A 737 17.49 -9.22 -41.73
CA GLY A 737 18.12 -8.12 -42.45
C GLY A 737 18.95 -7.38 -41.42
N VAL A 738 20.22 -7.13 -41.73
CA VAL A 738 21.14 -6.54 -40.76
C VAL A 738 22.01 -5.54 -41.47
N LEU A 739 22.04 -4.32 -40.96
CA LEU A 739 22.91 -3.30 -41.50
C LEU A 739 24.28 -3.48 -40.88
N SER A 740 25.31 -3.57 -41.74
CA SER A 740 26.68 -3.65 -41.24
C SER A 740 27.54 -2.50 -41.74
N SER A 741 28.80 -2.49 -41.35
CA SER A 741 29.72 -1.40 -41.66
C SER A 741 31.14 -1.87 -41.57
N ARG A 742 31.87 -1.76 -42.67
CA ARG A 742 33.29 -2.08 -42.67
C ARG A 742 34.15 -0.87 -42.96
N ILE A 743 35.30 -0.81 -42.33
CA ILE A 743 36.27 0.24 -42.53
C ILE A 743 37.21 -0.23 -43.59
N GLU A 744 37.53 0.65 -44.54
CA GLU A 744 38.53 0.35 -45.55
C GLU A 744 39.58 1.46 -45.58
N VAL A 745 40.70 1.20 -46.25
CA VAL A 745 41.78 2.18 -46.32
C VAL A 745 42.00 2.71 -47.73
N GLN A 746 42.27 4.01 -47.82
CA GLN A 746 42.70 4.64 -49.06
C GLN A 746 43.88 3.86 -49.65
N ASP A 747 43.83 3.61 -50.95
CA ASP A 747 44.90 2.89 -51.63
C ASP A 747 45.59 3.75 -52.69
N THR A 748 46.71 3.24 -53.21
CA THR A 748 47.62 4.00 -54.07
C THR A 748 47.01 4.49 -55.39
N SER A 749 46.13 3.68 -55.99
CA SER A 749 45.45 4.03 -57.23
C SER A 749 44.50 5.23 -57.04
N GLY A 750 43.59 5.10 -56.07
CA GLY A 750 42.62 6.14 -55.79
C GLY A 750 41.36 5.61 -55.12
N GLY A 751 41.30 4.30 -54.90
CA GLY A 751 40.14 3.66 -54.26
C GLY A 751 40.37 3.15 -52.85
N THR A 752 39.51 2.21 -52.41
CA THR A 752 39.68 1.52 -51.12
C THR A 752 39.58 -0.01 -51.28
N THR A 753 40.09 -0.68 -50.28
CA THR A 753 40.23 -2.07 -50.30
C THR A 753 39.61 -2.48 -49.02
N ALA A 754 40.19 -3.51 -48.43
CA ALA A 754 39.63 -4.08 -47.24
C ALA A 754 40.79 -4.56 -46.41
N LEU A 755 40.59 -4.70 -45.11
CA LEU A 755 41.70 -5.09 -44.24
C LEU A 755 41.68 -6.57 -43.89
N ARG A 756 40.49 -7.18 -44.03
CA ARG A 756 40.24 -8.59 -43.73
C ARG A 756 38.94 -9.07 -44.39
N PRO A 757 38.79 -10.38 -44.55
CA PRO A 757 37.52 -10.95 -44.97
C PRO A 757 36.44 -10.69 -43.94
N SER A 758 35.42 -9.92 -44.32
CA SER A 758 34.32 -9.55 -43.42
C SER A 758 33.09 -10.38 -43.77
N ALA A 759 31.93 -9.93 -43.32
CA ALA A 759 30.67 -10.60 -43.63
C ALA A 759 30.14 -10.25 -45.00
N SER A 760 30.34 -9.00 -45.42
CA SER A 760 29.83 -8.52 -46.71
C SER A 760 30.70 -8.92 -47.91
N THR A 761 31.98 -9.12 -47.64
CA THR A 761 32.93 -9.50 -48.68
C THR A 761 32.76 -10.97 -49.04
N GLN A 762 32.95 -11.86 -48.05
CA GLN A 762 32.80 -13.30 -48.25
C GLN A 762 31.32 -13.74 -48.17
N ALA A 763 30.42 -12.85 -48.56
CA ALA A 763 28.98 -13.11 -48.61
C ALA A 763 28.66 -14.01 -49.79
N LEU A 764 27.67 -14.88 -49.63
CA LEU A 764 27.35 -15.90 -50.66
C LEU A 764 26.89 -15.32 -52.00
N SER A 765 26.31 -14.12 -51.95
CA SER A 765 25.88 -13.40 -53.14
C SER A 765 25.65 -11.93 -52.81
N SER A 766 26.06 -11.04 -53.73
CA SER A 766 26.12 -9.60 -53.44
C SER A 766 25.60 -8.70 -54.56
N SER A 767 25.45 -7.42 -54.23
CA SER A 767 25.02 -6.39 -55.17
C SER A 767 25.36 -5.01 -54.59
N VAL A 768 25.66 -4.06 -55.47
CA VAL A 768 25.94 -2.70 -55.05
C VAL A 768 24.83 -1.75 -55.51
N SER A 769 24.96 -0.48 -55.19
CA SER A 769 23.97 0.52 -55.58
C SER A 769 24.36 1.17 -56.89
N SER A 770 23.34 1.59 -57.64
CA SER A 770 23.51 2.18 -58.96
C SER A 770 22.94 3.60 -59.09
N SER A 771 22.29 4.08 -58.04
CA SER A 771 21.66 5.43 -58.04
C SER A 771 22.61 6.55 -58.47
N LYS A 772 22.05 7.53 -59.18
CA LYS A 772 22.83 8.62 -59.78
C LYS A 772 22.35 10.00 -59.29
N LEU A 773 21.75 10.02 -58.10
CA LEU A 773 21.00 11.18 -57.60
C LEU A 773 21.83 12.35 -57.03
N PHE A 774 23.15 12.16 -56.91
CA PHE A 774 24.00 13.12 -56.21
C PHE A 774 25.17 13.66 -57.07
N SER A 775 25.54 14.93 -56.86
CA SER A 775 26.65 15.59 -57.59
C SER A 775 27.31 16.78 -56.84
N SER A 776 26.79 18.00 -57.09
CA SER A 776 27.35 19.27 -56.55
C SER A 776 28.84 19.49 -56.93
N GLY A 786 46.77 8.00 -45.04
CA GLY A 786 46.05 8.08 -43.77
C GLY A 786 44.61 8.52 -43.91
N GLU A 787 43.82 7.72 -44.65
CA GLU A 787 42.39 8.00 -44.86
C GLU A 787 41.51 6.74 -44.71
N GLU A 788 40.65 6.72 -43.70
CA GLU A 788 39.72 5.61 -43.46
C GLU A 788 38.30 5.98 -43.89
N VAL A 789 37.61 5.06 -44.56
CA VAL A 789 36.20 5.27 -44.90
C VAL A 789 35.35 4.04 -44.64
N GLU A 790 34.26 4.23 -43.87
CA GLU A 790 33.26 3.19 -43.60
C GLU A 790 32.46 2.82 -44.85
N VAL A 791 32.29 1.52 -45.08
CA VAL A 791 31.46 1.02 -46.17
C VAL A 791 30.27 0.31 -45.54
N HIS A 792 29.07 0.59 -46.02
CA HIS A 792 27.87 0.06 -45.39
C HIS A 792 27.16 -0.99 -46.20
N ASN A 793 26.34 -1.78 -45.51
CA ASN A 793 25.69 -2.92 -46.13
C ASN A 793 24.39 -3.32 -45.47
N LEU A 794 23.41 -3.70 -46.28
CA LEU A 794 22.33 -4.56 -45.83
C LEU A 794 22.81 -6.01 -46.03
N LEU A 795 22.48 -6.87 -45.08
CA LEU A 795 22.84 -8.28 -45.17
C LEU A 795 21.58 -9.10 -45.05
N ILE A 796 21.42 -10.10 -45.90
CA ILE A 796 20.32 -11.04 -45.72
C ILE A 796 20.85 -12.33 -45.09
N ILE A 797 20.24 -12.72 -43.96
CA ILE A 797 20.74 -13.84 -43.14
C ILE A 797 19.69 -14.93 -42.90
N ASP A 798 19.97 -16.12 -43.41
CA ASP A 798 19.14 -17.28 -43.17
C ASP A 798 18.95 -17.44 -41.67
N GLN A 799 17.71 -17.71 -41.25
CA GLN A 799 17.45 -17.89 -39.82
C GLN A 799 17.84 -19.29 -39.32
N HIS A 800 17.84 -20.28 -40.21
CA HIS A 800 18.19 -21.66 -39.85
C HIS A 800 19.69 -21.94 -39.87
N THR A 801 20.39 -21.32 -40.81
CA THR A 801 21.83 -21.56 -41.02
C THR A 801 22.71 -20.44 -40.47
N PHE A 802 22.13 -19.24 -40.38
CA PHE A 802 22.86 -17.99 -40.10
C PHE A 802 24.06 -17.73 -41.01
N GLU A 803 23.99 -18.26 -42.23
CA GLU A 803 24.89 -17.91 -43.32
C GLU A 803 24.41 -16.60 -43.92
N VAL A 804 25.32 -15.91 -44.61
CA VAL A 804 24.97 -14.69 -45.32
C VAL A 804 24.39 -15.02 -46.70
N LEU A 805 23.06 -15.11 -46.78
CA LEU A 805 22.36 -15.31 -48.03
C LEU A 805 22.71 -14.24 -49.05
N HIS A 806 22.74 -12.98 -48.63
CA HIS A 806 23.06 -11.86 -49.54
C HIS A 806 23.66 -10.66 -48.79
N ALA A 807 24.48 -9.88 -49.51
CA ALA A 807 25.02 -8.61 -48.98
C ALA A 807 25.00 -7.45 -50.00
N HIS A 808 24.08 -6.51 -49.79
CA HIS A 808 23.98 -5.32 -50.63
C HIS A 808 24.84 -4.17 -50.10
N GLN A 809 25.73 -3.67 -50.94
CA GLN A 809 26.62 -2.56 -50.58
C GLN A 809 26.01 -1.23 -51.02
N PHE A 810 25.98 -0.27 -50.10
CA PHE A 810 25.44 1.04 -50.38
C PHE A 810 26.45 1.91 -51.09
N LEU A 811 26.15 3.19 -51.28
CA LEU A 811 27.00 4.07 -52.08
C LEU A 811 28.28 4.45 -51.35
N GLN A 812 29.15 5.16 -52.04
CA GLN A 812 30.36 5.71 -51.44
C GLN A 812 29.99 6.84 -50.48
N ASN A 813 30.63 6.87 -49.32
CA ASN A 813 30.35 7.86 -48.27
C ASN A 813 28.88 7.91 -47.85
N GLU A 814 28.12 6.88 -48.20
CA GLU A 814 26.73 6.70 -47.74
C GLU A 814 26.65 5.70 -46.58
N TYR A 815 26.14 6.14 -45.44
CA TYR A 815 25.94 5.25 -44.29
C TYR A 815 24.46 4.85 -44.17
N ALA A 816 24.19 3.58 -43.88
CA ALA A 816 22.80 3.10 -43.77
C ALA A 816 22.30 3.11 -42.33
N LEU A 817 21.46 4.09 -42.00
CA LEU A 817 21.12 4.35 -40.60
C LEU A 817 19.99 3.49 -39.97
N SER A 818 18.97 3.16 -40.75
CA SER A 818 17.76 2.55 -40.19
C SER A 818 17.13 1.44 -41.03
N LEU A 819 16.38 0.55 -40.38
CA LEU A 819 15.79 -0.62 -41.05
C LEU A 819 14.37 -0.96 -40.57
N VAL A 820 13.48 -1.26 -41.51
CA VAL A 820 12.12 -1.75 -41.19
C VAL A 820 11.75 -2.90 -42.12
N SER A 821 10.96 -3.85 -41.65
CA SER A 821 10.44 -4.93 -42.50
C SER A 821 8.93 -5.05 -42.43
N CYS A 822 8.25 -4.50 -43.43
CA CYS A 822 6.78 -4.32 -43.37
C CYS A 822 6.05 -4.44 -44.71
N LYS A 823 4.72 -4.48 -44.62
CA LYS A 823 3.86 -4.34 -45.79
C LYS A 823 3.27 -2.93 -45.74
N LEU A 824 3.36 -2.22 -46.85
CA LEU A 824 2.95 -0.81 -46.88
C LEU A 824 1.72 -0.56 -47.75
N GLY A 825 0.64 -0.13 -47.13
CA GLY A 825 -0.64 0.04 -47.82
C GLY A 825 -1.13 -1.29 -48.38
N LYS A 826 -1.72 -1.23 -49.57
CA LYS A 826 -2.32 -2.41 -50.22
C LYS A 826 -1.32 -3.26 -51.04
N ASP A 827 -0.03 -3.00 -50.84
CA ASP A 827 1.04 -3.79 -51.43
C ASP A 827 1.15 -5.11 -50.67
N PRO A 828 0.97 -6.25 -51.39
CA PRO A 828 0.94 -7.56 -50.73
C PRO A 828 2.33 -8.04 -50.34
N ASN A 829 3.35 -7.50 -51.01
CA ASN A 829 4.75 -7.82 -50.72
C ASN A 829 5.25 -7.19 -49.42
N THR A 830 6.09 -7.94 -48.69
CA THR A 830 6.80 -7.40 -47.53
C THR A 830 8.17 -6.92 -47.98
N TYR A 831 8.65 -5.85 -47.37
CA TYR A 831 9.86 -5.19 -47.84
C TYR A 831 10.94 -5.04 -46.77
N PHE A 832 12.15 -4.69 -47.21
CA PHE A 832 13.17 -4.11 -46.35
C PHE A 832 13.35 -2.66 -46.75
N ILE A 833 13.19 -1.74 -45.81
CA ILE A 833 13.39 -0.33 -46.08
C ILE A 833 14.56 0.21 -45.28
N VAL A 834 15.50 0.84 -45.97
CA VAL A 834 16.70 1.32 -45.32
C VAL A 834 16.83 2.84 -45.41
N GLY A 835 16.96 3.47 -44.25
CA GLY A 835 17.25 4.90 -44.18
C GLY A 835 18.76 5.10 -44.21
N THR A 836 19.19 6.17 -44.86
CA THR A 836 20.61 6.39 -45.12
C THR A 836 21.01 7.86 -45.01
N ALA A 837 22.31 8.14 -45.09
CA ALA A 837 22.82 9.52 -45.06
C ALA A 837 24.21 9.62 -45.68
N MET A 838 24.51 10.78 -46.26
CA MET A 838 25.76 11.04 -46.94
C MET A 838 26.64 11.91 -46.07
N VAL A 839 27.83 11.42 -45.76
CA VAL A 839 28.66 12.01 -44.72
C VAL A 839 30.01 12.48 -45.25
N TYR A 840 30.36 13.74 -45.02
CA TYR A 840 31.68 14.25 -45.36
C TYR A 840 32.13 15.32 -44.33
N PRO A 841 33.41 15.26 -43.87
CA PRO A 841 33.86 15.89 -42.60
C PRO A 841 33.87 17.42 -42.49
N GLU A 842 33.31 18.12 -43.46
CA GLU A 842 33.15 19.58 -43.37
C GLU A 842 31.86 19.97 -42.63
N GLU A 843 30.73 19.44 -43.12
CA GLU A 843 29.42 19.71 -42.53
C GLU A 843 29.24 19.03 -41.16
N ALA A 844 28.74 19.79 -40.19
CA ALA A 844 28.47 19.28 -38.85
C ALA A 844 27.40 18.21 -38.88
N GLU A 845 26.45 18.34 -39.80
CA GLU A 845 25.43 17.30 -39.97
C GLU A 845 25.09 17.12 -41.45
N PRO A 846 24.55 15.93 -41.80
CA PRO A 846 24.08 15.63 -43.15
C PRO A 846 23.04 16.63 -43.65
N LYS A 847 23.08 16.90 -44.95
CA LYS A 847 22.06 17.68 -45.62
C LYS A 847 21.60 16.92 -46.86
N GLN A 848 21.85 15.62 -46.86
CA GLN A 848 21.48 14.69 -47.93
C GLN A 848 20.95 13.35 -47.37
N GLY A 849 20.68 12.37 -48.23
CA GLY A 849 20.21 11.04 -47.79
C GLY A 849 19.24 10.35 -48.73
N ARG A 850 18.93 9.08 -48.46
CA ARG A 850 18.00 8.29 -49.28
C ARG A 850 16.96 7.53 -48.45
N ILE A 851 16.01 6.90 -49.13
CA ILE A 851 15.13 5.91 -48.54
C ILE A 851 14.92 4.82 -49.59
N VAL A 852 15.55 3.67 -49.41
CA VAL A 852 15.48 2.58 -50.38
C VAL A 852 14.53 1.47 -49.91
N VAL A 853 13.67 1.02 -50.81
CA VAL A 853 12.75 -0.07 -50.50
C VAL A 853 13.23 -1.33 -51.21
N PHE A 854 13.83 -2.23 -50.45
CA PHE A 854 14.36 -3.50 -50.98
C PHE A 854 13.32 -4.62 -50.92
N GLN A 855 13.33 -5.52 -51.91
CA GLN A 855 12.48 -6.72 -51.87
C GLN A 855 13.27 -7.99 -52.10
N TYR A 856 13.10 -8.96 -51.19
CA TYR A 856 13.77 -10.26 -51.27
C TYR A 856 12.83 -11.37 -51.75
N SER A 857 13.27 -12.07 -52.80
CA SER A 857 12.41 -12.97 -53.60
C SER A 857 12.53 -14.46 -53.23
N ASP A 858 12.75 -15.29 -54.25
CA ASP A 858 13.18 -16.69 -54.07
C ASP A 858 14.50 -16.68 -53.30
N GLY A 859 15.48 -15.96 -53.86
CA GLY A 859 16.77 -15.72 -53.23
C GLY A 859 17.46 -14.58 -53.96
N LYS A 860 16.76 -13.46 -54.03
CA LYS A 860 17.14 -12.35 -54.90
C LYS A 860 16.85 -11.02 -54.20
N LEU A 861 17.80 -10.09 -54.20
CA LEU A 861 17.61 -8.80 -53.50
C LEU A 861 17.33 -7.60 -54.42
N GLN A 862 16.03 -7.34 -54.64
CA GLN A 862 15.56 -6.37 -55.62
C GLN A 862 15.37 -4.94 -55.09
N THR A 863 16.02 -3.97 -55.74
CA THR A 863 15.83 -2.54 -55.43
C THR A 863 14.51 -2.07 -56.04
N VAL A 864 13.48 -1.92 -55.19
CA VAL A 864 12.12 -1.64 -55.65
C VAL A 864 11.84 -0.17 -55.88
N ALA A 865 12.11 0.67 -54.89
CA ALA A 865 11.84 2.09 -55.02
C ALA A 865 12.76 2.91 -54.15
N GLU A 866 13.28 4.01 -54.71
CA GLU A 866 14.11 4.93 -53.96
C GLU A 866 13.45 6.30 -53.79
N LYS A 867 13.98 7.11 -52.88
CA LYS A 867 13.47 8.45 -52.61
C LYS A 867 14.57 9.31 -51.99
N GLU A 868 14.70 10.56 -52.46
CA GLU A 868 15.69 11.47 -51.90
C GLU A 868 15.15 12.25 -50.69
N VAL A 869 16.06 12.67 -49.81
CA VAL A 869 15.75 13.46 -48.63
C VAL A 869 16.89 14.41 -48.31
N LYS A 870 16.56 15.61 -47.85
CA LYS A 870 17.55 16.64 -47.54
C LYS A 870 17.98 16.60 -46.07
N GLY A 871 18.45 15.43 -45.65
CA GLY A 871 18.88 15.20 -44.28
C GLY A 871 18.88 13.72 -43.96
N ALA A 872 19.58 13.36 -42.89
CA ALA A 872 19.75 11.97 -42.47
C ALA A 872 18.45 11.31 -42.04
N VAL A 873 18.28 10.03 -42.40
CA VAL A 873 17.11 9.27 -41.98
C VAL A 873 17.45 8.47 -40.71
N TYR A 874 17.19 9.07 -39.55
CA TYR A 874 17.64 8.54 -38.27
C TYR A 874 16.91 7.27 -37.86
N SER A 875 15.59 7.33 -37.80
CA SER A 875 14.82 6.11 -37.68
C SER A 875 13.58 6.15 -38.59
N MET A 876 12.79 5.08 -38.53
CA MET A 876 11.55 4.94 -39.29
C MET A 876 10.80 3.71 -38.85
N VAL A 877 9.48 3.82 -38.77
CA VAL A 877 8.62 2.71 -38.33
C VAL A 877 7.42 2.57 -39.26
N GLU A 878 6.87 1.36 -39.35
CA GLU A 878 5.60 1.13 -40.04
C GLU A 878 4.50 1.69 -39.18
N PHE A 879 3.84 2.73 -39.68
CA PHE A 879 2.75 3.36 -38.94
C PHE A 879 1.43 2.59 -39.16
N ASN A 880 0.75 2.88 -40.27
CA ASN A 880 -0.49 2.19 -40.60
C ASN A 880 -0.58 1.93 -42.10
N GLY A 881 0.29 1.05 -42.59
CA GLY A 881 0.47 0.84 -44.03
C GLY A 881 1.22 2.01 -44.65
N LYS A 882 1.69 2.91 -43.78
CA LYS A 882 2.39 4.13 -44.14
C LYS A 882 3.74 4.11 -43.44
N LEU A 883 4.76 4.70 -44.06
CA LEU A 883 6.13 4.71 -43.52
C LEU A 883 6.47 6.03 -42.85
N LEU A 884 6.92 5.94 -41.61
CA LEU A 884 7.13 7.12 -40.77
C LEU A 884 8.59 7.37 -40.43
N ALA A 885 9.21 8.27 -41.18
CA ALA A 885 10.63 8.51 -41.05
C ALA A 885 10.95 9.84 -40.37
N SER A 886 12.11 9.87 -39.72
CA SER A 886 12.64 11.09 -39.14
C SER A 886 13.84 11.54 -39.96
N ILE A 887 13.73 12.71 -40.57
CA ILE A 887 14.76 13.21 -41.47
C ILE A 887 15.55 14.44 -41.01
N ASN A 888 16.28 14.31 -39.90
CA ASN A 888 17.32 15.27 -39.53
C ASN A 888 16.63 16.13 -38.63
N SER A 889 15.36 16.27 -38.76
CA SER A 889 14.78 17.20 -37.82
C SER A 889 13.39 17.49 -38.20
N THR A 890 13.08 17.14 -39.51
CA THR A 890 11.68 17.00 -39.91
C THR A 890 11.24 15.54 -39.74
N VAL A 891 10.08 15.32 -39.12
CA VAL A 891 9.51 13.97 -38.95
C VAL A 891 8.29 13.80 -39.86
N ARG A 892 8.42 12.96 -40.88
CA ARG A 892 7.53 12.97 -42.04
C ARG A 892 6.83 11.63 -42.31
N LEU A 893 5.53 11.68 -42.56
CA LEU A 893 4.75 10.46 -42.73
C LEU A 893 4.45 10.14 -44.19
N TYR A 894 5.24 9.22 -44.75
CA TYR A 894 5.08 8.76 -46.12
C TYR A 894 3.91 7.79 -46.28
N GLU A 895 3.37 7.72 -47.49
CA GLU A 895 2.38 6.70 -47.84
C GLU A 895 2.79 5.98 -49.13
N TRP A 896 2.10 4.87 -49.41
CA TRP A 896 2.48 3.99 -50.50
C TRP A 896 1.39 3.89 -51.55
N THR A 897 1.67 4.48 -52.71
CA THR A 897 0.77 4.43 -53.85
C THR A 897 0.61 2.99 -54.36
N THR A 898 -0.32 2.79 -55.29
CA THR A 898 -0.38 1.56 -56.04
C THR A 898 0.76 1.58 -57.06
N GLU A 899 1.27 2.80 -57.33
CA GLU A 899 2.40 3.02 -58.26
C GLU A 899 3.66 2.22 -57.89
N LYS A 900 3.74 1.79 -56.63
CA LYS A 900 4.96 1.25 -56.00
C LYS A 900 6.02 2.36 -55.86
N ASP A 901 5.67 3.35 -55.05
CA ASP A 901 6.47 4.56 -54.87
C ASP A 901 6.07 5.29 -53.59
N VAL A 902 7.04 5.84 -52.86
CA VAL A 902 6.79 6.61 -51.64
C VAL A 902 6.35 8.06 -51.89
N ARG A 903 5.09 8.36 -51.61
CA ARG A 903 4.55 9.71 -51.71
C ARG A 903 4.28 10.31 -50.33
N THR A 904 4.45 11.63 -50.22
CA THR A 904 4.40 12.31 -48.93
C THR A 904 2.98 12.58 -48.44
N GLU A 905 2.89 12.89 -47.14
CA GLU A 905 1.68 13.32 -46.46
C GLU A 905 2.14 13.82 -45.08
N CYS A 906 1.70 15.03 -44.70
CA CYS A 906 2.12 15.71 -43.44
C CYS A 906 3.63 15.70 -43.15
N ASN A 907 4.04 16.20 -41.97
CA ASN A 907 5.43 16.05 -41.52
C ASN A 907 5.95 16.73 -40.22
N HIS A 908 5.06 17.13 -39.31
CA HIS A 908 5.51 17.75 -38.04
C HIS A 908 6.64 18.77 -38.32
N TYR A 909 7.55 19.02 -37.38
CA TYR A 909 8.64 19.99 -37.62
C TYR A 909 9.29 20.53 -36.36
N ASN A 910 8.58 20.43 -35.24
CA ASN A 910 9.06 20.96 -33.95
C ASN A 910 10.04 19.99 -33.27
N ASN A 911 11.24 19.87 -33.84
CA ASN A 911 12.30 19.02 -33.28
C ASN A 911 13.62 19.77 -33.27
N ILE A 912 14.59 19.27 -32.51
CA ILE A 912 15.97 19.74 -32.63
C ILE A 912 16.79 18.80 -33.52
N MET A 913 16.63 17.49 -33.29
CA MET A 913 17.20 16.41 -34.08
C MET A 913 16.47 15.11 -33.71
N ALA A 914 15.47 14.73 -34.50
CA ALA A 914 14.59 13.61 -34.19
C ALA A 914 15.30 12.27 -34.37
N LEU A 915 15.82 11.73 -33.26
CA LEU A 915 16.68 10.56 -33.32
C LEU A 915 15.94 9.25 -33.26
N TYR A 916 14.85 9.21 -32.49
CA TYR A 916 14.13 7.95 -32.25
C TYR A 916 12.62 8.11 -32.39
N LEU A 917 11.96 7.02 -32.77
CA LEU A 917 10.53 6.97 -32.93
C LEU A 917 10.00 5.64 -32.42
N LYS A 918 8.81 5.65 -31.83
CA LYS A 918 8.04 4.43 -31.52
C LYS A 918 6.57 4.70 -31.75
N THR A 919 5.82 3.66 -32.14
CA THR A 919 4.39 3.81 -32.46
C THR A 919 3.49 3.05 -31.50
N LYS A 920 2.63 3.78 -30.79
CA LYS A 920 1.57 3.13 -30.04
C LYS A 920 0.42 2.82 -30.98
N GLY A 921 0.36 1.54 -31.34
CA GLY A 921 -0.67 0.93 -32.18
C GLY A 921 -1.40 1.81 -33.17
N ASP A 922 -2.29 2.64 -32.63
CA ASP A 922 -3.24 3.41 -33.42
C ASP A 922 -2.61 4.63 -34.11
N PHE A 923 -2.69 5.79 -33.47
CA PHE A 923 -2.16 7.01 -34.05
C PHE A 923 -1.40 7.83 -33.02
N ILE A 924 -0.20 7.38 -32.64
CA ILE A 924 0.61 8.04 -31.59
C ILE A 924 2.14 7.87 -31.76
N LEU A 925 2.89 8.94 -31.46
CA LEU A 925 4.35 9.00 -31.69
C LEU A 925 5.13 9.67 -30.56
N VAL A 926 6.47 9.69 -30.65
CA VAL A 926 7.38 10.02 -29.53
C VAL A 926 8.85 10.44 -29.93
N GLY A 927 9.58 11.15 -29.05
CA GLY A 927 11.08 11.17 -29.07
C GLY A 927 11.93 12.22 -29.80
N ASP A 928 13.04 12.67 -29.17
CA ASP A 928 13.97 13.73 -29.67
C ASP A 928 15.47 13.45 -29.32
N LEU A 929 16.35 14.47 -29.34
CA LEU A 929 17.79 14.32 -29.04
C LEU A 929 18.27 14.93 -27.72
N MET A 930 18.20 16.25 -27.62
CA MET A 930 18.71 16.98 -26.46
C MET A 930 17.60 17.70 -25.69
N ARG A 931 16.36 17.49 -26.14
CA ARG A 931 15.17 18.01 -25.45
C ARG A 931 14.16 16.89 -25.20
N SER A 932 14.51 15.98 -24.29
CA SER A 932 13.62 14.88 -23.86
C SER A 932 12.74 14.30 -24.97
N VAL A 933 11.43 14.16 -24.69
CA VAL A 933 10.50 13.51 -25.61
C VAL A 933 9.27 14.36 -25.99
N LEU A 934 8.60 13.95 -27.08
CA LEU A 934 7.37 14.59 -27.55
C LEU A 934 6.29 13.52 -27.65
N LEU A 935 5.06 13.94 -27.93
CA LEU A 935 3.99 13.00 -28.16
C LEU A 935 3.05 13.57 -29.21
N LEU A 936 2.79 12.79 -30.25
CA LEU A 936 2.03 13.30 -31.39
C LEU A 936 0.84 12.43 -31.70
N ALA A 937 -0.13 13.00 -32.41
CA ALA A 937 -1.29 12.26 -32.92
C ALA A 937 -1.42 12.45 -34.42
N TYR A 938 -1.61 11.35 -35.13
CA TYR A 938 -1.98 11.41 -36.54
C TYR A 938 -3.48 11.54 -36.59
N LYS A 939 -3.96 12.48 -37.39
CA LYS A 939 -5.40 12.67 -37.52
C LYS A 939 -5.87 12.19 -38.90
N PRO A 940 -6.71 11.15 -38.92
CA PRO A 940 -7.49 10.83 -40.13
C PRO A 940 -8.45 11.98 -40.48
N MET A 941 -8.20 13.15 -39.89
CA MET A 941 -8.80 14.40 -40.30
C MET A 941 -8.38 14.68 -41.75
N GLU A 942 -7.20 15.28 -41.90
CA GLU A 942 -6.64 15.57 -43.23
C GLU A 942 -5.22 15.00 -43.36
N GLY A 943 -4.94 13.97 -42.56
CA GLY A 943 -3.61 13.41 -42.48
C GLY A 943 -2.67 14.52 -42.09
N ASN A 944 -2.89 15.04 -40.89
CA ASN A 944 -2.15 16.20 -40.39
C ASN A 944 -1.65 15.93 -38.95
N PHE A 945 -0.44 16.39 -38.63
CA PHE A 945 0.09 16.18 -37.28
C PHE A 945 -0.34 17.25 -36.29
N GLU A 946 -0.53 16.81 -35.04
CA GLU A 946 -0.90 17.69 -33.93
C GLU A 946 -0.12 17.28 -32.70
N GLU A 947 0.74 18.19 -32.22
CA GLU A 947 1.63 17.92 -31.11
C GLU A 947 0.85 17.87 -29.80
N ILE A 948 0.54 16.66 -29.33
CA ILE A 948 -0.29 16.47 -28.13
C ILE A 948 0.35 17.03 -26.87
N ALA A 949 1.52 16.51 -26.51
CA ALA A 949 2.20 16.88 -25.28
C ALA A 949 3.69 16.62 -25.40
N ARG A 950 4.48 17.35 -24.62
CA ARG A 950 5.94 17.14 -24.62
C ARG A 950 6.56 17.35 -23.24
N ASP A 951 7.64 16.61 -23.01
CA ASP A 951 8.41 16.68 -21.78
C ASP A 951 9.30 17.90 -21.86
N PHE A 952 9.38 18.66 -20.78
CA PHE A 952 10.02 19.96 -20.82
C PHE A 952 11.41 19.97 -20.16
N ASN A 953 11.80 18.82 -19.63
CA ASN A 953 13.13 18.65 -19.05
C ASN A 953 14.17 18.57 -20.17
N PRO A 954 15.46 18.82 -19.85
CA PRO A 954 16.48 18.76 -20.87
C PRO A 954 17.27 17.46 -20.81
N ASN A 955 16.67 16.38 -21.29
CA ASN A 955 17.38 15.10 -21.31
C ASN A 955 18.10 14.88 -22.63
N TRP A 956 19.29 14.27 -22.57
CA TRP A 956 20.02 13.84 -23.76
C TRP A 956 19.71 12.37 -24.07
N MET A 957 18.64 12.17 -24.83
CA MET A 957 18.06 10.86 -25.09
C MET A 957 19.00 9.83 -25.72
N SER A 958 18.72 8.56 -25.44
CA SER A 958 19.45 7.46 -26.08
C SER A 958 18.55 6.29 -26.48
N ALA A 959 17.35 6.21 -25.92
CA ALA A 959 16.43 5.12 -26.20
C ALA A 959 15.02 5.49 -25.77
N VAL A 960 14.04 5.15 -26.61
CA VAL A 960 12.63 5.44 -26.32
C VAL A 960 11.73 4.25 -26.62
N GLU A 961 10.81 3.94 -25.69
CA GLU A 961 9.77 2.94 -25.91
C GLU A 961 8.46 3.37 -25.25
N ILE A 962 7.35 3.15 -25.95
CA ILE A 962 6.03 3.38 -25.40
C ILE A 962 5.58 2.12 -24.68
N LEU A 963 5.30 2.21 -23.38
CA LEU A 963 4.90 1.04 -22.60
C LEU A 963 3.40 0.73 -22.73
N ASP A 964 2.58 1.78 -22.63
CA ASP A 964 1.14 1.71 -22.84
C ASP A 964 0.64 3.10 -23.21
N ASP A 965 -0.66 3.22 -23.47
CA ASP A 965 -1.25 4.45 -24.04
C ASP A 965 -0.85 5.74 -23.34
N ASP A 966 -0.22 5.61 -22.17
CA ASP A 966 0.18 6.76 -21.34
C ASP A 966 1.64 6.71 -20.86
N ASN A 967 2.14 5.52 -20.52
CA ASN A 967 3.51 5.37 -19.98
C ASN A 967 4.62 5.31 -21.04
N PHE A 968 5.45 6.35 -21.05
CA PHE A 968 6.52 6.45 -22.03
C PHE A 968 7.87 6.38 -21.33
N LEU A 969 8.63 5.35 -21.67
CA LEU A 969 9.93 5.08 -21.05
C LEU A 969 11.05 5.68 -21.90
N GLY A 970 11.90 6.48 -21.26
CA GLY A 970 13.01 7.10 -21.96
C GLY A 970 14.30 6.80 -21.23
N ALA A 971 15.39 6.72 -21.98
CA ALA A 971 16.71 6.43 -21.44
C ALA A 971 17.66 7.53 -21.87
N GLU A 972 18.74 7.74 -21.12
CA GLU A 972 19.54 8.92 -21.39
C GLU A 972 21.00 8.93 -20.98
N ASN A 973 21.80 9.51 -21.87
CA ASN A 973 23.25 9.67 -21.76
C ASN A 973 23.86 9.57 -20.38
N ALA A 974 23.18 10.02 -19.34
CA ALA A 974 23.72 9.97 -17.97
C ALA A 974 23.38 8.67 -17.25
N PHE A 975 23.13 7.60 -18.02
CA PHE A 975 22.78 6.27 -17.50
C PHE A 975 21.48 6.22 -16.72
N ASN A 976 20.67 7.26 -16.84
CA ASN A 976 19.42 7.30 -16.10
C ASN A 976 18.20 6.94 -16.94
N LEU A 977 17.31 6.15 -16.33
CA LEU A 977 15.98 5.86 -16.87
C LEU A 977 14.98 6.87 -16.35
N PHE A 978 13.99 7.18 -17.18
CA PHE A 978 12.87 7.98 -16.72
C PHE A 978 11.60 7.56 -17.42
N VAL A 979 10.46 7.98 -16.88
CA VAL A 979 9.16 7.61 -17.39
C VAL A 979 8.30 8.84 -17.42
N CYS A 980 7.63 9.05 -18.54
CA CYS A 980 6.73 10.17 -18.71
C CYS A 980 5.31 9.65 -18.91
N GLN A 981 4.33 10.45 -18.47
CA GLN A 981 2.91 10.23 -18.79
C GLN A 981 2.18 11.57 -18.82
N LYS A 982 1.08 11.65 -19.57
CA LYS A 982 0.35 12.91 -19.71
C LYS A 982 -0.46 13.27 -18.47
N ASP A 983 -0.34 14.52 -18.04
CA ASP A 983 -1.15 15.08 -16.97
C ASP A 983 -2.63 14.99 -17.32
N SER A 984 -3.42 14.49 -16.36
CA SER A 984 -4.87 14.45 -16.51
C SER A 984 -5.54 15.39 -15.51
N ALA A 985 -5.31 16.69 -15.70
CA ALA A 985 -5.92 17.74 -14.91
C ALA A 985 -6.69 18.68 -15.82
N ALA A 986 -7.46 19.58 -15.20
CA ALA A 986 -8.26 20.58 -15.93
C ALA A 986 -7.38 21.62 -16.65
N THR A 987 -8.03 22.55 -17.34
CA THR A 987 -7.36 23.67 -18.04
C THR A 987 -6.34 23.16 -19.07
N THR A 988 -6.84 22.37 -20.02
CA THR A 988 -6.01 21.49 -20.84
C THR A 988 -5.40 22.12 -22.11
N ASP A 989 -5.31 23.44 -22.12
CA ASP A 989 -4.60 24.14 -23.17
C ASP A 989 -3.17 24.45 -22.74
N GLU A 990 -2.79 23.93 -21.57
CA GLU A 990 -1.48 24.18 -20.99
C GLU A 990 -0.97 22.96 -20.22
N GLU A 991 -1.75 22.50 -19.26
CA GLU A 991 -1.37 21.37 -18.42
C GLU A 991 -1.41 20.07 -19.21
N ARG A 992 -2.22 20.03 -20.27
CA ARG A 992 -2.21 18.92 -21.22
C ARG A 992 -0.94 18.95 -22.05
N GLN A 993 -0.51 20.17 -22.40
CA GLN A 993 0.66 20.40 -23.23
C GLN A 993 1.97 19.83 -22.65
N HIS A 994 2.03 19.74 -21.32
CA HIS A 994 3.20 19.19 -20.63
C HIS A 994 2.89 17.78 -20.13
N LEU A 995 3.84 16.87 -20.28
CA LEU A 995 3.73 15.54 -19.66
C LEU A 995 4.80 15.36 -18.59
N GLN A 996 4.37 15.08 -17.36
CA GLN A 996 5.26 15.12 -16.20
C GLN A 996 6.15 13.89 -16.03
N GLU A 997 7.35 14.10 -15.50
CA GLU A 997 8.29 13.01 -15.20
C GLU A 997 7.86 12.29 -13.92
N VAL A 998 7.14 11.19 -14.09
CA VAL A 998 6.52 10.48 -12.98
C VAL A 998 7.35 9.34 -12.43
N GLY A 999 8.62 9.26 -12.83
CA GLY A 999 9.51 8.19 -12.36
C GLY A 999 10.94 8.25 -12.85
N LEU A 1000 11.85 8.60 -11.95
CA LEU A 1000 13.27 8.68 -12.28
C LEU A 1000 14.02 7.47 -11.72
N PHE A 1001 15.28 7.26 -12.12
CA PHE A 1001 16.02 6.04 -11.75
C PHE A 1001 17.44 5.98 -12.33
N HIS A 1002 18.40 5.52 -11.53
CA HIS A 1002 19.76 5.40 -12.03
C HIS A 1002 20.18 3.96 -12.29
N LEU A 1003 19.91 3.48 -13.51
CA LEU A 1003 20.33 2.15 -13.94
C LEU A 1003 21.84 1.97 -13.76
N GLY A 1004 22.59 3.00 -14.16
CA GLY A 1004 24.05 2.92 -14.18
C GLY A 1004 24.50 2.19 -15.43
N GLU A 1005 23.76 2.40 -16.52
CA GLU A 1005 23.96 1.68 -17.79
C GLU A 1005 23.44 2.47 -18.98
N PHE A 1006 24.30 2.71 -19.98
CA PHE A 1006 23.92 3.37 -21.23
C PHE A 1006 22.97 2.48 -22.04
N VAL A 1007 21.75 2.93 -22.27
CA VAL A 1007 20.75 2.06 -22.88
C VAL A 1007 20.64 2.33 -24.36
N ASN A 1008 21.05 1.35 -25.17
CA ASN A 1008 20.98 1.45 -26.62
C ASN A 1008 19.60 1.16 -27.17
N VAL A 1009 18.97 0.07 -26.72
CA VAL A 1009 17.72 -0.38 -27.32
C VAL A 1009 16.68 -0.97 -26.35
N PHE A 1010 15.42 -0.63 -26.57
CA PHE A 1010 14.29 -1.23 -25.89
C PHE A 1010 13.48 -2.01 -26.91
N CYS A 1011 12.66 -2.94 -26.44
CA CYS A 1011 11.66 -3.62 -27.27
C CYS A 1011 10.83 -4.59 -26.44
N HIS A 1012 9.74 -5.05 -27.06
CA HIS A 1012 8.77 -5.93 -26.41
C HIS A 1012 9.12 -7.38 -26.70
N GLY A 1013 8.80 -8.26 -25.76
CA GLY A 1013 9.15 -9.67 -25.85
C GLY A 1013 9.64 -10.18 -24.52
N SER A 1014 9.66 -11.51 -24.38
CA SER A 1014 10.09 -12.16 -23.16
C SER A 1014 10.92 -13.36 -23.58
N LEU A 1015 11.87 -13.79 -22.74
CA LEU A 1015 12.70 -14.95 -23.10
C LEU A 1015 12.10 -16.28 -22.65
N VAL A 1016 10.97 -16.21 -21.92
CA VAL A 1016 10.29 -17.38 -21.36
C VAL A 1016 8.82 -17.49 -21.77
N MET A 1017 8.04 -18.18 -20.92
CA MET A 1017 6.61 -18.55 -21.09
C MET A 1017 6.41 -19.74 -22.03
N GLN A 1018 5.14 -20.09 -22.25
CA GLN A 1018 4.72 -21.23 -23.07
C GLN A 1018 5.46 -21.31 -24.42
N PRO A 1026 1.29 -12.04 -11.80
CA PRO A 1026 2.11 -11.31 -10.82
C PRO A 1026 2.48 -9.90 -11.28
N THR A 1027 2.69 -9.73 -12.58
CA THR A 1027 3.00 -8.43 -13.21
C THR A 1027 2.20 -8.21 -14.49
N GLN A 1028 2.63 -7.25 -15.30
CA GLN A 1028 1.94 -6.88 -16.55
C GLN A 1028 2.86 -6.11 -17.51
N GLY A 1029 2.91 -6.57 -18.77
CA GLY A 1029 3.81 -6.01 -19.77
C GLY A 1029 5.18 -6.66 -19.68
N SER A 1030 6.10 -6.29 -20.58
CA SER A 1030 7.49 -6.80 -20.59
C SER A 1030 8.32 -6.12 -21.68
N VAL A 1031 9.35 -5.39 -21.27
CA VAL A 1031 10.16 -4.63 -22.22
C VAL A 1031 11.66 -4.82 -21.98
N LEU A 1032 12.28 -5.56 -22.88
CA LEU A 1032 13.70 -5.89 -22.77
C LEU A 1032 14.57 -4.74 -23.26
N PHE A 1033 15.74 -4.59 -22.66
CA PHE A 1033 16.68 -3.60 -23.15
C PHE A 1033 18.10 -4.12 -23.19
N GLY A 1034 18.82 -3.71 -24.25
CA GLY A 1034 20.25 -4.00 -24.41
C GLY A 1034 21.09 -2.76 -24.19
N THR A 1035 22.24 -2.94 -23.54
CA THR A 1035 23.11 -1.83 -23.15
C THR A 1035 24.51 -1.95 -23.73
N VAL A 1036 25.32 -0.93 -23.53
CA VAL A 1036 26.68 -0.87 -24.06
C VAL A 1036 27.64 -1.87 -23.39
N ASN A 1037 27.38 -2.15 -22.12
CA ASN A 1037 28.23 -3.02 -21.33
C ASN A 1037 27.85 -4.47 -21.52
N GLY A 1038 26.79 -4.69 -22.30
CA GLY A 1038 26.35 -6.04 -22.66
C GLY A 1038 25.29 -6.60 -21.73
N MET A 1039 24.91 -5.79 -20.75
CA MET A 1039 23.89 -6.14 -19.79
C MET A 1039 22.56 -6.17 -20.52
N ILE A 1040 21.77 -7.21 -20.26
CA ILE A 1040 20.40 -7.28 -20.78
C ILE A 1040 19.43 -7.12 -19.64
N GLY A 1041 18.62 -6.07 -19.72
CA GLY A 1041 17.66 -5.82 -18.66
C GLY A 1041 16.24 -6.19 -19.03
N LEU A 1042 15.33 -5.96 -18.08
CA LEU A 1042 13.91 -6.19 -18.26
C LEU A 1042 13.11 -5.17 -17.47
N VAL A 1043 12.35 -4.34 -18.16
CA VAL A 1043 11.39 -3.46 -17.48
C VAL A 1043 10.01 -4.11 -17.57
N THR A 1044 9.26 -3.99 -16.47
CA THR A 1044 7.84 -4.41 -16.39
C THR A 1044 7.04 -3.36 -15.59
N SER A 1045 5.75 -3.22 -15.90
CA SER A 1045 4.86 -2.31 -15.15
C SER A 1045 4.10 -3.05 -14.03
N LEU A 1046 3.76 -2.33 -12.97
CA LEU A 1046 3.22 -2.92 -11.72
C LEU A 1046 1.82 -2.47 -11.33
N SER A 1047 1.17 -3.30 -10.52
CA SER A 1047 -0.14 -2.98 -9.92
C SER A 1047 0.03 -2.20 -8.62
N GLU A 1048 -0.89 -1.25 -8.36
CA GLU A 1048 -0.75 -0.28 -7.27
C GLU A 1048 -0.22 -0.86 -5.96
N SER A 1049 -0.84 -1.95 -5.50
CA SER A 1049 -0.52 -2.59 -4.23
C SER A 1049 0.86 -3.21 -4.25
N TRP A 1050 1.19 -3.85 -5.37
CA TRP A 1050 2.45 -4.57 -5.49
C TRP A 1050 3.63 -3.64 -5.38
N TYR A 1051 3.46 -2.40 -5.82
CA TYR A 1051 4.50 -1.39 -5.64
C TYR A 1051 4.67 -1.10 -4.15
N ASN A 1052 3.61 -0.62 -3.51
CA ASN A 1052 3.68 -0.11 -2.15
C ASN A 1052 4.30 -1.11 -1.19
N LEU A 1053 4.07 -2.38 -1.48
CA LEU A 1053 4.67 -3.49 -0.74
C LEU A 1053 6.16 -3.54 -1.06
N LEU A 1054 6.47 -3.61 -2.35
CA LEU A 1054 7.83 -3.81 -2.81
C LEU A 1054 8.76 -2.64 -2.44
N LEU A 1055 8.31 -1.41 -2.66
CA LEU A 1055 9.09 -0.21 -2.26
C LEU A 1055 9.43 -0.28 -0.77
N ASP A 1056 8.47 -0.74 0.02
CA ASP A 1056 8.68 -0.85 1.44
C ASP A 1056 9.65 -1.98 1.74
N MET A 1057 9.30 -3.20 1.34
CA MET A 1057 10.19 -4.33 1.58
C MET A 1057 11.58 -4.13 0.94
N GLN A 1058 11.64 -3.15 0.03
CA GLN A 1058 12.89 -2.67 -0.54
C GLN A 1058 13.63 -1.79 0.48
N ASN A 1059 12.87 -0.96 1.20
CA ASN A 1059 13.42 -0.11 2.28
C ASN A 1059 13.95 -0.91 3.47
N ARG A 1060 13.26 -1.99 3.81
CA ARG A 1060 13.68 -2.91 4.87
C ARG A 1060 15.01 -3.58 4.53
N LEU A 1061 15.11 -4.07 3.29
CA LEU A 1061 16.29 -4.77 2.78
C LEU A 1061 17.59 -3.96 2.87
N ASN A 1062 17.48 -2.64 2.74
CA ASN A 1062 18.64 -1.76 2.86
C ASN A 1062 19.28 -1.84 4.24
N LYS A 1063 18.41 -1.88 5.25
CA LYS A 1063 18.81 -1.99 6.65
C LYS A 1063 19.49 -3.32 7.00
N VAL A 1064 19.11 -4.38 6.29
CA VAL A 1064 19.55 -5.75 6.60
C VAL A 1064 20.77 -6.18 5.78
N ILE A 1065 20.80 -5.77 4.51
CA ILE A 1065 21.93 -6.08 3.61
C ILE A 1065 23.05 -5.04 3.76
N LYS A 1066 24.22 -5.56 4.07
CA LYS A 1066 25.43 -4.77 4.24
C LYS A 1066 26.08 -4.48 2.89
N SER A 1067 25.98 -3.23 2.45
CA SER A 1067 26.52 -2.76 1.17
C SER A 1067 28.03 -2.91 1.12
N VAL A 1068 28.56 -3.16 -0.08
CA VAL A 1068 29.95 -3.59 -0.20
C VAL A 1068 30.94 -2.48 0.15
N GLY A 1069 30.93 -1.41 -0.63
CA GLY A 1069 31.82 -0.29 -0.34
C GLY A 1069 31.24 0.57 0.76
N LYS A 1070 30.25 0.01 1.47
CA LYS A 1070 29.42 0.73 2.41
C LYS A 1070 28.74 1.90 1.69
N ILE A 1071 28.05 1.58 0.59
CA ILE A 1071 27.34 2.58 -0.20
C ILE A 1071 25.83 2.43 -0.04
N GLU A 1072 25.20 3.52 0.38
CA GLU A 1072 23.75 3.68 0.38
C GLU A 1072 23.14 3.30 -0.98
N HIS A 1073 22.18 2.37 -0.95
CA HIS A 1073 21.50 1.89 -2.15
C HIS A 1073 20.57 2.93 -2.74
N SER A 1074 19.93 3.70 -1.87
CA SER A 1074 19.03 4.77 -2.27
C SER A 1074 19.79 5.92 -2.96
N PHE A 1075 21.04 6.14 -2.56
CA PHE A 1075 21.94 7.11 -3.19
C PHE A 1075 22.33 6.65 -4.59
N TRP A 1076 22.77 5.39 -4.68
CA TRP A 1076 23.12 4.75 -5.95
C TRP A 1076 21.98 4.83 -6.95
N ARG A 1077 20.75 4.63 -6.48
CA ARG A 1077 19.59 4.63 -7.36
C ARG A 1077 19.03 6.00 -7.71
N SER A 1078 19.63 7.06 -7.17
CA SER A 1078 19.16 8.43 -7.38
C SER A 1078 19.48 8.98 -8.76
N PHE A 1079 18.54 9.76 -9.29
CA PHE A 1079 18.67 10.39 -10.61
C PHE A 1079 19.81 11.39 -10.62
N HIS A 1080 20.65 11.36 -11.64
CA HIS A 1080 21.88 12.13 -11.61
C HIS A 1080 22.38 12.64 -12.96
N THR A 1081 22.16 13.93 -13.21
CA THR A 1081 22.82 14.64 -14.29
C THR A 1081 23.84 15.57 -13.64
N GLU A 1082 24.61 16.29 -14.43
CA GLU A 1082 25.56 17.26 -13.89
C GLU A 1082 24.81 18.35 -13.10
N ARG A 1083 23.68 18.79 -13.66
CA ARG A 1083 22.91 19.89 -13.09
C ARG A 1083 21.64 19.43 -12.37
N LYS A 1084 21.79 18.45 -11.48
CA LYS A 1084 20.75 18.08 -10.50
C LYS A 1084 20.85 16.64 -10.03
N THR A 1085 20.16 16.36 -8.93
CA THR A 1085 20.05 15.03 -8.37
C THR A 1085 18.74 14.92 -7.59
N GLU A 1086 17.96 13.90 -7.91
CA GLU A 1086 16.71 13.62 -7.22
C GLU A 1086 16.70 12.16 -6.78
N PRO A 1087 16.03 11.84 -5.66
CA PRO A 1087 15.80 10.44 -5.31
C PRO A 1087 14.74 9.80 -6.21
N ALA A 1088 14.90 8.51 -6.47
CA ALA A 1088 14.13 7.82 -7.52
C ALA A 1088 12.70 7.47 -7.12
N THR A 1089 11.76 7.76 -8.00
CA THR A 1089 10.38 7.31 -7.80
C THR A 1089 9.95 6.31 -8.85
N GLY A 1090 8.88 5.57 -8.53
CA GLY A 1090 8.23 4.65 -9.48
C GLY A 1090 9.10 3.58 -10.10
N PHE A 1091 10.13 3.14 -9.36
CA PHE A 1091 11.09 2.20 -9.91
C PHE A 1091 11.67 1.22 -8.89
N ILE A 1092 11.40 -0.06 -9.13
CA ILE A 1092 11.77 -1.11 -8.20
C ILE A 1092 12.79 -2.05 -8.84
N ASP A 1093 14.04 -2.02 -8.40
CA ASP A 1093 14.95 -3.02 -8.95
C ASP A 1093 14.81 -4.31 -8.19
N GLY A 1094 14.27 -5.28 -8.91
CA GLY A 1094 14.08 -6.64 -8.43
C GLY A 1094 15.41 -7.28 -8.15
N ASP A 1095 16.47 -6.71 -8.72
CA ASP A 1095 17.83 -7.07 -8.36
C ASP A 1095 18.00 -7.04 -6.84
N LEU A 1096 17.55 -5.94 -6.23
CA LEU A 1096 17.55 -5.80 -4.79
C LEU A 1096 16.44 -6.63 -4.17
N ILE A 1097 15.32 -6.77 -4.87
CA ILE A 1097 14.24 -7.62 -4.38
C ILE A 1097 14.67 -9.09 -4.39
N GLU A 1098 15.30 -9.52 -5.48
CA GLU A 1098 15.91 -10.85 -5.62
C GLU A 1098 17.01 -11.06 -4.57
N SER A 1099 17.43 -9.96 -3.94
CA SER A 1099 18.45 -10.03 -2.89
C SER A 1099 17.92 -10.69 -1.63
N PHE A 1100 16.60 -10.69 -1.47
CA PHE A 1100 15.90 -11.34 -0.36
C PHE A 1100 16.18 -12.85 -0.27
N LEU A 1101 15.98 -13.57 -1.37
CA LEU A 1101 16.10 -15.03 -1.38
C LEU A 1101 17.49 -15.58 -1.05
N ASP A 1102 18.48 -14.69 -0.95
CA ASP A 1102 19.82 -15.08 -0.58
C ASP A 1102 20.18 -14.42 0.76
N ILE A 1103 19.23 -14.46 1.69
CA ILE A 1103 19.44 -13.95 3.04
C ILE A 1103 19.32 -15.08 4.05
N SER A 1104 20.05 -14.95 5.15
CA SER A 1104 19.93 -15.87 6.28
C SER A 1104 18.55 -15.74 6.93
N ARG A 1105 17.99 -16.86 7.35
CA ARG A 1105 16.64 -16.88 7.95
C ARG A 1105 16.47 -15.92 9.14
N PRO A 1106 17.50 -15.79 10.02
CA PRO A 1106 17.47 -14.76 11.09
C PRO A 1106 17.31 -13.32 10.60
N LYS A 1107 18.04 -12.95 9.56
CA LYS A 1107 17.94 -11.60 8.99
C LYS A 1107 16.77 -11.49 8.00
N MET A 1108 16.11 -12.61 7.75
CA MET A 1108 14.94 -12.67 6.88
C MET A 1108 13.65 -12.35 7.67
N GLN A 1109 13.56 -12.91 8.87
CA GLN A 1109 12.44 -12.68 9.79
C GLN A 1109 12.33 -11.18 10.12
N GLU A 1110 13.48 -10.51 10.14
CA GLU A 1110 13.59 -9.09 10.47
C GLU A 1110 12.77 -8.23 9.54
N VAL A 1111 12.90 -8.53 8.25
CA VAL A 1111 12.21 -7.83 7.18
C VAL A 1111 10.72 -7.76 7.46
N VAL A 1112 10.18 -8.80 8.08
CA VAL A 1112 8.75 -8.85 8.40
C VAL A 1112 8.44 -8.62 9.90
N ALA A 1113 8.05 -7.39 10.21
CA ALA A 1113 7.53 -7.02 11.53
C ALA A 1113 6.10 -6.48 11.33
N ASN A 1114 5.84 -6.02 10.12
CA ASN A 1114 4.51 -5.59 9.66
C ASN A 1114 4.53 -5.18 8.18
N ARG A 1125 -5.82 -7.32 5.12
CA ARG A 1125 -4.42 -6.91 5.09
C ARG A 1125 -3.58 -7.69 6.11
N GLU A 1126 -2.35 -8.02 5.72
CA GLU A 1126 -1.49 -8.92 6.50
C GLU A 1126 0.01 -8.77 6.19
N ALA A 1127 0.83 -9.43 7.01
CA ALA A 1127 2.26 -9.63 6.76
C ALA A 1127 2.67 -10.97 7.40
N THR A 1128 3.43 -11.76 6.66
CA THR A 1128 3.74 -13.14 7.09
C THR A 1128 5.19 -13.31 7.58
N ALA A 1129 6.02 -13.89 6.72
CA ALA A 1129 7.44 -14.20 7.00
C ALA A 1129 7.97 -15.10 5.88
N ASP A 1130 7.41 -16.31 5.81
CA ASP A 1130 7.78 -17.30 4.82
C ASP A 1130 6.77 -17.34 3.66
N ASP A 1131 6.08 -16.23 3.44
CA ASP A 1131 5.17 -16.09 2.31
C ASP A 1131 5.76 -15.15 1.26
N LEU A 1132 6.58 -14.20 1.70
CA LEU A 1132 7.32 -13.32 0.81
C LEU A 1132 8.41 -14.10 0.08
N ILE A 1133 9.04 -15.03 0.79
CA ILE A 1133 9.98 -15.97 0.21
C ILE A 1133 9.41 -16.63 -1.05
N LYS A 1134 8.08 -16.65 -1.16
CA LYS A 1134 7.37 -17.24 -2.29
C LYS A 1134 7.00 -16.19 -3.34
N VAL A 1135 6.73 -14.96 -2.90
CA VAL A 1135 6.42 -13.85 -3.79
C VAL A 1135 7.64 -13.49 -4.62
N VAL A 1136 8.81 -13.49 -3.97
CA VAL A 1136 10.08 -13.25 -4.65
C VAL A 1136 10.45 -14.45 -5.55
N GLU A 1137 9.78 -15.58 -5.36
CA GLU A 1137 9.86 -16.69 -6.30
C GLU A 1137 9.12 -16.34 -7.61
N GLU A 1138 7.83 -16.01 -7.50
CA GLU A 1138 7.02 -15.65 -8.66
C GLU A 1138 7.55 -14.45 -9.46
N LEU A 1139 8.59 -13.80 -8.95
CA LEU A 1139 9.23 -12.70 -9.66
C LEU A 1139 10.41 -13.19 -10.48
N THR A 1140 11.24 -14.05 -9.88
CA THR A 1140 12.39 -14.62 -10.59
C THR A 1140 11.95 -15.56 -11.71
N ARG A 1141 10.70 -15.41 -12.12
CA ARG A 1141 10.17 -16.17 -13.25
C ARG A 1141 9.55 -15.27 -14.33
N ILE A 1142 10.01 -14.02 -14.42
CA ILE A 1142 9.69 -13.17 -15.59
C ILE A 1142 10.77 -13.27 -16.69
N HIS A 1143 11.86 -13.96 -16.39
CA HIS A 1143 12.97 -14.16 -17.34
C HIS A 1143 13.77 -15.43 -17.03
N MET B 4 4.65 10.86 30.53
CA MET B 4 4.70 10.76 29.04
C MET B 4 3.48 10.04 28.44
N SER B 5 2.30 10.46 28.88
CA SER B 5 1.02 10.09 28.27
C SER B 5 0.54 11.25 27.41
N TYR B 6 0.35 11.00 26.12
CA TYR B 6 -0.09 12.06 25.24
C TYR B 6 -1.43 11.67 24.59
N ASN B 7 -2.52 12.20 25.12
CA ASN B 7 -3.86 11.69 24.79
C ASN B 7 -4.90 12.70 24.34
N TYR B 8 -5.81 12.21 23.51
CA TYR B 8 -6.74 13.05 22.81
C TYR B 8 -8.13 12.43 22.92
N VAL B 9 -9.13 13.26 23.19
CA VAL B 9 -10.51 12.80 23.24
C VAL B 9 -11.43 13.64 22.37
N VAL B 10 -12.42 12.99 21.76
CA VAL B 10 -13.40 13.65 20.90
C VAL B 10 -14.77 13.01 21.02
N THR B 11 -15.78 13.85 21.23
CA THR B 11 -17.18 13.45 21.13
C THR B 11 -17.56 13.18 19.67
N ALA B 12 -17.61 11.90 19.31
CA ALA B 12 -18.01 11.45 17.97
C ALA B 12 -19.54 11.50 17.71
N GLN B 13 -20.30 11.81 18.76
CA GLN B 13 -21.76 11.94 18.73
C GLN B 13 -22.20 12.36 20.12
N LYS B 14 -22.91 13.48 20.21
CA LYS B 14 -23.34 14.06 21.49
C LYS B 14 -24.32 13.16 22.26
N PRO B 15 -24.53 13.43 23.56
CA PRO B 15 -25.53 12.64 24.29
C PRO B 15 -26.96 12.82 23.73
N THR B 16 -27.61 11.71 23.40
CA THR B 16 -29.00 11.77 22.89
C THR B 16 -30.03 11.50 23.98
N ALA B 17 -29.57 11.33 25.22
CA ALA B 17 -30.47 11.16 26.35
C ALA B 17 -31.00 12.51 26.76
N VAL B 18 -32.31 12.61 26.97
CA VAL B 18 -32.91 13.82 27.48
C VAL B 18 -32.93 13.67 28.98
N ASN B 19 -32.28 14.61 29.65
CA ASN B 19 -32.12 14.58 31.10
C ASN B 19 -33.01 15.63 31.76
N GLY B 20 -33.53 16.55 30.94
CA GLY B 20 -34.48 17.57 31.39
C GLY B 20 -35.13 18.29 30.23
N CYS B 21 -36.27 18.93 30.48
CA CYS B 21 -36.89 19.83 29.50
C CYS B 21 -37.85 20.77 30.21
N VAL B 22 -38.21 21.86 29.55
CA VAL B 22 -38.98 22.93 30.17
C VAL B 22 -39.54 23.87 29.10
N THR B 23 -40.71 24.43 29.40
CA THR B 23 -41.42 25.32 28.48
C THR B 23 -41.57 26.75 29.04
N GLY B 24 -41.86 27.71 28.16
CA GLY B 24 -41.96 29.12 28.51
C GLY B 24 -41.55 30.05 27.37
N HIS B 25 -41.36 31.33 27.67
CA HIS B 25 -41.09 32.33 26.64
C HIS B 25 -39.67 32.88 26.78
N PHE B 26 -38.76 32.30 26.02
CA PHE B 26 -37.33 32.52 26.19
C PHE B 26 -36.77 33.29 25.01
N THR B 27 -37.17 32.87 23.81
CA THR B 27 -36.80 33.52 22.56
C THR B 27 -37.42 34.92 22.49
N SER B 28 -38.74 34.96 22.29
CA SER B 28 -39.48 36.21 22.23
C SER B 28 -40.43 36.33 23.42
N ALA B 29 -40.74 37.59 23.79
CA ALA B 29 -41.68 37.90 24.88
C ALA B 29 -42.98 37.10 24.72
N GLU B 30 -43.43 36.99 23.47
CA GLU B 30 -44.48 36.09 23.08
C GLU B 30 -43.90 35.03 22.15
N ASP B 31 -43.86 33.80 22.65
CA ASP B 31 -43.37 32.63 21.94
C ASP B 31 -43.64 31.38 22.79
N LEU B 32 -43.62 30.20 22.18
CA LEU B 32 -43.58 28.97 22.96
C LEU B 32 -42.27 28.25 22.67
N ASN B 33 -41.56 27.91 23.74
CA ASN B 33 -40.23 27.34 23.63
C ASN B 33 -40.16 25.99 24.32
N LEU B 34 -39.41 25.09 23.71
CA LEU B 34 -39.02 23.86 24.37
C LEU B 34 -37.53 23.96 24.62
N LEU B 35 -37.15 23.81 25.88
CA LEU B 35 -35.74 23.82 26.22
C LEU B 35 -35.32 22.45 26.68
N ILE B 36 -34.83 21.65 25.74
CA ILE B 36 -34.31 20.33 26.07
C ILE B 36 -32.87 20.44 26.57
N ALA B 37 -32.63 19.95 27.78
CA ALA B 37 -31.26 19.76 28.26
C ALA B 37 -30.88 18.31 28.07
N LYS B 38 -29.85 18.06 27.26
CA LYS B 38 -29.27 16.72 27.26
C LYS B 38 -28.33 16.57 28.48
N ASN B 39 -27.02 16.51 28.27
CA ASN B 39 -26.13 16.38 29.41
C ASN B 39 -25.36 17.67 29.59
N THR B 40 -24.58 17.99 28.57
CA THR B 40 -23.79 19.21 28.49
C THR B 40 -24.31 20.07 27.33
N ARG B 41 -25.41 19.61 26.72
CA ARG B 41 -26.03 20.32 25.61
C ARG B 41 -27.32 21.04 25.99
N LEU B 42 -27.52 22.22 25.42
CA LEU B 42 -28.79 22.93 25.60
C LEU B 42 -29.52 23.24 24.29
N GLU B 43 -30.51 22.43 23.93
CA GLU B 43 -31.31 22.68 22.73
C GLU B 43 -32.41 23.70 22.99
N ILE B 44 -32.55 24.64 22.05
CA ILE B 44 -33.61 25.63 22.13
C ILE B 44 -34.54 25.47 20.92
N TYR B 45 -35.81 25.23 21.21
CA TYR B 45 -36.82 25.07 20.17
C TYR B 45 -37.89 26.15 20.26
N VAL B 46 -38.65 26.30 19.17
CA VAL B 46 -39.87 27.11 19.15
C VAL B 46 -40.95 26.24 18.53
N VAL B 47 -42.14 26.27 19.15
CA VAL B 47 -43.26 25.41 18.75
C VAL B 47 -44.05 26.00 17.59
N THR B 48 -44.61 25.12 16.77
CA THR B 48 -45.47 25.48 15.65
C THR B 48 -46.63 24.49 15.52
N ALA B 49 -47.46 24.67 14.50
CA ALA B 49 -48.52 23.73 14.17
C ALA B 49 -47.96 22.39 13.64
N GLU B 50 -46.84 22.45 12.94
CA GLU B 50 -46.18 21.27 12.37
C GLU B 50 -45.40 20.46 13.45
N GLY B 51 -44.70 21.18 14.32
CA GLY B 51 -43.89 20.55 15.36
C GLY B 51 -42.98 21.57 16.03
N LEU B 52 -41.69 21.27 16.05
CA LEU B 52 -40.69 22.17 16.64
C LEU B 52 -39.75 22.79 15.60
N ARG B 53 -39.59 24.11 15.69
CA ARG B 53 -38.56 24.83 14.94
C ARG B 53 -37.29 25.02 15.82
N PRO B 54 -36.19 24.32 15.49
CA PRO B 54 -34.91 24.48 16.18
C PRO B 54 -34.31 25.86 15.92
N VAL B 55 -33.75 26.46 16.97
CA VAL B 55 -33.45 27.89 16.98
C VAL B 55 -32.06 28.23 17.49
N LYS B 56 -31.58 27.44 18.45
CA LYS B 56 -30.22 27.61 19.00
C LYS B 56 -29.80 26.40 19.81
N GLU B 57 -28.76 25.73 19.33
CA GLU B 57 -28.10 24.67 20.07
C GLU B 57 -26.91 25.32 20.73
N VAL B 58 -26.64 24.96 21.99
CA VAL B 58 -25.37 25.35 22.63
C VAL B 58 -24.75 24.20 23.40
N GLY B 59 -23.50 24.39 23.81
CA GLY B 59 -22.85 23.48 24.74
C GLY B 59 -22.67 24.17 26.08
N MET B 60 -22.24 23.39 27.07
CA MET B 60 -22.01 23.90 28.42
C MET B 60 -20.83 23.20 29.08
N TYR B 61 -20.05 23.95 29.85
CA TYR B 61 -18.94 23.35 30.58
C TYR B 61 -19.41 22.73 31.89
N GLY B 62 -20.48 21.95 31.81
CA GLY B 62 -21.01 21.23 32.95
C GLY B 62 -22.16 20.29 32.64
N LYS B 63 -22.34 19.29 33.50
CA LYS B 63 -23.54 18.47 33.45
C LYS B 63 -24.71 19.26 34.01
N ILE B 64 -25.67 19.57 33.15
CA ILE B 64 -26.90 20.24 33.60
C ILE B 64 -27.70 19.38 34.59
N ALA B 65 -27.92 19.92 35.79
CA ALA B 65 -28.62 19.22 36.87
C ALA B 65 -29.92 19.90 37.29
N VAL B 66 -29.96 21.22 37.10
CA VAL B 66 -31.17 22.00 37.30
C VAL B 66 -31.35 22.93 36.10
N MET B 67 -32.55 22.96 35.55
CA MET B 67 -32.86 23.89 34.46
C MET B 67 -34.26 24.47 34.62
N GLU B 68 -34.32 25.77 34.94
CA GLU B 68 -35.60 26.43 35.17
C GLU B 68 -35.76 27.71 34.38
N LEU B 69 -36.99 27.98 33.96
CA LEU B 69 -37.34 29.29 33.41
C LEU B 69 -38.09 30.06 34.48
N PHE B 70 -37.69 31.31 34.68
CA PHE B 70 -38.30 32.19 35.67
C PHE B 70 -38.33 33.62 35.14
N ARG B 71 -39.30 34.40 35.62
CA ARG B 71 -39.47 35.78 35.17
C ARG B 71 -39.94 36.67 36.31
N PRO B 72 -39.08 37.60 36.75
CA PRO B 72 -39.47 38.56 37.79
C PRO B 72 -40.17 39.80 37.23
N LYS B 73 -40.60 40.69 38.12
CA LYS B 73 -40.99 42.05 37.73
C LYS B 73 -39.81 42.70 37.00
N GLY B 74 -40.06 43.83 36.33
CA GLY B 74 -39.01 44.54 35.58
C GLY B 74 -38.28 43.68 34.57
N GLU B 75 -39.01 42.76 33.94
CA GLU B 75 -38.49 41.86 32.91
C GLU B 75 -39.51 41.64 31.80
N SER B 76 -39.04 41.41 30.58
CA SER B 76 -39.91 41.27 29.40
C SER B 76 -40.15 39.81 28.95
N LYS B 77 -39.14 38.96 29.14
CA LYS B 77 -39.23 37.56 28.74
C LYS B 77 -38.45 36.71 29.75
N ASP B 78 -38.80 35.42 29.82
CA ASP B 78 -38.21 34.51 30.80
C ASP B 78 -36.69 34.39 30.64
N LEU B 79 -36.01 34.31 31.78
CA LEU B 79 -34.56 34.10 31.80
C LEU B 79 -34.29 32.65 32.18
N LEU B 80 -33.11 32.15 31.85
CA LEU B 80 -32.81 30.78 32.18
C LEU B 80 -31.90 30.69 33.39
N PHE B 81 -32.20 29.72 34.25
CA PHE B 81 -31.35 29.38 35.37
C PHE B 81 -30.79 27.99 35.13
N ILE B 82 -29.48 27.89 35.22
CA ILE B 82 -28.79 26.65 35.00
C ILE B 82 -27.93 26.40 36.23
N LEU B 83 -27.87 25.15 36.68
CA LEU B 83 -26.89 24.73 37.69
C LEU B 83 -26.21 23.44 37.25
N THR B 84 -24.87 23.42 37.29
CA THR B 84 -24.12 22.24 36.90
C THR B 84 -23.76 21.32 38.08
N ALA B 85 -23.60 20.03 37.78
CA ALA B 85 -23.20 19.04 38.78
C ALA B 85 -21.93 19.39 39.57
N LYS B 86 -21.11 20.28 39.01
CA LYS B 86 -19.93 20.81 39.69
C LYS B 86 -20.30 22.06 40.47
N TYR B 87 -21.61 22.34 40.52
CA TYR B 87 -22.19 23.44 41.28
C TYR B 87 -21.98 24.84 40.68
N ASN B 88 -21.73 24.92 39.38
CA ASN B 88 -21.71 26.20 38.64
C ASN B 88 -23.15 26.66 38.33
N ALA B 89 -23.56 27.76 38.94
CA ALA B 89 -24.86 28.36 38.67
C ALA B 89 -24.71 29.61 37.82
N CYS B 90 -25.69 29.85 36.95
CA CYS B 90 -25.70 31.05 36.11
C CYS B 90 -27.12 31.53 35.84
N ILE B 91 -27.27 32.63 35.11
CA ILE B 91 -28.58 33.15 34.70
C ILE B 91 -28.50 33.65 33.26
N LEU B 92 -29.30 33.05 32.40
CA LEU B 92 -29.13 33.22 30.96
C LEU B 92 -30.29 33.94 30.30
N GLU B 93 -29.95 34.86 29.40
CA GLU B 93 -30.90 35.60 28.56
C GLU B 93 -30.54 35.37 27.10
N TYR B 94 -31.57 35.29 26.27
CA TYR B 94 -31.40 35.06 24.83
C TYR B 94 -31.46 36.38 24.08
N LYS B 95 -30.29 36.84 23.63
CA LYS B 95 -30.19 38.15 23.01
C LYS B 95 -29.93 38.06 21.51
N GLN B 96 -30.93 38.41 20.72
CA GLN B 96 -30.79 38.42 19.28
C GLN B 96 -30.33 39.80 18.83
N SER B 97 -29.35 39.82 17.92
CA SER B 97 -28.91 41.05 17.29
C SER B 97 -29.28 40.99 15.82
N GLY B 98 -30.58 41.11 15.55
CA GLY B 98 -31.14 41.02 14.21
C GLY B 98 -31.11 39.62 13.63
N GLU B 99 -29.91 39.18 13.23
CA GLU B 99 -29.71 37.88 12.57
C GLU B 99 -28.73 37.02 13.33
N SER B 100 -27.91 37.65 14.18
CA SER B 100 -26.91 36.94 14.97
C SER B 100 -27.42 36.75 16.40
N ILE B 101 -27.34 35.52 16.91
CA ILE B 101 -27.95 35.17 18.20
C ILE B 101 -26.93 34.89 19.31
N ASP B 102 -27.31 35.18 20.56
CA ASP B 102 -26.41 35.09 21.71
C ASP B 102 -27.14 34.65 23.00
N ILE B 103 -26.63 33.59 23.64
CA ILE B 103 -27.08 33.17 24.99
C ILE B 103 -26.12 33.78 26.01
N ILE B 104 -26.56 34.88 26.62
CA ILE B 104 -25.69 35.70 27.46
C ILE B 104 -25.83 35.38 28.94
N THR B 105 -24.86 35.81 29.75
CA THR B 105 -24.81 35.46 31.17
C THR B 105 -25.11 36.66 32.06
N ARG B 106 -26.36 36.78 32.51
CA ARG B 106 -26.79 37.92 33.32
C ARG B 106 -26.22 37.91 34.74
N ALA B 107 -25.84 36.72 35.21
CA ALA B 107 -25.16 36.56 36.49
C ALA B 107 -24.69 35.12 36.56
N HIS B 108 -23.57 34.88 37.24
CA HIS B 108 -23.06 33.53 37.42
C HIS B 108 -22.38 33.42 38.76
N GLY B 109 -21.79 32.26 39.06
CA GLY B 109 -21.02 32.11 40.29
C GLY B 109 -21.23 30.73 40.86
N ASN B 110 -20.15 30.11 41.32
CA ASN B 110 -20.20 28.73 41.82
C ASN B 110 -20.78 28.64 43.21
N VAL B 111 -21.73 27.72 43.41
CA VAL B 111 -22.50 27.64 44.65
C VAL B 111 -22.39 26.34 45.44
N GLN B 112 -21.19 25.75 45.49
CA GLN B 112 -20.96 24.58 46.32
C GLN B 112 -20.71 25.00 47.78
N ASP B 113 -20.24 24.06 48.60
CA ASP B 113 -19.74 24.34 49.96
C ASP B 113 -18.68 23.33 50.36
N ARG B 114 -17.78 23.73 51.25
CA ARG B 114 -16.74 22.84 51.74
C ARG B 114 -17.35 21.62 52.45
N ILE B 115 -18.44 21.86 53.18
CA ILE B 115 -19.12 20.86 54.00
C ILE B 115 -20.44 20.38 53.38
N GLY B 116 -20.75 19.11 53.60
CA GLY B 116 -22.04 18.55 53.24
C GLY B 116 -21.95 17.35 52.33
N ARG B 117 -22.58 16.25 52.75
CA ARG B 117 -22.70 15.07 51.92
C ARG B 117 -23.79 15.30 50.86
N PRO B 118 -23.47 15.01 49.57
CA PRO B 118 -24.48 15.19 48.51
C PRO B 118 -25.58 14.14 48.70
N SER B 119 -26.73 14.59 49.20
CA SER B 119 -27.76 13.68 49.68
C SER B 119 -28.37 12.78 48.61
N GLU B 120 -29.12 11.78 49.10
CA GLU B 120 -30.05 10.94 48.34
C GLU B 120 -30.98 11.81 47.49
N THR B 121 -31.31 11.33 46.30
CA THR B 121 -32.20 12.06 45.36
C THR B 121 -31.47 13.19 44.61
N GLY B 122 -30.21 13.41 44.96
CA GLY B 122 -29.37 14.42 44.30
C GLY B 122 -29.86 15.86 44.47
N ILE B 123 -29.45 16.72 43.55
CA ILE B 123 -29.80 18.14 43.58
C ILE B 123 -31.30 18.39 43.41
N ILE B 124 -31.77 19.49 44.02
CA ILE B 124 -33.09 20.08 43.78
C ILE B 124 -32.95 21.60 43.71
N GLY B 125 -33.22 22.19 42.55
CA GLY B 125 -33.32 23.64 42.43
C GLY B 125 -34.77 24.04 42.34
N ILE B 126 -35.14 25.15 42.98
CA ILE B 126 -36.52 25.66 42.90
C ILE B 126 -36.58 27.18 43.00
N ILE B 127 -37.57 27.77 42.33
CA ILE B 127 -37.75 29.22 42.32
C ILE B 127 -39.16 29.64 42.78
N ASP B 128 -39.21 30.48 43.82
CA ASP B 128 -40.44 31.03 44.37
C ASP B 128 -41.20 31.88 43.33
N PRO B 129 -42.53 31.64 43.17
CA PRO B 129 -43.41 32.38 42.24
C PRO B 129 -43.27 33.91 42.24
N GLU B 130 -42.84 34.48 43.36
CA GLU B 130 -42.54 35.91 43.44
C GLU B 130 -41.19 36.26 42.78
N CYS B 131 -40.30 35.27 42.66
CA CYS B 131 -38.93 35.46 42.16
C CYS B 131 -38.11 36.32 43.10
N ARG B 132 -38.46 36.28 44.38
CA ARG B 132 -37.75 37.04 45.40
C ARG B 132 -36.44 36.35 45.80
N MET B 133 -36.32 35.09 45.38
CA MET B 133 -35.22 34.21 45.76
C MET B 133 -35.24 32.93 44.91
N ILE B 134 -34.05 32.33 44.76
CA ILE B 134 -33.93 30.96 44.28
C ILE B 134 -33.55 30.08 45.46
N GLY B 135 -34.16 28.90 45.53
CA GLY B 135 -33.84 27.92 46.56
C GLY B 135 -33.12 26.73 45.98
N LEU B 136 -32.34 26.06 46.82
CA LEU B 136 -31.54 24.90 46.42
C LEU B 136 -31.42 23.91 47.57
N ARG B 137 -31.53 22.62 47.26
CA ARG B 137 -31.08 21.61 48.19
C ARG B 137 -29.85 20.98 47.57
N LEU B 138 -28.67 21.37 48.05
CA LEU B 138 -27.44 20.75 47.59
C LEU B 138 -27.01 19.64 48.53
N TYR B 139 -26.96 19.96 49.82
CA TYR B 139 -26.36 19.05 50.80
C TYR B 139 -27.27 18.61 51.94
N ASP B 140 -27.25 17.31 52.22
CA ASP B 140 -27.85 16.74 53.44
C ASP B 140 -27.87 17.76 54.58
N GLY B 141 -29.06 18.19 54.97
CA GLY B 141 -29.23 19.01 56.17
C GLY B 141 -28.96 20.49 56.04
N LEU B 142 -28.66 20.97 54.84
CA LEU B 142 -28.56 22.41 54.62
C LEU B 142 -29.56 22.78 53.56
N PHE B 143 -29.97 24.04 53.55
CA PHE B 143 -30.78 24.54 52.47
C PHE B 143 -30.19 25.85 51.98
N LYS B 144 -29.69 25.86 50.74
CA LYS B 144 -29.00 27.02 50.19
C LYS B 144 -29.98 27.98 49.52
N VAL B 145 -30.02 29.20 50.02
CA VAL B 145 -30.89 30.24 49.46
C VAL B 145 -30.05 31.24 48.69
N ILE B 146 -30.42 31.46 47.43
CA ILE B 146 -29.79 32.52 46.64
C ILE B 146 -30.78 33.67 46.52
N PRO B 147 -30.59 34.72 47.35
CA PRO B 147 -31.52 35.85 47.45
C PRO B 147 -31.52 36.64 46.17
N LEU B 148 -32.50 36.37 45.32
CA LEU B 148 -32.53 36.94 43.97
C LEU B 148 -33.00 38.39 43.96
N ASP B 149 -32.09 39.27 43.55
CA ASP B 149 -32.36 40.70 43.44
C ASP B 149 -31.59 41.33 42.26
N ARG B 150 -31.57 42.65 42.25
CA ARG B 150 -30.93 43.45 41.21
C ARG B 150 -29.42 43.22 41.19
N ASP B 151 -28.80 43.32 42.38
CA ASP B 151 -27.34 43.28 42.57
C ASP B 151 -26.82 41.87 42.30
N ASN B 152 -26.25 41.24 43.33
CA ASN B 152 -26.04 39.78 43.36
C ASN B 152 -25.75 39.13 42.00
N LYS B 153 -24.76 39.67 41.28
CA LYS B 153 -24.39 39.16 39.97
C LYS B 153 -23.39 38.04 40.09
N GLU B 154 -22.87 37.86 41.31
CA GLU B 154 -21.97 36.78 41.61
C GLU B 154 -22.78 35.62 42.21
N LEU B 155 -24.10 35.77 42.12
CA LEU B 155 -25.09 34.82 42.67
C LEU B 155 -24.74 34.37 44.06
N LYS B 156 -24.44 35.35 44.92
CA LYS B 156 -24.06 35.10 46.31
C LYS B 156 -25.19 34.38 47.04
N ALA B 157 -24.81 33.34 47.80
CA ALA B 157 -25.77 32.50 48.49
C ALA B 157 -25.55 32.54 50.00
N PHE B 158 -26.56 32.08 50.74
CA PHE B 158 -26.42 31.80 52.16
C PHE B 158 -27.14 30.51 52.49
N ASN B 159 -26.67 29.81 53.52
CA ASN B 159 -27.28 28.56 53.95
C ASN B 159 -28.11 28.76 55.21
N ILE B 160 -28.94 27.77 55.52
CA ILE B 160 -29.74 27.72 56.75
C ILE B 160 -29.74 26.26 57.18
N ARG B 161 -29.53 26.00 58.47
CA ARG B 161 -29.53 24.61 58.97
C ARG B 161 -30.93 23.98 58.92
N LEU B 162 -30.98 22.76 58.37
CA LEU B 162 -32.20 21.95 58.28
C LEU B 162 -32.24 20.90 59.39
N GLU B 163 -33.35 20.88 60.13
CA GLU B 163 -33.54 19.91 61.21
C GLU B 163 -33.69 18.46 60.70
N GLU B 164 -34.06 18.31 59.43
CA GLU B 164 -34.31 16.98 58.83
C GLU B 164 -33.25 16.55 57.81
N LEU B 165 -32.43 15.56 58.17
CA LEU B 165 -31.33 15.10 57.30
C LEU B 165 -31.73 13.92 56.39
N HIS B 166 -32.87 14.06 55.71
CA HIS B 166 -33.26 13.17 54.60
C HIS B 166 -34.54 13.68 53.95
N VAL B 167 -34.38 14.57 52.98
CA VAL B 167 -35.52 15.15 52.28
C VAL B 167 -35.73 14.42 50.97
N ILE B 168 -36.98 14.33 50.54
CA ILE B 168 -37.36 13.57 49.34
C ILE B 168 -37.80 14.46 48.17
N ASP B 169 -38.65 15.47 48.42
CA ASP B 169 -38.98 16.47 47.38
C ASP B 169 -39.46 17.83 47.87
N VAL B 170 -38.91 18.88 47.29
CA VAL B 170 -39.18 20.24 47.72
C VAL B 170 -39.82 21.01 46.58
N LYS B 171 -40.77 21.88 46.92
CA LYS B 171 -41.33 22.86 46.00
C LYS B 171 -41.56 24.13 46.78
N PHE B 172 -41.92 25.19 46.07
CA PHE B 172 -42.44 26.39 46.71
C PHE B 172 -43.95 26.33 46.60
N LEU B 173 -44.64 26.91 47.58
CA LEU B 173 -46.09 26.96 47.56
C LEU B 173 -46.54 28.24 46.90
N TYR B 174 -47.57 28.12 46.07
CA TYR B 174 -48.18 29.26 45.43
C TYR B 174 -49.01 30.08 46.41
N GLY B 175 -49.11 31.38 46.17
CA GLY B 175 -50.03 32.27 46.89
C GLY B 175 -49.71 32.54 48.35
N CYS B 176 -48.51 32.13 48.75
CA CYS B 176 -48.03 32.29 50.13
C CYS B 176 -47.46 33.69 50.36
N GLN B 177 -47.75 34.28 51.53
CA GLN B 177 -47.31 35.63 51.87
C GLN B 177 -45.79 35.72 51.77
N ALA B 178 -45.10 34.97 52.62
CA ALA B 178 -43.65 34.86 52.55
C ALA B 178 -43.27 33.85 51.45
N PRO B 179 -41.98 33.76 51.11
CA PRO B 179 -41.56 32.59 50.33
C PRO B 179 -41.69 31.34 51.20
N THR B 180 -42.42 30.35 50.71
CA THR B 180 -42.76 29.16 51.51
C THR B 180 -42.51 27.85 50.76
N ILE B 181 -41.95 26.87 51.47
CA ILE B 181 -41.66 25.57 50.87
C ILE B 181 -42.50 24.42 51.44
N CYS B 182 -42.47 23.30 50.73
CA CYS B 182 -43.22 22.10 51.08
C CYS B 182 -42.36 20.89 50.74
N PHE B 183 -42.15 20.02 51.71
CA PHE B 183 -41.32 18.84 51.47
C PHE B 183 -41.77 17.55 52.15
N VAL B 184 -41.63 16.46 51.43
CA VAL B 184 -41.65 15.12 51.99
C VAL B 184 -40.26 14.88 52.62
N TYR B 185 -40.23 14.36 53.85
CA TYR B 185 -38.94 13.97 54.44
C TYR B 185 -39.04 12.62 55.15
N GLN B 186 -37.89 12.03 55.48
CA GLN B 186 -37.87 10.70 56.12
C GLN B 186 -37.13 10.67 57.48
N ASP B 187 -37.69 9.88 58.39
CA ASP B 187 -37.06 9.58 59.68
C ASP B 187 -37.63 8.24 60.20
N PRO B 188 -37.12 7.74 61.35
CA PRO B 188 -37.46 6.39 61.83
C PRO B 188 -38.97 6.06 61.97
N GLN B 189 -39.84 7.04 61.81
CA GLN B 189 -41.29 6.81 61.92
C GLN B 189 -41.92 6.51 60.57
N GLY B 190 -41.35 7.12 59.53
CA GLY B 190 -41.91 7.10 58.19
C GLY B 190 -42.03 8.52 57.67
N ARG B 191 -42.52 8.67 56.44
CA ARG B 191 -42.51 9.96 55.77
C ARG B 191 -43.50 10.98 56.30
N HIS B 192 -43.02 12.22 56.40
CA HIS B 192 -43.86 13.34 56.81
C HIS B 192 -43.76 14.47 55.78
N VAL B 193 -44.77 15.33 55.79
CA VAL B 193 -44.76 16.57 55.04
C VAL B 193 -44.69 17.72 56.03
N LYS B 194 -43.87 18.73 55.71
CA LYS B 194 -43.64 19.83 56.62
C LYS B 194 -43.51 21.14 55.83
N THR B 195 -43.73 22.27 56.50
CA THR B 195 -43.58 23.59 55.87
C THR B 195 -42.75 24.59 56.70
N TYR B 196 -42.00 25.41 55.97
CA TYR B 196 -41.26 26.55 56.51
C TYR B 196 -41.50 27.78 55.63
N GLU B 197 -41.66 28.94 56.26
CA GLU B 197 -41.46 30.23 55.60
C GLU B 197 -39.95 30.41 55.40
N VAL B 198 -39.56 31.41 54.61
CA VAL B 198 -38.14 31.73 54.47
C VAL B 198 -37.94 33.24 54.66
N SER B 199 -37.46 33.62 55.84
CA SER B 199 -37.32 35.02 56.23
C SER B 199 -35.94 35.52 55.82
N LEU B 200 -35.80 35.94 54.58
CA LEU B 200 -34.52 36.45 54.07
C LEU B 200 -34.06 37.71 54.81
N ARG B 201 -34.92 38.17 55.72
CA ARG B 201 -34.61 39.26 56.64
C ARG B 201 -33.67 38.75 57.74
N GLU B 202 -34.13 37.74 58.49
CA GLU B 202 -33.40 37.22 59.65
C GLU B 202 -32.55 36.00 59.28
N LYS B 203 -32.65 35.59 58.01
CA LYS B 203 -32.00 34.38 57.46
C LYS B 203 -32.31 33.08 58.23
N GLU B 204 -33.52 33.02 58.79
CA GLU B 204 -34.01 31.85 59.50
C GLU B 204 -35.09 31.18 58.66
N PHE B 205 -35.87 30.31 59.27
CA PHE B 205 -36.99 29.68 58.58
C PHE B 205 -38.36 30.10 59.12
N ASN B 206 -38.54 30.04 60.41
CA ASN B 206 -39.81 30.30 61.10
C ASN B 206 -40.84 29.20 60.80
N LYS B 207 -42.00 29.30 61.29
CA LYS B 207 -43.06 28.25 61.28
C LYS B 207 -43.71 28.38 59.89
N GLY B 208 -44.25 27.28 59.37
CA GLY B 208 -44.96 27.26 58.09
C GLY B 208 -46.47 27.35 58.21
N PRO B 209 -47.15 27.83 57.14
CA PRO B 209 -48.61 27.98 57.01
C PRO B 209 -49.50 26.83 57.52
N TRP B 210 -49.08 25.58 57.35
CA TRP B 210 -49.87 24.48 57.91
C TRP B 210 -49.06 23.37 58.55
N LYS B 211 -49.65 22.80 59.60
CA LYS B 211 -49.00 21.81 60.46
C LYS B 211 -48.45 20.60 59.73
N GLN B 212 -47.40 20.02 60.32
CA GLN B 212 -46.75 18.82 59.81
C GLN B 212 -47.78 17.70 59.69
N GLU B 213 -47.86 17.13 58.50
CA GLU B 213 -48.79 16.04 58.24
C GLU B 213 -48.01 14.76 57.96
N ASN B 214 -48.74 13.66 57.83
CA ASN B 214 -48.18 12.40 57.38
C ASN B 214 -48.29 12.29 55.86
N VAL B 215 -47.43 11.48 55.27
CA VAL B 215 -47.65 10.98 53.93
C VAL B 215 -47.10 9.57 53.90
N GLU B 216 -47.44 8.82 52.86
CA GLU B 216 -47.22 7.39 52.84
C GLU B 216 -45.76 6.94 52.89
N ALA B 217 -45.57 5.65 53.18
CA ALA B 217 -44.26 5.03 53.33
C ALA B 217 -43.48 4.93 52.02
N GLU B 218 -44.00 5.56 50.97
CA GLU B 218 -43.42 5.47 49.63
C GLU B 218 -43.57 6.74 48.77
N ALA B 219 -43.90 7.85 49.43
CA ALA B 219 -44.11 9.14 48.76
C ALA B 219 -42.80 9.60 48.13
N SER B 220 -42.87 10.16 46.92
CA SER B 220 -41.65 10.51 46.21
C SER B 220 -41.74 11.74 45.32
N MET B 221 -42.84 12.47 45.38
CA MET B 221 -42.99 13.67 44.57
C MET B 221 -43.84 14.73 45.26
N VAL B 222 -43.49 15.99 45.04
CA VAL B 222 -44.35 17.10 45.46
C VAL B 222 -44.76 17.89 44.24
N ILE B 223 -46.06 18.00 44.03
CA ILE B 223 -46.58 18.92 43.02
C ILE B 223 -47.12 20.15 43.74
N ALA B 224 -46.48 21.29 43.52
CA ALA B 224 -47.02 22.55 43.98
C ALA B 224 -48.17 22.91 43.04
N VAL B 225 -49.21 23.57 43.56
CA VAL B 225 -50.41 23.85 42.77
C VAL B 225 -50.72 25.35 42.64
N PRO B 226 -50.92 25.82 41.39
CA PRO B 226 -51.27 27.17 40.98
C PRO B 226 -52.19 27.99 41.88
N GLU B 227 -52.33 29.25 41.50
CA GLU B 227 -53.02 30.29 42.27
C GLU B 227 -54.43 29.99 42.80
N PRO B 228 -55.37 29.52 41.95
CA PRO B 228 -56.76 29.45 42.43
C PRO B 228 -57.01 28.33 43.44
N PHE B 229 -56.22 27.27 43.34
CA PHE B 229 -56.36 26.09 44.18
C PHE B 229 -55.39 26.13 45.36
N GLY B 230 -54.11 26.36 45.06
CA GLY B 230 -53.06 26.33 46.06
C GLY B 230 -52.86 24.93 46.59
N GLY B 231 -51.96 24.79 47.56
CA GLY B 231 -51.72 23.51 48.21
C GLY B 231 -50.78 22.58 47.45
N ALA B 232 -50.64 21.36 47.96
CA ALA B 232 -49.64 20.42 47.48
C ALA B 232 -50.25 19.07 47.11
N ILE B 233 -49.80 18.52 45.99
CA ILE B 233 -50.17 17.18 45.61
C ILE B 233 -48.98 16.24 45.83
N ILE B 234 -49.17 15.25 46.69
CA ILE B 234 -48.12 14.29 46.98
C ILE B 234 -48.39 12.94 46.32
N ILE B 235 -47.53 12.56 45.38
CA ILE B 235 -47.64 11.26 44.73
C ILE B 235 -46.73 10.27 45.41
N GLY B 236 -47.21 9.03 45.54
CA GLY B 236 -46.39 7.95 46.05
C GLY B 236 -46.66 6.70 45.27
N GLN B 237 -46.80 5.59 45.98
CA GLN B 237 -47.23 4.36 45.39
C GLN B 237 -48.66 4.11 45.80
N GLU B 238 -49.41 3.36 44.98
CA GLU B 238 -50.81 2.98 45.25
C GLU B 238 -51.77 4.17 45.44
N SER B 239 -51.21 5.29 45.88
CA SER B 239 -51.98 6.39 46.44
C SER B 239 -51.50 7.77 45.98
N ILE B 240 -52.46 8.64 45.69
CA ILE B 240 -52.19 10.04 45.37
C ILE B 240 -52.97 10.88 46.37
N THR B 241 -52.28 11.78 47.06
CA THR B 241 -52.92 12.58 48.10
C THR B 241 -53.02 14.05 47.69
N TYR B 242 -53.69 14.86 48.51
CA TYR B 242 -53.73 16.30 48.33
C TYR B 242 -53.61 16.99 49.68
N HIS B 243 -52.76 18.02 49.74
CA HIS B 243 -52.59 18.77 50.98
C HIS B 243 -52.83 20.26 50.81
N ASN B 244 -53.65 20.78 51.71
CA ASN B 244 -53.71 22.22 51.97
C ASN B 244 -53.65 22.41 53.48
N GLY B 245 -53.30 21.33 54.18
CA GLY B 245 -53.06 21.33 55.61
C GLY B 245 -54.32 21.31 56.43
N ASP B 246 -55.33 22.03 55.95
CA ASP B 246 -56.66 22.00 56.54
C ASP B 246 -57.55 21.12 55.67
N LYS B 247 -57.05 20.83 54.47
CA LYS B 247 -57.72 19.93 53.54
C LYS B 247 -56.87 18.70 53.29
N TYR B 248 -57.53 17.58 53.02
CA TYR B 248 -56.88 16.30 52.73
C TYR B 248 -57.79 15.46 51.82
N LEU B 249 -57.46 15.43 50.53
CA LEU B 249 -58.17 14.57 49.58
C LEU B 249 -57.23 13.47 49.11
N ALA B 250 -57.72 12.25 49.05
CA ALA B 250 -56.89 11.09 48.70
C ALA B 250 -57.56 10.12 47.74
N ILE B 251 -56.77 9.48 46.89
CA ILE B 251 -57.24 8.41 46.01
C ILE B 251 -56.22 7.29 45.84
N ALA B 252 -56.68 6.05 46.01
CA ALA B 252 -55.83 4.87 45.88
C ALA B 252 -56.26 3.93 44.74
N PRO B 253 -56.17 4.40 43.47
CA PRO B 253 -56.71 3.56 42.39
C PRO B 253 -55.70 2.49 41.98
N PRO B 254 -56.14 1.21 41.91
CA PRO B 254 -55.27 0.09 41.55
C PRO B 254 -54.43 0.33 40.29
N ILE B 255 -54.96 1.07 39.32
CA ILE B 255 -54.27 1.30 38.06
C ILE B 255 -52.85 1.88 38.24
N ILE B 256 -52.70 2.93 39.04
CA ILE B 256 -51.38 3.53 39.27
C ILE B 256 -50.44 2.60 40.04
N LYS B 257 -51.03 1.71 40.85
CA LYS B 257 -50.27 0.81 41.72
C LYS B 257 -49.18 0.06 40.96
N GLN B 258 -49.56 -0.64 39.89
CA GLN B 258 -48.68 -1.54 39.14
C GLN B 258 -47.23 -1.04 38.92
N SER B 259 -47.04 0.28 38.93
CA SER B 259 -45.69 0.88 38.85
C SER B 259 -45.60 2.28 39.48
N THR B 260 -44.39 2.85 39.48
CA THR B 260 -44.16 4.10 40.19
C THR B 260 -44.28 5.28 39.24
N ILE B 261 -45.09 6.27 39.63
CA ILE B 261 -45.13 7.54 38.90
C ILE B 261 -43.78 8.25 39.08
N VAL B 262 -43.03 8.34 37.98
CA VAL B 262 -41.66 8.90 37.99
C VAL B 262 -41.55 10.39 37.63
N CYS B 263 -42.42 10.88 36.75
CA CYS B 263 -42.42 12.28 36.32
C CYS B 263 -43.83 12.86 36.12
N HIS B 264 -44.02 14.09 36.57
CA HIS B 264 -45.29 14.81 36.43
C HIS B 264 -45.14 16.03 35.54
N ASN B 265 -46.24 16.77 35.35
CA ASN B 265 -46.27 18.04 34.59
C ASN B 265 -47.69 18.57 34.32
N ARG B 266 -47.85 19.88 34.56
CA ARG B 266 -49.13 20.58 34.40
C ARG B 266 -49.46 20.88 32.94
N VAL B 267 -50.75 20.79 32.64
CA VAL B 267 -51.29 21.03 31.30
C VAL B 267 -51.97 22.39 31.20
N ASP B 268 -52.93 22.65 32.10
CA ASP B 268 -53.62 23.94 32.12
C ASP B 268 -53.08 24.80 33.26
N PRO B 269 -52.77 26.08 33.00
CA PRO B 269 -52.11 26.99 33.97
C PRO B 269 -52.84 27.16 35.30
N ASN B 270 -54.15 26.93 35.31
CA ASN B 270 -54.94 26.98 36.53
C ASN B 270 -54.80 25.69 37.34
N GLY B 271 -53.82 24.89 36.95
CA GLY B 271 -53.49 23.64 37.64
C GLY B 271 -54.58 22.58 37.64
N SER B 272 -55.50 22.69 36.69
CA SER B 272 -56.65 21.78 36.61
C SER B 272 -56.29 20.36 36.17
N ARG B 273 -55.31 20.24 35.26
CA ARG B 273 -54.93 18.95 34.68
C ARG B 273 -53.43 18.72 34.63
N TYR B 274 -52.99 17.53 35.03
CA TYR B 274 -51.57 17.17 35.01
C TYR B 274 -51.30 15.89 34.21
N LEU B 275 -50.04 15.70 33.83
CA LEU B 275 -49.60 14.50 33.13
C LEU B 275 -48.74 13.63 34.05
N LEU B 276 -48.80 12.32 33.91
CA LEU B 276 -48.00 11.46 34.77
C LEU B 276 -47.23 10.34 34.05
N GLY B 277 -45.93 10.24 34.35
CA GLY B 277 -45.06 9.20 33.81
C GLY B 277 -44.88 7.99 34.71
N ASP B 278 -44.82 6.81 34.10
CA ASP B 278 -44.66 5.54 34.81
C ASP B 278 -43.34 4.89 34.39
N MET B 279 -42.72 4.11 35.28
CA MET B 279 -41.54 3.29 34.95
C MET B 279 -41.84 2.32 33.81
N GLU B 280 -43.13 2.08 33.56
CA GLU B 280 -43.61 1.11 32.56
C GLU B 280 -43.75 1.70 31.18
N GLY B 281 -43.84 3.03 31.09
CA GLY B 281 -44.10 3.73 29.84
C GLY B 281 -45.39 4.52 29.88
N ARG B 282 -46.38 3.97 30.58
CA ARG B 282 -47.76 4.48 30.67
C ARG B 282 -47.89 5.96 31.01
N LEU B 283 -48.84 6.63 30.37
CA LEU B 283 -49.05 8.07 30.55
C LEU B 283 -50.43 8.36 31.08
N PHE B 284 -50.49 8.90 32.30
CA PHE B 284 -51.74 9.16 33.01
C PHE B 284 -52.13 10.62 33.02
N MET B 285 -53.41 10.86 33.26
CA MET B 285 -53.98 12.19 33.34
C MET B 285 -54.54 12.46 34.74
N LEU B 286 -53.81 13.27 35.51
CA LEU B 286 -54.19 13.63 36.89
C LEU B 286 -55.14 14.83 36.87
N LEU B 287 -56.38 14.58 37.29
CA LEU B 287 -57.47 15.53 37.13
C LEU B 287 -58.04 15.94 38.47
N LEU B 288 -58.22 17.24 38.66
CA LEU B 288 -58.85 17.78 39.87
C LEU B 288 -60.20 18.41 39.53
N GLU B 289 -61.15 18.31 40.44
CA GLU B 289 -62.49 18.84 40.17
C GLU B 289 -62.88 19.97 41.12
N LYS B 290 -62.93 21.18 40.60
CA LYS B 290 -63.39 22.35 41.34
C LYS B 290 -64.90 22.50 41.22
N GLU B 291 -65.53 22.92 42.32
CA GLU B 291 -66.96 23.24 42.31
C GLU B 291 -67.24 24.65 42.85
N GLU B 292 -66.87 25.64 42.03
CA GLU B 292 -67.01 27.07 42.36
C GLU B 292 -68.30 27.40 43.12
N GLN B 293 -68.15 28.13 44.22
CA GLN B 293 -69.29 28.54 45.04
C GLN B 293 -69.61 30.04 44.92
N MET B 294 -69.42 30.79 46.01
CA MET B 294 -69.72 32.23 46.03
C MET B 294 -68.77 33.00 46.96
N ASP B 295 -68.69 34.31 46.78
CA ASP B 295 -67.86 35.22 47.59
C ASP B 295 -66.49 34.66 47.95
N GLY B 296 -65.67 34.45 46.91
CA GLY B 296 -64.34 33.86 47.06
C GLY B 296 -63.86 33.39 45.70
N THR B 297 -63.21 32.23 45.65
CA THR B 297 -62.75 31.65 44.39
C THR B 297 -63.38 30.27 44.18
N VAL B 298 -62.52 29.25 44.07
CA VAL B 298 -62.91 27.87 43.77
C VAL B 298 -62.52 26.90 44.90
N THR B 299 -62.91 25.64 44.73
CA THR B 299 -62.69 24.61 45.76
C THR B 299 -62.07 23.34 45.15
N LEU B 300 -62.18 22.22 45.86
CA LEU B 300 -61.83 20.90 45.34
C LEU B 300 -62.75 19.86 45.98
N LYS B 301 -63.58 19.22 45.17
CA LYS B 301 -64.46 18.17 45.68
C LYS B 301 -63.77 16.82 45.57
N ASP B 302 -63.23 16.52 44.39
CA ASP B 302 -62.73 15.19 44.07
C ASP B 302 -61.60 15.25 43.04
N LEU B 303 -60.75 14.22 43.04
CA LEU B 303 -59.73 14.03 42.02
C LEU B 303 -59.70 12.58 41.55
N ARG B 304 -59.17 12.34 40.36
CA ARG B 304 -59.10 10.98 39.78
C ARG B 304 -58.04 10.84 38.67
N VAL B 305 -57.82 9.61 38.21
CA VAL B 305 -56.76 9.32 37.25
C VAL B 305 -57.24 8.45 36.07
N GLU B 306 -57.26 9.04 34.88
CA GLU B 306 -57.49 8.31 33.63
C GLU B 306 -56.18 7.72 33.10
N LEU B 307 -56.25 6.74 32.22
CA LEU B 307 -55.06 6.20 31.56
C LEU B 307 -55.05 6.56 30.08
N LEU B 308 -54.22 7.54 29.71
CA LEU B 308 -54.15 8.05 28.34
C LEU B 308 -53.57 7.08 27.30
N GLY B 309 -52.58 6.30 27.69
CA GLY B 309 -52.01 5.33 26.77
C GLY B 309 -50.61 4.89 27.11
N GLU B 310 -49.79 4.74 26.07
CA GLU B 310 -48.45 4.24 26.21
C GLU B 310 -47.45 5.15 25.52
N THR B 311 -46.37 5.48 26.22
CA THR B 311 -45.28 6.28 25.67
C THR B 311 -43.93 5.63 25.95
N SER B 312 -42.86 6.26 25.46
CA SER B 312 -41.51 5.89 25.83
C SER B 312 -41.36 6.19 27.31
N ILE B 313 -40.44 5.48 27.95
CA ILE B 313 -40.18 5.70 29.37
C ILE B 313 -39.76 7.16 29.58
N ALA B 314 -40.72 7.96 30.04
CA ALA B 314 -40.49 9.39 30.18
C ALA B 314 -39.65 9.68 31.41
N GLU B 315 -38.57 10.41 31.20
CA GLU B 315 -37.84 11.06 32.27
C GLU B 315 -38.43 12.45 32.38
N CYS B 316 -38.17 13.28 31.37
CA CYS B 316 -38.81 14.58 31.23
C CYS B 316 -40.16 14.48 30.54
N LEU B 317 -41.09 15.35 30.91
CA LEU B 317 -42.39 15.38 30.27
C LEU B 317 -42.88 16.82 30.26
N THR B 318 -43.55 17.22 29.17
CA THR B 318 -43.90 18.61 28.96
C THR B 318 -45.03 18.72 27.96
N TYR B 319 -46.16 19.26 28.40
CA TYR B 319 -47.24 19.59 27.48
C TYR B 319 -46.91 20.86 26.68
N LEU B 320 -47.23 20.82 25.38
CA LEU B 320 -47.04 21.97 24.50
C LEU B 320 -48.38 22.57 24.07
N ASP B 321 -48.48 22.96 22.80
CA ASP B 321 -49.61 23.75 22.30
C ASP B 321 -50.99 23.04 22.40
N ASN B 322 -51.29 22.17 21.46
CA ASN B 322 -52.63 21.64 21.36
C ASN B 322 -52.68 20.13 21.26
N GLY B 323 -52.77 19.50 22.44
CA GLY B 323 -52.74 18.04 22.52
C GLY B 323 -51.36 17.50 22.18
N VAL B 324 -50.40 18.42 22.04
CA VAL B 324 -49.03 18.03 21.74
C VAL B 324 -48.24 17.91 23.05
N VAL B 325 -47.67 16.73 23.25
CA VAL B 325 -46.90 16.44 24.46
C VAL B 325 -45.51 16.02 24.02
N PHE B 326 -44.51 16.47 24.76
CA PHE B 326 -43.13 16.06 24.49
C PHE B 326 -42.63 15.14 25.59
N VAL B 327 -42.33 13.91 25.19
CA VAL B 327 -42.05 12.82 26.10
C VAL B 327 -40.55 12.53 26.10
N GLY B 328 -39.82 13.22 26.99
CA GLY B 328 -38.35 13.11 27.04
C GLY B 328 -37.89 11.82 27.67
N SER B 329 -37.17 11.00 26.91
CA SER B 329 -36.76 9.67 27.39
C SER B 329 -35.25 9.53 27.54
N ARG B 330 -34.85 8.73 28.51
CA ARG B 330 -33.45 8.40 28.74
C ARG B 330 -33.18 6.92 28.48
N LEU B 331 -34.17 6.07 28.73
CA LEU B 331 -34.03 4.63 28.48
C LEU B 331 -34.42 4.26 27.04
N GLY B 332 -34.88 5.24 26.28
CA GLY B 332 -35.33 5.04 24.90
C GLY B 332 -35.45 6.33 24.13
N ASP B 333 -36.17 6.28 23.00
CA ASP B 333 -36.32 7.43 22.10
C ASP B 333 -37.27 8.45 22.68
N SER B 334 -36.84 9.70 22.78
CA SER B 334 -37.80 10.79 22.97
C SER B 334 -38.74 10.81 21.76
N GLN B 335 -39.87 11.48 21.93
CA GLN B 335 -40.91 11.53 20.90
C GLN B 335 -41.83 12.73 21.07
N LEU B 336 -42.57 13.02 20.03
CA LEU B 336 -43.68 13.96 20.11
C LEU B 336 -44.98 13.18 20.13
N VAL B 337 -45.92 13.61 20.95
CA VAL B 337 -47.13 12.83 21.17
C VAL B 337 -48.42 13.67 21.15
N LYS B 338 -49.44 13.14 20.48
CA LYS B 338 -50.72 13.80 20.36
C LYS B 338 -51.75 13.15 21.29
N LEU B 339 -52.40 13.98 22.11
CA LEU B 339 -53.54 13.59 22.93
C LEU B 339 -54.83 13.96 22.22
N ASN B 340 -55.54 12.96 21.72
CA ASN B 340 -56.86 13.19 21.15
C ASN B 340 -57.91 13.01 22.23
N VAL B 341 -59.13 13.45 21.95
CA VAL B 341 -60.25 13.19 22.85
C VAL B 341 -60.71 11.73 22.75
N ASP B 342 -60.63 11.18 21.54
CA ASP B 342 -61.19 9.86 21.25
C ASP B 342 -60.11 8.78 21.17
N SER B 343 -60.45 7.59 21.66
CA SER B 343 -59.56 6.45 21.54
C SER B 343 -59.62 5.88 20.13
N ASN B 344 -58.49 5.37 19.65
CA ASN B 344 -58.45 4.50 18.46
C ASN B 344 -58.89 3.10 18.89
N GLU B 345 -58.52 2.04 18.25
CA GLU B 345 -58.57 0.62 18.69
C GLU B 345 -57.53 0.33 19.80
N GLN B 346 -57.98 -0.29 20.89
CA GLN B 346 -57.21 -0.54 22.13
C GLN B 346 -57.48 0.47 23.27
N GLY B 347 -57.84 1.69 22.89
CA GLY B 347 -58.28 2.69 23.87
C GLY B 347 -57.14 3.61 24.22
N SER B 348 -56.43 3.96 23.06
CA SER B 348 -55.34 4.92 23.29
C SER B 348 -55.64 6.34 22.82
N TYR B 349 -55.60 7.26 23.79
CA TYR B 349 -55.76 8.68 23.54
C TYR B 349 -54.40 9.28 23.24
N VAL B 350 -53.36 8.47 23.38
CA VAL B 350 -52.00 8.85 22.99
C VAL B 350 -51.76 8.34 21.57
N VAL B 351 -51.35 9.24 20.69
CA VAL B 351 -50.96 8.88 19.34
C VAL B 351 -49.55 9.44 19.10
N ALA B 352 -48.63 8.58 18.66
CA ALA B 352 -47.26 9.00 18.35
C ALA B 352 -47.24 9.84 17.09
N MET B 353 -46.58 10.99 17.17
CA MET B 353 -46.41 11.90 16.04
C MET B 353 -45.04 11.74 15.39
N GLU B 354 -44.00 11.88 16.21
CA GLU B 354 -42.63 11.76 15.74
C GLU B 354 -41.76 11.14 16.80
N THR B 355 -40.67 10.52 16.35
CA THR B 355 -39.80 9.73 17.22
C THR B 355 -38.32 10.11 17.03
N PHE B 356 -37.72 10.70 18.07
CA PHE B 356 -36.38 11.29 18.00
C PHE B 356 -35.30 10.32 18.47
N THR B 357 -34.52 9.79 17.52
CA THR B 357 -33.61 8.66 17.80
C THR B 357 -32.56 8.93 18.88
N ASN B 358 -32.71 8.22 20.00
CA ASN B 358 -31.75 8.25 21.10
C ASN B 358 -31.06 6.91 21.29
N LEU B 359 -29.73 6.95 21.38
CA LEU B 359 -28.91 5.75 21.53
C LEU B 359 -28.84 5.28 22.97
N GLY B 360 -29.30 6.14 23.89
CA GLY B 360 -29.64 5.79 25.28
C GLY B 360 -28.58 4.96 25.98
N PRO B 361 -28.96 4.17 27.00
CA PRO B 361 -27.93 3.36 27.64
C PRO B 361 -27.27 2.49 26.59
N ILE B 362 -26.01 2.78 26.30
CA ILE B 362 -25.18 1.87 25.52
C ILE B 362 -24.62 0.88 26.54
N VAL B 363 -25.22 -0.30 26.59
CA VAL B 363 -24.87 -1.25 27.62
C VAL B 363 -23.56 -1.89 27.20
N ASP B 364 -23.48 -2.21 25.92
CA ASP B 364 -22.33 -2.86 25.31
C ASP B 364 -22.35 -2.47 23.85
N MET B 365 -21.25 -2.71 23.15
CA MET B 365 -21.17 -2.47 21.70
C MET B 365 -19.94 -3.18 21.09
N CYS B 366 -19.88 -3.19 19.76
CA CYS B 366 -18.70 -3.69 19.04
C CYS B 366 -18.63 -3.12 17.61
N VAL B 367 -17.46 -3.22 16.97
CA VAL B 367 -17.27 -2.73 15.61
C VAL B 367 -17.20 -3.87 14.60
N VAL B 368 -18.13 -3.84 13.65
CA VAL B 368 -18.32 -4.88 12.63
C VAL B 368 -18.54 -4.19 11.30
N ASP B 369 -17.88 -4.68 10.26
CA ASP B 369 -17.89 -4.00 8.97
C ASP B 369 -19.09 -4.31 8.06
N LEU B 370 -20.10 -5.09 8.54
CA LEU B 370 -21.28 -5.49 7.85
C LEU B 370 -21.29 -5.45 6.31
N GLU B 371 -21.17 -4.25 5.72
CA GLU B 371 -20.97 -4.10 4.28
C GLU B 371 -19.67 -4.78 3.83
N ARG B 372 -18.77 -5.04 4.79
CA ARG B 372 -17.50 -5.75 4.61
C ARG B 372 -16.54 -5.04 3.63
N GLN B 373 -16.34 -3.75 3.87
CA GLN B 373 -15.50 -2.92 3.00
C GLN B 373 -14.16 -2.57 3.65
N GLY B 374 -14.25 -1.77 4.71
CA GLY B 374 -13.09 -1.18 5.37
C GLY B 374 -13.64 -0.26 6.43
N GLN B 375 -14.79 0.34 6.14
CA GLN B 375 -15.55 1.09 7.14
C GLN B 375 -16.18 0.15 8.16
N GLY B 376 -16.00 0.46 9.43
CA GLY B 376 -16.63 -0.26 10.49
C GLY B 376 -17.97 0.38 10.84
N GLN B 377 -19.02 -0.44 10.85
CA GLN B 377 -20.30 -0.03 11.39
C GLN B 377 -20.20 -0.27 12.89
N LEU B 378 -20.99 0.44 13.67
CA LEU B 378 -21.05 0.19 15.10
C LEU B 378 -22.38 -0.48 15.46
N VAL B 379 -22.30 -1.61 16.15
CA VAL B 379 -23.48 -2.34 16.59
C VAL B 379 -23.57 -2.23 18.11
N THR B 380 -24.43 -1.33 18.59
CA THR B 380 -24.60 -1.10 20.04
C THR B 380 -25.77 -1.86 20.61
N CYS B 381 -25.65 -2.31 21.86
CA CYS B 381 -26.78 -2.77 22.63
C CYS B 381 -27.30 -1.54 23.31
N SER B 382 -28.39 -1.03 22.78
CA SER B 382 -28.93 0.25 23.18
C SER B 382 -30.24 0.09 23.91
N GLY B 383 -30.59 1.12 24.68
CA GLY B 383 -31.88 1.21 25.32
C GLY B 383 -32.15 0.11 26.33
N ALA B 384 -33.14 0.34 27.17
CA ALA B 384 -33.44 -0.58 28.25
C ALA B 384 -34.85 -1.14 28.19
N PHE B 385 -35.12 -2.19 28.95
CA PHE B 385 -36.46 -2.74 29.07
C PHE B 385 -37.22 -2.75 27.71
N LYS B 386 -38.47 -2.28 27.71
CA LYS B 386 -39.32 -2.35 26.53
C LYS B 386 -38.82 -1.52 25.34
N GLU B 387 -37.93 -0.58 25.59
CA GLU B 387 -37.39 0.25 24.53
C GLU B 387 -36.05 -0.30 24.06
N GLY B 388 -35.79 -1.55 24.43
CA GLY B 388 -34.53 -2.22 24.11
C GLY B 388 -34.38 -2.42 22.63
N SER B 389 -33.13 -2.35 22.16
CA SER B 389 -32.82 -2.51 20.74
C SER B 389 -31.33 -2.77 20.50
N LEU B 390 -31.02 -3.19 19.29
CA LEU B 390 -29.71 -2.97 18.72
C LEU B 390 -29.77 -1.63 17.99
N ARG B 391 -28.63 -1.00 17.79
CA ARG B 391 -28.52 0.09 16.81
C ARG B 391 -27.26 -0.18 15.99
N ILE B 392 -27.37 0.04 14.69
CA ILE B 392 -26.19 -0.01 13.84
C ILE B 392 -25.90 1.42 13.37
N ILE B 393 -24.65 1.85 13.55
CA ILE B 393 -24.24 3.21 13.21
C ILE B 393 -23.26 3.16 12.03
N ARG B 394 -23.49 4.03 11.05
CA ARG B 394 -22.73 4.01 9.81
C ARG B 394 -22.33 5.43 9.44
N ASN B 395 -21.03 5.69 9.46
CA ASN B 395 -20.50 7.00 9.10
C ASN B 395 -20.60 7.20 7.59
N GLY B 396 -21.14 8.34 7.19
CA GLY B 396 -21.23 8.69 5.78
C GLY B 396 -22.53 8.36 5.07
N ILE B 397 -22.59 8.79 3.81
CA ILE B 397 -23.74 8.59 2.96
C ILE B 397 -23.39 7.59 1.86
N GLY B 398 -24.14 6.50 1.80
CA GLY B 398 -23.87 5.46 0.82
C GLY B 398 -24.68 5.69 -0.43
N ILE B 399 -24.42 4.86 -1.44
CA ILE B 399 -25.21 4.86 -2.67
C ILE B 399 -25.85 3.50 -2.93
N HIS B 400 -26.99 3.52 -3.60
CA HIS B 400 -27.65 2.29 -4.00
C HIS B 400 -27.51 2.06 -5.50
N GLU B 401 -26.46 1.35 -5.87
CA GLU B 401 -26.15 1.11 -7.29
C GLU B 401 -27.03 0.04 -7.96
N HIS B 402 -27.22 0.20 -9.26
CA HIS B 402 -27.99 -0.75 -10.08
C HIS B 402 -27.14 -1.37 -11.19
N ALA B 403 -26.52 -0.53 -12.02
CA ALA B 403 -25.74 -0.98 -13.18
C ALA B 403 -24.39 -0.25 -13.28
N SER B 404 -23.34 -0.98 -13.67
CA SER B 404 -21.99 -0.44 -13.68
C SER B 404 -21.19 -0.76 -14.96
N ILE B 405 -21.01 0.25 -15.82
CA ILE B 405 -20.29 0.15 -17.09
C ILE B 405 -18.90 0.79 -16.94
N ASP B 406 -17.88 0.19 -17.55
CA ASP B 406 -16.52 0.76 -17.50
C ASP B 406 -16.30 1.75 -18.65
N LEU B 407 -16.37 3.04 -18.36
CA LEU B 407 -16.15 4.07 -19.38
C LEU B 407 -15.01 5.05 -19.02
N PRO B 408 -13.76 4.68 -19.36
CA PRO B 408 -12.61 5.56 -19.15
C PRO B 408 -12.67 6.83 -19.99
N GLY B 409 -13.11 7.92 -19.37
CA GLY B 409 -13.02 9.25 -19.96
C GLY B 409 -14.27 10.12 -19.97
N ILE B 410 -15.22 9.82 -19.08
CA ILE B 410 -16.44 10.61 -18.98
C ILE B 410 -16.10 12.01 -18.45
N LYS B 411 -16.62 13.05 -19.12
CA LYS B 411 -16.26 14.43 -18.80
C LYS B 411 -17.47 15.36 -18.62
N GLY B 412 -18.61 14.79 -18.21
CA GLY B 412 -19.83 15.58 -17.99
C GLY B 412 -21.08 14.78 -18.28
N LEU B 413 -22.18 15.12 -17.60
CA LEU B 413 -23.46 14.42 -17.76
C LEU B 413 -24.67 15.23 -17.35
N TRP B 414 -25.72 15.13 -18.16
CA TRP B 414 -26.96 15.89 -17.98
C TRP B 414 -28.20 15.02 -18.25
N PRO B 415 -29.26 15.18 -17.42
CA PRO B 415 -30.48 14.38 -17.54
C PRO B 415 -31.24 14.70 -18.84
N LEU B 416 -31.64 13.65 -19.57
CA LEU B 416 -32.33 13.86 -20.86
C LEU B 416 -33.49 12.91 -21.16
N ARG B 417 -34.55 13.49 -21.71
CA ARG B 417 -35.74 12.78 -22.16
C ARG B 417 -35.88 12.93 -23.67
N SER B 418 -36.11 11.81 -24.37
CA SER B 418 -36.39 11.84 -25.81
C SER B 418 -37.90 11.78 -26.08
N ASP B 419 -38.66 12.38 -25.16
CA ASP B 419 -40.12 12.43 -25.23
C ASP B 419 -40.60 13.62 -24.37
N PRO B 420 -41.29 14.59 -24.99
CA PRO B 420 -41.93 15.67 -24.22
C PRO B 420 -43.09 15.17 -23.34
N ASN B 421 -43.45 13.89 -23.51
CA ASN B 421 -44.51 13.24 -22.72
C ASN B 421 -44.07 12.88 -21.30
N ARG B 422 -43.21 11.86 -21.21
CA ARG B 422 -42.80 11.28 -19.92
C ARG B 422 -41.76 12.09 -19.17
N GLU B 423 -41.91 12.15 -17.85
CA GLU B 423 -40.90 12.72 -16.95
C GLU B 423 -39.84 11.67 -16.62
N THR B 424 -40.15 10.42 -16.95
CA THR B 424 -39.18 9.32 -16.93
C THR B 424 -38.25 9.47 -18.14
N TYR B 425 -37.08 10.09 -17.91
CA TYR B 425 -36.09 10.39 -18.94
C TYR B 425 -35.71 9.19 -19.84
N ASP B 426 -35.19 9.49 -21.03
CA ASP B 426 -34.81 8.45 -21.99
C ASP B 426 -33.29 8.32 -22.15
N THR B 427 -32.66 9.39 -22.63
CA THR B 427 -31.26 9.36 -23.04
C THR B 427 -30.34 9.98 -21.97
N LEU B 428 -29.10 9.50 -21.92
CA LEU B 428 -28.05 10.20 -21.21
C LEU B 428 -26.93 10.53 -22.18
N VAL B 429 -26.87 11.78 -22.60
CA VAL B 429 -25.77 12.25 -23.44
C VAL B 429 -24.68 12.78 -22.53
N LEU B 430 -23.50 12.18 -22.67
CA LEU B 430 -22.35 12.51 -21.83
C LEU B 430 -21.24 13.19 -22.63
N SER B 431 -20.12 13.48 -21.96
CA SER B 431 -18.96 14.08 -22.61
C SER B 431 -17.86 13.04 -22.76
N PHE B 432 -16.73 13.45 -23.33
CA PHE B 432 -15.62 12.55 -23.66
C PHE B 432 -14.44 13.42 -24.11
N VAL B 433 -13.24 12.84 -24.12
CA VAL B 433 -12.03 13.54 -24.56
C VAL B 433 -12.12 13.84 -26.07
N GLY B 434 -12.66 15.01 -26.41
CA GLY B 434 -12.77 15.43 -27.81
C GLY B 434 -13.84 14.72 -28.62
N GLN B 435 -14.75 14.01 -27.92
CA GLN B 435 -15.89 13.33 -28.54
C GLN B 435 -17.18 13.60 -27.77
N THR B 436 -18.28 13.04 -28.26
CA THR B 436 -19.56 13.03 -27.53
C THR B 436 -20.35 11.76 -27.87
N ARG B 437 -20.52 10.90 -26.88
CA ARG B 437 -21.27 9.65 -27.04
C ARG B 437 -22.72 9.80 -26.60
N VAL B 438 -23.64 9.47 -27.50
CA VAL B 438 -25.06 9.45 -27.20
C VAL B 438 -25.40 8.07 -26.64
N LEU B 439 -26.23 8.03 -25.60
CA LEU B 439 -26.64 6.75 -25.01
C LEU B 439 -28.16 6.61 -24.84
N MET B 440 -28.80 6.12 -25.91
CA MET B 440 -30.23 5.78 -25.89
C MET B 440 -30.48 4.61 -24.95
N LEU B 441 -31.67 4.57 -24.35
CA LEU B 441 -32.05 3.45 -23.49
C LEU B 441 -33.30 2.72 -23.97
N ASN B 442 -33.22 1.39 -23.98
CA ASN B 442 -34.40 0.54 -24.14
C ASN B 442 -34.89 0.18 -22.73
N GLY B 443 -34.76 1.16 -21.82
CA GLY B 443 -35.16 1.01 -20.43
C GLY B 443 -34.00 0.67 -19.52
N GLU B 444 -33.56 -0.59 -19.58
CA GLU B 444 -32.52 -1.11 -18.68
C GLU B 444 -31.23 -1.45 -19.40
N GLU B 445 -31.27 -1.44 -20.74
CA GLU B 445 -30.11 -1.79 -21.58
C GLU B 445 -29.14 -0.63 -21.84
N VAL B 446 -27.97 -0.97 -22.39
CA VAL B 446 -26.97 0.00 -22.82
C VAL B 446 -26.83 -0.05 -24.34
N GLU B 447 -27.21 1.04 -25.00
CA GLU B 447 -27.22 1.12 -26.47
C GLU B 447 -26.71 2.49 -26.92
N GLU B 448 -25.74 2.48 -27.85
CA GLU B 448 -25.14 3.73 -28.33
C GLU B 448 -25.15 3.92 -29.86
N THR B 449 -25.76 5.02 -30.28
CA THR B 449 -25.83 5.44 -31.68
C THR B 449 -25.65 6.97 -31.75
N GLU B 450 -26.54 7.67 -32.45
CA GLU B 450 -26.58 9.14 -32.44
C GLU B 450 -28.00 9.69 -32.62
N LEU B 451 -28.19 10.93 -32.17
CA LEU B 451 -29.44 11.66 -32.41
C LEU B 451 -29.27 12.74 -33.49
N MET B 452 -30.25 12.81 -34.39
CA MET B 452 -30.21 13.67 -35.59
C MET B 452 -30.14 15.16 -35.25
N GLY B 453 -28.93 15.64 -34.95
CA GLY B 453 -28.70 17.03 -34.54
C GLY B 453 -27.66 17.13 -33.43
N PHE B 454 -26.89 16.06 -33.24
CA PHE B 454 -25.83 16.01 -32.25
C PHE B 454 -24.50 15.62 -32.88
N VAL B 455 -23.50 16.50 -32.77
CA VAL B 455 -22.14 16.17 -33.23
C VAL B 455 -21.48 15.16 -32.30
N ASP B 456 -20.79 14.19 -32.90
CA ASP B 456 -20.24 13.04 -32.17
C ASP B 456 -18.70 13.03 -32.09
N ASP B 457 -18.09 14.18 -32.37
CA ASP B 457 -16.63 14.34 -32.33
C ASP B 457 -16.18 15.68 -31.76
N GLN B 458 -17.02 16.26 -30.91
CA GLN B 458 -16.71 17.53 -30.23
C GLN B 458 -17.11 17.41 -28.76
N GLN B 459 -16.22 17.82 -27.87
CA GLN B 459 -16.46 17.73 -26.42
C GLN B 459 -17.62 18.65 -25.96
N THR B 460 -18.80 18.05 -25.79
CA THR B 460 -20.01 18.79 -25.44
C THR B 460 -19.93 19.40 -24.04
N PHE B 461 -20.20 20.71 -23.94
CA PHE B 461 -20.19 21.43 -22.66
C PHE B 461 -21.54 21.43 -21.93
N PHE B 462 -22.65 21.24 -22.67
CA PHE B 462 -23.99 21.27 -22.07
C PHE B 462 -25.05 20.44 -22.83
N CYS B 463 -26.13 20.05 -22.12
CA CYS B 463 -27.21 19.20 -22.66
C CYS B 463 -28.60 19.48 -22.05
N GLY B 464 -28.64 20.26 -20.97
CA GLY B 464 -29.85 20.49 -20.15
C GLY B 464 -31.19 20.73 -20.85
N ASN B 465 -32.26 20.34 -20.16
CA ASN B 465 -33.64 20.38 -20.71
C ASN B 465 -34.21 21.78 -20.93
N VAL B 466 -34.23 22.20 -22.20
CA VAL B 466 -34.92 23.45 -22.58
C VAL B 466 -36.29 23.12 -23.14
N ALA B 467 -37.31 23.82 -22.63
CA ALA B 467 -38.68 23.66 -23.10
C ALA B 467 -38.83 24.21 -24.52
N HIS B 468 -40.07 24.29 -25.00
CA HIS B 468 -40.38 24.74 -26.37
C HIS B 468 -39.96 23.69 -27.43
N GLN B 469 -39.97 22.43 -27.01
CA GLN B 469 -39.65 21.26 -27.85
C GLN B 469 -38.29 21.32 -28.55
N GLN B 470 -37.22 21.34 -27.74
CA GLN B 470 -35.84 21.45 -28.23
C GLN B 470 -34.79 20.72 -27.36
N LEU B 471 -33.73 20.23 -28.01
CA LEU B 471 -32.60 19.55 -27.35
C LEU B 471 -31.27 20.24 -27.69
N ILE B 472 -30.65 20.86 -26.69
CA ILE B 472 -29.45 21.70 -26.88
C ILE B 472 -28.13 20.91 -26.81
N GLN B 473 -27.11 21.40 -27.52
CA GLN B 473 -25.78 20.78 -27.51
C GLN B 473 -24.67 21.85 -27.59
N ILE B 474 -24.45 22.56 -26.48
CA ILE B 474 -23.35 23.54 -26.39
C ILE B 474 -22.03 22.78 -26.49
N THR B 475 -21.22 23.14 -27.48
CA THR B 475 -19.94 22.48 -27.70
C THR B 475 -18.81 23.49 -27.85
N SER B 476 -17.57 23.02 -27.93
CA SER B 476 -16.40 23.86 -28.20
C SER B 476 -16.77 24.94 -29.20
N ALA B 477 -17.20 24.49 -30.38
CA ALA B 477 -17.64 25.37 -31.46
C ALA B 477 -19.07 25.88 -31.23
N SER B 478 -19.99 25.47 -32.10
CA SER B 478 -21.35 26.02 -32.11
C SER B 478 -22.23 25.46 -31.00
N VAL B 479 -22.96 26.34 -30.32
CA VAL B 479 -24.10 25.93 -29.52
C VAL B 479 -25.21 25.52 -30.51
N ARG B 480 -25.47 24.23 -30.59
CA ARG B 480 -26.38 23.66 -31.60
C ARG B 480 -27.83 23.63 -31.15
N LEU B 481 -28.67 22.94 -31.92
CA LEU B 481 -30.10 22.82 -31.62
C LEU B 481 -30.70 21.55 -32.26
N VAL B 482 -31.71 20.98 -31.58
CA VAL B 482 -32.50 19.85 -32.09
C VAL B 482 -33.96 20.07 -31.69
N SER B 483 -34.90 19.50 -32.45
CA SER B 483 -36.32 19.60 -32.12
C SER B 483 -36.95 18.28 -31.73
N GLN B 484 -38.21 18.34 -31.29
CA GLN B 484 -38.98 17.16 -30.92
C GLN B 484 -40.03 16.79 -31.97
N GLU B 485 -40.24 17.70 -32.92
CA GLU B 485 -41.11 17.43 -34.07
C GLU B 485 -40.29 16.88 -35.26
N PRO B 486 -39.42 17.72 -35.87
CA PRO B 486 -38.55 17.22 -36.95
C PRO B 486 -37.30 16.43 -36.49
N LYS B 487 -36.59 16.93 -35.46
CA LYS B 487 -35.35 16.30 -34.97
C LYS B 487 -34.23 16.47 -36.01
N ALA B 488 -33.75 17.71 -36.16
CA ALA B 488 -32.69 18.03 -37.12
C ALA B 488 -32.01 19.37 -36.76
N LEU B 489 -31.29 19.96 -37.71
CA LEU B 489 -30.71 21.29 -37.54
C LEU B 489 -31.82 22.35 -37.48
N VAL B 490 -32.26 22.65 -36.27
CA VAL B 490 -33.32 23.63 -36.03
C VAL B 490 -32.74 25.04 -36.11
N SER B 491 -31.56 25.21 -35.51
CA SER B 491 -30.74 26.41 -35.63
C SER B 491 -29.36 26.14 -35.01
N GLU B 492 -28.55 27.19 -34.89
CA GLU B 492 -27.23 27.10 -34.27
C GLU B 492 -26.64 28.48 -33.99
N TRP B 493 -25.38 28.49 -33.55
CA TRP B 493 -24.64 29.72 -33.27
C TRP B 493 -23.24 29.57 -33.86
N LYS B 494 -22.42 30.60 -33.71
CA LYS B 494 -21.03 30.60 -34.19
C LYS B 494 -20.39 31.91 -33.74
N GLU B 495 -19.37 31.82 -32.89
CA GLU B 495 -18.63 33.01 -32.44
C GLU B 495 -18.19 33.78 -33.68
N PRO B 496 -18.62 35.06 -33.82
CA PRO B 496 -18.45 35.84 -35.05
C PRO B 496 -16.99 36.01 -35.51
N GLN B 497 -16.24 34.93 -35.50
CA GLN B 497 -14.83 34.87 -35.93
C GLN B 497 -14.28 33.44 -35.92
N ALA B 498 -15.14 32.49 -35.53
CA ALA B 498 -14.79 31.08 -35.33
C ALA B 498 -13.86 30.87 -34.13
N LYS B 499 -14.07 31.67 -33.08
CA LYS B 499 -13.40 31.45 -31.80
C LYS B 499 -14.11 30.35 -31.03
N ASN B 500 -13.33 29.58 -30.28
CA ASN B 500 -13.87 28.49 -29.46
C ASN B 500 -14.45 28.98 -28.13
N ILE B 501 -15.68 28.56 -27.85
CA ILE B 501 -16.33 28.84 -26.56
C ILE B 501 -15.57 28.12 -25.46
N SER B 502 -15.36 28.80 -24.34
CA SER B 502 -14.63 28.23 -23.20
C SER B 502 -15.57 27.81 -22.06
N VAL B 503 -16.29 28.76 -21.49
CA VAL B 503 -17.19 28.48 -20.37
C VAL B 503 -18.64 28.52 -20.85
N ALA B 504 -19.49 27.72 -20.20
CA ALA B 504 -20.90 27.61 -20.56
C ALA B 504 -21.82 27.57 -19.34
N SER B 505 -23.13 27.77 -19.58
CA SER B 505 -24.19 27.59 -18.57
C SER B 505 -25.57 27.69 -19.24
N CYS B 506 -26.56 26.97 -18.72
CA CYS B 506 -27.92 26.93 -19.30
C CYS B 506 -28.97 26.30 -18.38
N ASN B 507 -30.17 26.87 -18.38
CA ASN B 507 -31.29 26.27 -17.65
C ASN B 507 -32.40 25.73 -18.56
N SER B 508 -33.15 26.64 -19.19
CA SER B 508 -34.21 26.30 -20.15
C SER B 508 -34.45 27.48 -21.08
N SER B 509 -34.42 28.68 -20.50
CA SER B 509 -34.67 29.92 -21.22
C SER B 509 -33.35 30.60 -21.61
N GLN B 510 -32.38 30.57 -20.70
CA GLN B 510 -31.14 31.34 -20.82
C GLN B 510 -29.91 30.52 -21.22
N VAL B 511 -29.00 31.15 -21.97
CA VAL B 511 -27.69 30.59 -22.32
C VAL B 511 -26.61 31.69 -22.25
N VAL B 512 -25.91 31.75 -21.13
CA VAL B 512 -24.77 32.68 -20.96
C VAL B 512 -23.45 31.92 -21.13
N VAL B 513 -22.64 32.36 -22.08
CA VAL B 513 -21.33 31.74 -22.34
C VAL B 513 -20.17 32.72 -22.26
N ALA B 514 -18.96 32.20 -22.48
CA ALA B 514 -17.76 33.02 -22.46
C ALA B 514 -16.70 32.44 -23.40
N VAL B 515 -16.05 33.32 -24.15
CA VAL B 515 -15.02 32.93 -25.10
C VAL B 515 -13.67 33.44 -24.63
N GLY B 516 -13.49 33.46 -23.31
CA GLY B 516 -12.32 34.09 -22.70
C GLY B 516 -12.55 35.58 -22.62
N ARG B 517 -12.59 36.10 -21.38
CA ARG B 517 -12.85 37.52 -21.10
C ARG B 517 -14.19 38.04 -21.62
N ALA B 518 -14.76 37.35 -22.61
CA ALA B 518 -16.01 37.74 -23.24
C ALA B 518 -17.22 37.35 -22.40
N LEU B 519 -18.26 38.18 -22.46
CA LEU B 519 -19.55 37.83 -21.86
C LEU B 519 -20.67 37.93 -22.90
N TYR B 520 -21.69 37.08 -22.74
CA TYR B 520 -22.82 37.01 -23.66
C TYR B 520 -24.13 36.80 -22.90
N TYR B 521 -25.21 36.56 -23.65
CA TYR B 521 -26.53 36.21 -23.11
C TYR B 521 -27.47 35.88 -24.28
N LEU B 522 -27.83 34.61 -24.41
CA LEU B 522 -28.66 34.13 -25.52
C LEU B 522 -30.11 33.81 -25.11
N GLN B 523 -30.85 33.21 -26.04
CA GLN B 523 -32.23 32.77 -25.85
C GLN B 523 -32.52 31.58 -26.75
N ILE B 524 -33.57 30.81 -26.42
CA ILE B 524 -34.11 29.77 -27.31
C ILE B 524 -35.63 29.94 -27.50
N HIS B 525 -36.01 30.97 -28.25
CA HIS B 525 -37.41 31.21 -28.59
C HIS B 525 -37.80 30.39 -29.82
N PRO B 526 -39.05 29.89 -29.87
CA PRO B 526 -39.48 28.85 -30.79
C PRO B 526 -38.57 28.61 -32.01
N GLN B 527 -37.71 27.59 -31.89
CA GLN B 527 -36.94 27.01 -33.00
C GLN B 527 -35.82 27.86 -33.61
N GLU B 528 -35.26 28.79 -32.83
CA GLU B 528 -34.15 29.64 -33.30
C GLU B 528 -33.34 30.32 -32.18
N LEU B 529 -32.03 30.43 -32.39
CA LEU B 529 -31.12 30.99 -31.39
C LEU B 529 -30.88 32.49 -31.54
N ARG B 530 -31.34 33.25 -30.55
CA ARG B 530 -31.20 34.72 -30.57
C ARG B 530 -30.19 35.27 -29.56
N GLN B 531 -29.17 35.94 -30.08
CA GLN B 531 -28.14 36.63 -29.29
C GLN B 531 -28.67 37.99 -28.81
N ILE B 532 -28.13 38.52 -27.71
CA ILE B 532 -28.55 39.82 -27.18
C ILE B 532 -27.40 40.80 -26.87
N SER B 533 -26.75 40.62 -25.72
CA SER B 533 -25.80 41.62 -25.20
C SER B 533 -24.33 41.16 -25.24
N HIS B 534 -23.41 42.10 -25.01
CA HIS B 534 -21.97 41.80 -24.95
C HIS B 534 -21.15 42.79 -24.10
N THR B 535 -20.29 42.26 -23.24
CA THR B 535 -19.35 43.05 -22.42
C THR B 535 -18.08 42.23 -22.10
N GLU B 536 -16.93 42.89 -22.20
CA GLU B 536 -15.62 42.28 -21.89
C GLU B 536 -15.41 42.28 -20.37
N MET B 537 -14.35 41.59 -19.93
CA MET B 537 -14.07 41.46 -18.50
C MET B 537 -12.60 41.75 -18.17
N GLU B 538 -12.38 42.19 -16.93
CA GLU B 538 -11.04 42.48 -16.41
C GLU B 538 -10.01 41.44 -16.83
N HIS B 539 -10.24 40.20 -16.41
CA HIS B 539 -9.34 39.07 -16.67
C HIS B 539 -10.13 37.93 -17.34
N GLU B 540 -9.50 36.76 -17.49
CA GLU B 540 -10.13 35.64 -18.20
C GLU B 540 -11.23 34.93 -17.41
N VAL B 541 -12.29 34.54 -18.12
CA VAL B 541 -13.42 33.86 -17.48
C VAL B 541 -13.05 32.41 -17.18
N ALA B 542 -13.17 32.02 -15.92
CA ALA B 542 -12.91 30.65 -15.50
C ALA B 542 -14.20 29.84 -15.32
N CYS B 543 -15.28 30.52 -14.94
CA CYS B 543 -16.56 29.85 -14.65
C CYS B 543 -17.78 30.78 -14.55
N LEU B 544 -18.93 30.27 -15.01
CA LEU B 544 -20.20 30.99 -14.99
C LEU B 544 -21.32 30.15 -14.38
N ASP B 545 -22.23 30.78 -13.64
CA ASP B 545 -23.45 30.10 -13.20
C ASP B 545 -24.71 30.96 -13.37
N ILE B 546 -25.67 30.43 -14.12
CA ILE B 546 -27.02 30.99 -14.22
C ILE B 546 -28.07 29.92 -13.93
N THR B 547 -29.02 30.27 -13.06
CA THR B 547 -30.13 29.39 -12.68
C THR B 547 -31.29 30.28 -12.27
N PRO B 548 -32.52 29.94 -12.68
CA PRO B 548 -33.65 30.78 -12.26
C PRO B 548 -34.06 30.48 -10.82
N LEU B 549 -34.02 31.52 -9.98
CA LEU B 549 -34.26 31.38 -8.53
C LEU B 549 -35.76 31.28 -8.16
N GLY B 550 -36.11 31.71 -6.95
CA GLY B 550 -37.48 31.57 -6.43
C GLY B 550 -38.39 32.77 -6.63
N ASP B 551 -38.02 33.65 -7.55
CA ASP B 551 -38.80 34.86 -7.85
C ASP B 551 -39.23 34.97 -9.31
N SER B 552 -38.70 34.06 -10.15
CA SER B 552 -38.97 34.07 -11.59
C SER B 552 -38.81 32.69 -12.23
N ASN B 553 -39.82 32.26 -12.98
CA ASN B 553 -39.84 30.98 -13.66
C ASN B 553 -39.07 31.04 -14.98
N GLY B 554 -37.93 30.35 -15.04
CA GLY B 554 -37.09 30.36 -16.24
C GLY B 554 -36.22 31.60 -16.39
N LEU B 555 -36.85 32.78 -16.26
CA LEU B 555 -36.14 34.07 -16.29
C LEU B 555 -35.37 34.28 -14.97
N SER B 556 -34.30 35.08 -15.02
CA SER B 556 -33.31 35.14 -13.93
C SER B 556 -32.85 36.55 -13.51
N PRO B 557 -32.95 36.87 -12.21
CA PRO B 557 -32.37 38.07 -11.58
C PRO B 557 -30.83 38.10 -11.62
N LEU B 558 -30.19 38.60 -10.56
CA LEU B 558 -28.74 38.90 -10.58
C LEU B 558 -27.82 37.69 -10.79
N CYS B 559 -26.59 37.96 -11.25
CA CYS B 559 -25.63 36.93 -11.63
C CYS B 559 -24.20 37.21 -11.16
N ALA B 560 -23.38 36.15 -11.12
CA ALA B 560 -22.02 36.24 -10.60
C ALA B 560 -21.01 35.37 -11.37
N ILE B 561 -19.74 35.72 -11.28
CA ILE B 561 -18.69 35.09 -12.08
C ILE B 561 -17.35 34.99 -11.33
N GLY B 562 -16.55 33.99 -11.67
CA GLY B 562 -15.22 33.81 -11.09
C GLY B 562 -14.13 33.85 -12.14
N LEU B 563 -13.29 34.89 -12.10
CA LEU B 563 -12.28 35.13 -13.14
C LEU B 563 -10.98 34.33 -12.97
N TRP B 564 -9.92 34.76 -13.66
CA TRP B 564 -8.73 33.92 -13.86
C TRP B 564 -7.47 34.37 -13.14
N THR B 565 -7.15 35.67 -13.22
CA THR B 565 -5.90 36.18 -12.66
C THR B 565 -6.17 37.03 -11.42
N ASP B 566 -7.36 37.62 -11.39
CA ASP B 566 -7.93 38.16 -10.16
C ASP B 566 -7.86 37.06 -9.15
N ILE B 567 -8.36 35.89 -9.56
CA ILE B 567 -8.69 34.79 -8.67
C ILE B 567 -9.79 35.35 -7.77
N SER B 568 -10.95 35.57 -8.38
CA SER B 568 -12.03 36.33 -7.73
C SER B 568 -13.41 35.83 -8.10
N ALA B 569 -14.37 36.16 -7.24
CA ALA B 569 -15.78 35.93 -7.52
C ALA B 569 -16.50 37.25 -7.37
N ARG B 570 -17.19 37.65 -8.41
CA ARG B 570 -17.78 38.99 -8.43
C ARG B 570 -19.25 38.98 -8.77
N ILE B 571 -20.00 39.83 -8.06
CA ILE B 571 -21.45 39.96 -8.20
C ILE B 571 -21.76 40.97 -9.29
N LEU B 572 -22.56 40.55 -10.27
CA LEU B 572 -22.88 41.36 -11.44
C LEU B 572 -24.39 41.46 -11.65
N LYS B 573 -24.81 42.12 -12.73
CA LYS B 573 -26.18 42.00 -13.23
C LYS B 573 -26.19 41.05 -14.44
N LEU B 574 -27.32 40.96 -15.14
CA LEU B 574 -27.42 40.03 -16.27
C LEU B 574 -27.73 40.65 -17.65
N PRO B 575 -28.91 41.31 -17.80
CA PRO B 575 -29.16 42.02 -19.07
C PRO B 575 -28.11 43.08 -19.43
N SER B 576 -27.66 43.87 -18.45
CA SER B 576 -26.73 45.00 -18.69
C SER B 576 -25.26 44.68 -18.41
N PHE B 577 -25.01 43.68 -17.56
CA PHE B 577 -23.67 43.15 -17.27
C PHE B 577 -22.82 43.97 -16.30
N GLU B 578 -23.41 44.99 -15.69
CA GLU B 578 -22.72 45.87 -14.76
C GLU B 578 -22.21 45.15 -13.51
N LEU B 579 -21.19 45.72 -12.88
CA LEU B 579 -20.53 45.14 -11.71
C LEU B 579 -21.07 45.73 -10.39
N LEU B 580 -21.53 44.87 -9.50
CA LEU B 580 -22.06 45.29 -8.19
C LEU B 580 -20.98 45.25 -7.10
N HIS B 581 -20.89 44.10 -6.42
CA HIS B 581 -19.83 43.84 -5.45
C HIS B 581 -18.88 42.80 -6.02
N LYS B 582 -17.61 42.87 -5.62
CA LYS B 582 -16.60 41.90 -6.04
C LYS B 582 -15.82 41.39 -4.84
N GLU B 583 -15.68 40.07 -4.76
CA GLU B 583 -14.87 39.47 -3.71
C GLU B 583 -13.49 39.11 -4.25
N MET B 584 -12.47 39.75 -3.70
CA MET B 584 -11.09 39.37 -3.98
C MET B 584 -10.79 38.10 -3.17
N LEU B 585 -10.22 37.10 -3.83
CA LEU B 585 -9.82 35.86 -3.16
C LEU B 585 -8.31 35.69 -3.15
N GLY B 586 -7.83 34.96 -2.15
CA GLY B 586 -6.42 34.62 -2.07
C GLY B 586 -6.11 33.48 -3.03
N GLY B 587 -5.06 32.73 -2.70
CA GLY B 587 -4.63 31.61 -3.51
C GLY B 587 -3.99 32.04 -4.81
N GLU B 588 -3.30 31.11 -5.47
CA GLU B 588 -2.75 31.33 -6.80
C GLU B 588 -3.24 30.23 -7.77
N ILE B 589 -4.27 29.49 -7.36
CA ILE B 589 -4.99 28.56 -8.24
C ILE B 589 -6.41 29.08 -8.45
N ILE B 590 -6.87 29.01 -9.69
CA ILE B 590 -8.14 29.61 -10.11
C ILE B 590 -9.37 28.89 -9.54
N PRO B 591 -10.52 29.59 -9.50
CA PRO B 591 -11.81 28.93 -9.25
C PRO B 591 -12.18 27.92 -10.34
N ARG B 592 -12.76 26.79 -9.93
CA ARG B 592 -13.14 25.72 -10.86
C ARG B 592 -14.65 25.64 -11.06
N SER B 593 -15.39 25.78 -9.95
CA SER B 593 -16.84 25.72 -9.97
C SER B 593 -17.46 26.92 -9.25
N ILE B 594 -18.52 27.45 -9.86
CA ILE B 594 -19.27 28.56 -9.29
C ILE B 594 -20.75 28.14 -9.29
N LEU B 595 -21.47 28.48 -8.22
CA LEU B 595 -22.86 28.05 -8.09
C LEU B 595 -23.73 29.01 -7.28
N MET B 596 -25.04 28.95 -7.54
CA MET B 596 -26.06 29.61 -6.72
C MET B 596 -27.26 28.67 -6.48
N THR B 597 -27.73 28.63 -5.24
CA THR B 597 -28.69 27.60 -4.78
C THR B 597 -29.67 28.04 -3.70
N THR B 598 -30.96 27.75 -3.90
CA THR B 598 -32.00 28.02 -2.90
C THR B 598 -32.44 26.70 -2.25
N PHE B 599 -32.82 26.77 -0.97
CA PHE B 599 -33.23 25.58 -0.22
C PHE B 599 -34.58 25.77 0.52
N GLU B 600 -34.56 26.55 1.60
CA GLU B 600 -35.79 26.90 2.31
C GLU B 600 -35.99 28.42 2.29
N SER B 601 -35.17 29.13 3.08
CA SER B 601 -35.29 30.58 3.23
C SER B 601 -33.92 31.28 3.25
N SER B 602 -33.11 31.00 2.22
CA SER B 602 -31.86 31.72 1.97
C SER B 602 -31.37 31.48 0.55
N HIS B 603 -30.64 32.45 0.00
CA HIS B 603 -29.98 32.30 -1.29
C HIS B 603 -28.46 32.29 -1.07
N TYR B 604 -27.78 31.36 -1.75
CA TYR B 604 -26.40 30.98 -1.44
C TYR B 604 -25.45 31.18 -2.63
N LEU B 605 -24.18 31.46 -2.35
CA LEU B 605 -23.14 31.48 -3.38
C LEU B 605 -21.92 30.68 -2.96
N LEU B 606 -21.62 29.65 -3.75
CA LEU B 606 -20.52 28.72 -3.46
C LEU B 606 -19.49 28.70 -4.58
N CYS B 607 -18.23 28.75 -4.17
CA CYS B 607 -17.11 28.78 -5.11
C CYS B 607 -16.02 27.78 -4.71
N ALA B 608 -15.55 27.00 -5.69
CA ALA B 608 -14.54 25.96 -5.48
C ALA B 608 -13.19 26.33 -6.12
N LEU B 609 -12.11 25.86 -5.51
CA LEU B 609 -10.77 26.11 -6.04
C LEU B 609 -10.03 24.81 -6.38
N GLY B 610 -8.85 24.97 -6.98
CA GLY B 610 -8.02 23.84 -7.42
C GLY B 610 -7.46 23.01 -6.29
N ASP B 611 -6.90 23.69 -5.29
CA ASP B 611 -6.31 23.05 -4.09
C ASP B 611 -7.33 22.22 -3.30
N GLY B 612 -8.55 22.16 -3.80
CA GLY B 612 -9.62 21.36 -3.21
C GLY B 612 -10.58 22.19 -2.39
N ALA B 613 -10.06 23.27 -1.82
CA ALA B 613 -10.80 24.14 -0.92
C ALA B 613 -12.06 24.76 -1.54
N LEU B 614 -12.89 25.33 -0.67
CA LEU B 614 -14.17 25.92 -1.06
C LEU B 614 -14.46 27.06 -0.09
N PHE B 615 -15.21 28.05 -0.56
CA PHE B 615 -15.69 29.11 0.31
C PHE B 615 -17.20 29.17 0.25
N TYR B 616 -17.82 29.49 1.38
CA TYR B 616 -19.27 29.67 1.41
C TYR B 616 -19.72 31.09 1.71
N PHE B 617 -20.58 31.61 0.84
CA PHE B 617 -21.05 33.00 0.89
C PHE B 617 -22.57 33.12 0.83
N GLY B 618 -23.07 34.30 1.17
CA GLY B 618 -24.49 34.62 1.08
C GLY B 618 -24.80 35.80 0.17
N LEU B 619 -25.62 35.53 -0.84
CA LEU B 619 -26.08 36.51 -1.81
C LEU B 619 -27.60 36.69 -1.69
N ASN B 620 -28.11 37.85 -2.09
CA ASN B 620 -29.56 38.10 -2.02
C ASN B 620 -30.23 38.20 -3.39
N ILE B 621 -31.47 37.74 -3.45
CA ILE B 621 -32.32 37.83 -4.65
C ILE B 621 -32.43 39.24 -5.20
N GLU B 622 -32.37 40.23 -4.31
CA GLU B 622 -32.58 41.63 -4.67
C GLU B 622 -31.30 42.46 -4.54
N THR B 623 -30.81 42.59 -3.30
CA THR B 623 -29.72 43.52 -2.96
C THR B 623 -28.41 43.20 -3.68
N GLY B 624 -27.93 41.97 -3.51
CA GLY B 624 -26.65 41.56 -4.07
C GLY B 624 -25.51 42.17 -3.28
N LEU B 625 -25.18 41.51 -2.16
CA LEU B 625 -24.07 41.94 -1.29
C LEU B 625 -23.55 40.78 -0.44
N LEU B 626 -22.29 40.87 -0.04
CA LEU B 626 -21.57 39.84 0.73
C LEU B 626 -22.29 39.26 1.96
N SER B 627 -21.80 38.11 2.41
CA SER B 627 -22.17 37.52 3.70
C SER B 627 -20.98 36.77 4.29
N ASP B 628 -21.24 35.68 5.02
CA ASP B 628 -20.21 34.88 5.69
C ASP B 628 -19.02 34.53 4.78
N ARG B 629 -17.81 34.63 5.32
CA ARG B 629 -16.61 34.15 4.63
C ARG B 629 -15.85 33.15 5.49
N LYS B 630 -15.90 31.88 5.11
CA LYS B 630 -15.15 30.82 5.78
C LYS B 630 -14.50 29.86 4.78
N LYS B 631 -13.29 29.43 5.12
CA LYS B 631 -12.51 28.51 4.28
C LYS B 631 -12.55 27.09 4.85
N VAL B 632 -13.12 26.18 4.07
CA VAL B 632 -13.05 24.74 4.36
C VAL B 632 -12.07 24.07 3.40
N THR B 633 -11.96 22.75 3.50
CA THR B 633 -11.27 21.97 2.49
C THR B 633 -11.96 20.63 2.27
N LEU B 634 -12.30 20.34 1.02
CA LEU B 634 -12.85 19.04 0.67
C LEU B 634 -11.70 18.17 0.21
N GLY B 635 -11.82 17.59 -0.97
CA GLY B 635 -10.74 16.80 -1.56
C GLY B 635 -9.53 17.68 -1.85
N THR B 636 -8.50 17.07 -2.44
CA THR B 636 -7.33 17.80 -2.89
C THR B 636 -7.37 18.07 -4.40
N GLN B 637 -8.32 17.41 -5.06
CA GLN B 637 -8.60 17.61 -6.49
C GLN B 637 -9.79 18.56 -6.69
N PRO B 638 -9.73 19.42 -7.73
CA PRO B 638 -10.80 20.37 -8.02
C PRO B 638 -12.21 19.76 -7.83
N THR B 639 -13.13 20.58 -7.36
CA THR B 639 -14.47 20.14 -7.04
C THR B 639 -15.49 20.52 -8.12
N VAL B 640 -16.44 19.63 -8.39
CA VAL B 640 -17.56 19.93 -9.28
C VAL B 640 -18.85 19.97 -8.46
N LEU B 641 -19.55 21.10 -8.52
CA LEU B 641 -20.70 21.36 -7.67
C LEU B 641 -22.02 21.31 -8.43
N ARG B 642 -22.81 20.27 -8.18
CA ARG B 642 -24.10 20.07 -8.85
C ARG B 642 -25.20 19.76 -7.83
N THR B 643 -26.45 20.02 -8.23
CA THR B 643 -27.61 19.89 -7.35
C THR B 643 -28.35 18.57 -7.57
N PHE B 644 -28.91 18.02 -6.49
CA PHE B 644 -29.66 16.76 -6.54
C PHE B 644 -31.07 16.87 -5.94
N ARG B 645 -31.87 15.81 -6.13
CA ARG B 645 -33.18 15.66 -5.50
C ARG B 645 -33.11 14.62 -4.38
N SER B 646 -33.55 14.98 -3.17
CA SER B 646 -33.69 14.02 -2.07
C SER B 646 -35.14 13.93 -1.55
N LEU B 647 -35.50 14.81 -0.63
CA LEU B 647 -36.90 14.97 -0.21
C LEU B 647 -37.40 16.34 -0.65
N SER B 648 -37.89 17.13 0.30
CA SER B 648 -38.32 18.52 0.06
C SER B 648 -37.10 19.43 -0.13
N THR B 649 -36.14 19.33 0.79
CA THR B 649 -34.88 20.05 0.68
C THR B 649 -33.98 19.33 -0.32
N THR B 650 -34.04 19.76 -1.58
CA THR B 650 -33.23 19.21 -2.65
C THR B 650 -31.90 19.96 -2.66
N ASN B 651 -30.78 19.23 -2.52
CA ASN B 651 -29.50 19.84 -2.14
C ASN B 651 -28.36 19.72 -3.17
N VAL B 652 -27.14 20.04 -2.74
CA VAL B 652 -25.97 20.09 -3.63
C VAL B 652 -24.87 19.05 -3.31
N PHE B 653 -24.46 18.33 -4.36
CA PHE B 653 -23.41 17.30 -4.32
C PHE B 653 -22.10 17.84 -4.84
N ALA B 654 -21.03 17.58 -4.10
CA ALA B 654 -19.69 18.04 -4.48
C ALA B 654 -18.74 16.88 -4.77
N CYS B 655 -18.25 16.80 -6.01
CA CYS B 655 -17.37 15.72 -6.43
C CYS B 655 -15.92 16.14 -6.27
N SER B 656 -15.06 15.22 -5.87
CA SER B 656 -13.64 15.47 -5.69
C SER B 656 -12.86 14.16 -5.78
N ASP B 657 -11.81 14.05 -4.96
CA ASP B 657 -11.18 12.77 -4.69
C ASP B 657 -11.72 12.26 -3.36
N ARG B 658 -12.83 12.88 -2.96
CA ARG B 658 -13.52 12.60 -1.71
C ARG B 658 -14.88 13.30 -1.84
N PRO B 659 -15.91 12.55 -2.27
CA PRO B 659 -17.25 13.06 -2.55
C PRO B 659 -17.93 13.61 -1.30
N THR B 660 -18.73 14.65 -1.47
CA THR B 660 -19.38 15.36 -0.37
C THR B 660 -20.78 15.87 -0.72
N VAL B 661 -21.76 15.46 0.07
CA VAL B 661 -23.14 15.94 -0.08
C VAL B 661 -23.40 17.07 0.91
N ILE B 662 -23.93 18.17 0.37
CA ILE B 662 -24.22 19.39 1.12
C ILE B 662 -25.74 19.59 1.27
N TYR B 663 -26.27 19.16 2.42
CA TYR B 663 -27.71 19.06 2.72
C TYR B 663 -28.26 20.39 3.25
N SER B 664 -29.13 20.33 4.27
CA SER B 664 -29.64 21.52 4.97
C SER B 664 -29.86 21.24 6.46
N SER B 665 -29.02 21.86 7.29
CA SER B 665 -28.95 21.62 8.74
C SER B 665 -30.15 22.21 9.51
N ASN B 666 -29.88 23.17 10.40
CA ASN B 666 -30.92 23.90 11.13
C ASN B 666 -31.56 24.94 10.20
N HIS B 667 -30.71 25.50 9.35
CA HIS B 667 -31.08 26.34 8.23
C HIS B 667 -29.84 26.36 7.37
N LYS B 668 -28.72 25.94 7.98
CA LYS B 668 -27.42 25.80 7.33
C LYS B 668 -27.41 24.64 6.32
N LEU B 669 -26.22 24.21 5.91
CA LEU B 669 -26.09 23.12 4.94
C LEU B 669 -25.13 22.08 5.49
N VAL B 670 -25.56 20.83 5.57
CA VAL B 670 -24.73 19.73 6.05
C VAL B 670 -23.47 19.61 5.16
N PHE B 671 -22.41 19.03 5.72
CA PHE B 671 -21.10 18.91 5.07
C PHE B 671 -20.51 17.50 5.22
N SER B 672 -21.24 16.50 4.72
CA SER B 672 -20.93 15.11 5.05
C SER B 672 -20.29 14.31 3.93
N ASN B 673 -19.37 13.42 4.31
CA ASN B 673 -18.72 12.49 3.39
C ASN B 673 -19.71 11.61 2.63
N VAL B 674 -19.25 11.05 1.52
CA VAL B 674 -20.03 10.11 0.74
C VAL B 674 -19.19 8.87 0.46
N ASN B 675 -19.70 7.70 0.85
CA ASN B 675 -18.97 6.44 0.78
C ASN B 675 -18.75 5.87 -0.64
N LEU B 676 -17.94 6.60 -1.42
CA LEU B 676 -17.58 6.24 -2.78
C LEU B 676 -16.10 6.47 -3.05
N LYS B 677 -15.50 5.52 -3.76
CA LYS B 677 -14.07 5.51 -4.09
C LYS B 677 -13.62 6.90 -4.51
N GLU B 678 -14.04 7.33 -5.70
CA GLU B 678 -13.78 8.67 -6.22
C GLU B 678 -14.92 9.01 -7.19
N VAL B 679 -15.38 10.26 -7.16
CA VAL B 679 -16.49 10.69 -8.02
C VAL B 679 -16.13 11.95 -8.78
N ASN B 680 -16.45 11.97 -10.08
CA ASN B 680 -16.09 13.09 -10.96
C ASN B 680 -17.22 14.04 -11.34
N TYR B 681 -18.35 13.50 -11.80
CA TYR B 681 -19.53 14.29 -12.15
C TYR B 681 -20.82 13.57 -11.79
N MET B 682 -21.81 14.32 -11.31
CA MET B 682 -23.05 13.71 -10.82
C MET B 682 -24.29 14.42 -11.38
N CYS B 683 -25.37 13.65 -11.60
CA CYS B 683 -26.63 14.18 -12.15
C CYS B 683 -27.87 13.38 -11.74
N PRO B 684 -29.00 14.09 -11.47
CA PRO B 684 -30.31 13.48 -11.17
C PRO B 684 -30.94 12.77 -12.38
N LEU B 685 -32.09 12.11 -12.18
CA LEU B 685 -32.71 11.27 -13.21
C LEU B 685 -34.16 10.86 -12.84
N ASN B 686 -34.69 9.86 -13.55
CA ASN B 686 -35.94 9.14 -13.22
C ASN B 686 -36.41 8.19 -14.35
N SER B 687 -35.47 7.57 -15.07
CA SER B 687 -35.81 6.70 -16.21
C SER B 687 -36.71 5.49 -15.84
N ASP B 688 -37.41 4.92 -16.83
CA ASP B 688 -38.29 3.78 -16.58
C ASP B 688 -37.53 2.45 -16.39
N GLY B 689 -36.20 2.53 -16.46
CA GLY B 689 -35.34 1.42 -16.09
C GLY B 689 -34.48 1.76 -14.86
N TYR B 690 -34.26 3.06 -14.63
CA TYR B 690 -33.52 3.56 -13.47
C TYR B 690 -34.13 4.85 -12.92
N PRO B 691 -35.14 4.73 -12.03
CA PRO B 691 -35.92 5.85 -11.49
C PRO B 691 -35.19 6.67 -10.43
N ASP B 692 -35.94 7.53 -9.73
CA ASP B 692 -35.45 8.44 -8.66
C ASP B 692 -34.01 8.22 -8.15
N SER B 693 -33.02 8.55 -8.98
CA SER B 693 -31.63 8.28 -8.64
C SER B 693 -30.64 9.30 -9.19
N LEU B 694 -29.39 9.18 -8.74
CA LEU B 694 -28.31 10.04 -9.14
C LEU B 694 -27.31 9.23 -9.95
N ALA B 695 -26.91 9.78 -11.09
CA ALA B 695 -25.91 9.15 -11.94
C ALA B 695 -24.54 9.73 -11.61
N LEU B 696 -23.60 8.84 -11.30
CA LEU B 696 -22.26 9.26 -10.91
C LEU B 696 -21.20 8.64 -11.81
N ALA B 697 -20.33 9.50 -12.33
CA ALA B 697 -19.24 9.09 -13.20
C ALA B 697 -17.90 9.29 -12.52
N ASN B 698 -16.91 8.48 -12.88
CA ASN B 698 -15.56 8.66 -12.37
C ASN B 698 -14.47 8.32 -13.38
N ASN B 699 -13.24 8.24 -12.85
CA ASN B 699 -12.06 7.75 -13.55
C ASN B 699 -12.36 6.81 -14.73
N SER B 700 -13.00 5.67 -14.45
CA SER B 700 -13.26 4.65 -15.46
C SER B 700 -14.45 3.73 -15.12
N THR B 701 -15.61 4.33 -14.93
CA THR B 701 -16.84 3.64 -14.49
C THR B 701 -18.02 4.61 -14.48
N LEU B 702 -19.19 4.18 -14.96
CA LEU B 702 -20.43 4.89 -14.68
C LEU B 702 -21.31 4.09 -13.72
N THR B 703 -22.11 4.79 -12.91
CA THR B 703 -23.04 4.19 -11.95
C THR B 703 -24.27 5.04 -11.67
N ILE B 704 -25.39 4.37 -11.41
CA ILE B 704 -26.67 5.01 -11.10
C ILE B 704 -27.26 4.37 -9.86
N GLY B 705 -27.94 5.16 -9.02
CA GLY B 705 -28.58 4.60 -7.85
C GLY B 705 -28.96 5.57 -6.74
N THR B 706 -29.92 5.14 -5.92
CA THR B 706 -30.51 5.95 -4.86
C THR B 706 -29.52 6.41 -3.78
N ILE B 707 -29.96 7.36 -2.96
CA ILE B 707 -29.14 7.95 -1.90
C ILE B 707 -29.66 7.52 -0.54
N ASP B 708 -28.76 7.46 0.44
CA ASP B 708 -29.12 7.19 1.83
C ASP B 708 -29.86 8.37 2.46
N GLU B 709 -29.80 8.47 3.78
CA GLU B 709 -30.33 9.63 4.51
C GLU B 709 -29.46 10.82 4.08
N ILE B 710 -29.13 11.71 5.02
CA ILE B 710 -28.09 12.72 4.79
C ILE B 710 -27.59 13.26 6.14
N GLN B 711 -26.79 12.45 6.82
CA GLN B 711 -26.17 12.85 8.07
C GLN B 711 -24.68 12.60 7.97
N LYS B 712 -23.99 12.79 9.10
CA LYS B 712 -22.67 12.19 9.27
C LYS B 712 -22.87 10.71 9.57
N LEU B 713 -23.77 10.43 10.51
CA LEU B 713 -24.05 9.06 11.01
C LEU B 713 -25.48 8.61 10.72
N HIS B 714 -25.60 7.51 9.97
CA HIS B 714 -26.86 6.78 9.78
C HIS B 714 -27.03 5.81 10.95
N ILE B 715 -28.27 5.65 11.42
CA ILE B 715 -28.55 4.88 12.63
C ILE B 715 -29.73 3.93 12.45
N ARG B 716 -29.46 2.62 12.52
CA ARG B 716 -30.42 1.59 12.07
C ARG B 716 -31.66 1.33 12.96
N THR B 717 -31.45 1.03 14.25
CA THR B 717 -32.57 0.78 15.18
C THR B 717 -33.37 -0.50 14.85
N VAL B 718 -33.00 -1.61 15.48
CA VAL B 718 -33.73 -2.86 15.36
C VAL B 718 -34.42 -3.13 16.69
N PRO B 719 -35.74 -2.80 16.77
CA PRO B 719 -36.50 -2.91 18.02
C PRO B 719 -36.50 -4.33 18.61
N LEU B 720 -36.14 -4.44 19.89
CA LEU B 720 -36.04 -5.74 20.59
C LEU B 720 -37.16 -5.94 21.62
N TYR B 721 -37.71 -4.83 22.13
CA TYR B 721 -38.87 -4.87 23.03
C TYR B 721 -38.56 -5.44 24.42
N GLU B 722 -37.26 -5.61 24.67
CA GLU B 722 -36.71 -6.11 25.94
C GLU B 722 -35.23 -5.70 26.00
N SER B 723 -34.60 -5.90 27.14
CA SER B 723 -33.32 -5.25 27.40
C SER B 723 -32.09 -6.07 27.05
N PRO B 724 -31.32 -5.62 26.04
CA PRO B 724 -30.13 -6.36 25.65
C PRO B 724 -28.98 -5.97 26.55
N ARG B 725 -28.10 -6.93 26.86
CA ARG B 725 -27.07 -6.71 27.86
C ARG B 725 -25.64 -6.69 27.32
N LYS B 726 -25.29 -7.65 26.46
CA LYS B 726 -23.97 -7.70 25.80
C LYS B 726 -24.12 -8.21 24.36
N ILE B 727 -23.05 -8.07 23.56
CA ILE B 727 -23.09 -8.47 22.13
C ILE B 727 -21.76 -9.03 21.55
N CYS B 728 -21.89 -9.91 20.56
CA CYS B 728 -20.74 -10.63 19.99
C CYS B 728 -20.88 -11.01 18.53
N TYR B 729 -19.91 -10.59 17.72
CA TYR B 729 -19.90 -10.97 16.31
C TYR B 729 -19.11 -12.25 16.03
N GLN B 730 -19.83 -13.27 15.54
CA GLN B 730 -19.24 -14.52 15.07
C GLN B 730 -19.21 -14.44 13.54
N GLU B 731 -18.01 -14.25 12.99
CA GLU B 731 -17.86 -13.95 11.56
C GLU B 731 -18.07 -15.17 10.64
N VAL B 732 -17.49 -16.30 11.04
CA VAL B 732 -17.60 -17.54 10.27
C VAL B 732 -19.01 -18.12 10.26
N SER B 733 -19.86 -17.65 11.16
CA SER B 733 -21.26 -18.04 11.18
C SER B 733 -22.16 -16.96 10.60
N GLN B 734 -21.66 -15.72 10.62
CA GLN B 734 -22.35 -14.54 10.07
C GLN B 734 -23.55 -14.05 10.90
N CYS B 735 -23.35 -13.89 12.21
CA CYS B 735 -24.45 -13.58 13.11
C CYS B 735 -24.01 -13.19 14.52
N PHE B 736 -24.79 -12.31 15.13
CA PHE B 736 -24.51 -11.83 16.47
C PHE B 736 -25.11 -12.73 17.55
N GLY B 737 -24.34 -12.95 18.62
CA GLY B 737 -24.90 -13.49 19.84
C GLY B 737 -25.28 -12.30 20.67
N VAL B 738 -26.48 -12.31 21.24
CA VAL B 738 -26.92 -11.16 22.03
C VAL B 738 -27.58 -11.66 23.30
N LEU B 739 -27.02 -11.26 24.44
CA LEU B 739 -27.61 -11.56 25.73
C LEU B 739 -28.70 -10.54 26.04
N SER B 740 -29.93 -11.03 26.20
CA SER B 740 -31.09 -10.19 26.48
C SER B 740 -31.77 -10.59 27.79
N SER B 741 -32.76 -9.82 28.20
CA SER B 741 -33.32 -9.94 29.54
C SER B 741 -34.76 -9.46 29.61
N ARG B 742 -35.71 -10.36 29.32
CA ARG B 742 -37.12 -10.03 29.47
C ARG B 742 -37.63 -10.18 30.92
N ILE B 743 -38.66 -9.41 31.26
CA ILE B 743 -39.22 -9.43 32.60
C ILE B 743 -40.60 -10.03 32.51
N GLU B 744 -40.98 -10.81 33.53
CA GLU B 744 -42.30 -11.43 33.58
C GLU B 744 -42.99 -11.21 34.93
N VAL B 745 -44.25 -11.60 35.01
CA VAL B 745 -45.04 -11.47 36.25
C VAL B 745 -45.22 -12.81 36.95
N GLN B 746 -45.38 -12.77 38.28
CA GLN B 746 -45.65 -13.98 39.07
C GLN B 746 -46.96 -14.62 38.62
N ASP B 747 -47.12 -15.92 38.90
CA ASP B 747 -48.25 -16.66 38.33
C ASP B 747 -49.09 -17.46 39.31
N THR B 748 -50.33 -17.73 38.91
CA THR B 748 -51.33 -18.47 39.71
C THR B 748 -50.94 -19.93 40.00
N SER B 749 -50.00 -20.47 39.22
CA SER B 749 -49.41 -21.80 39.47
C SER B 749 -48.13 -21.68 40.30
N GLY B 750 -47.44 -20.55 40.15
CA GLY B 750 -46.21 -20.30 40.89
C GLY B 750 -45.06 -19.87 40.00
N GLY B 751 -45.24 -20.03 38.68
CA GLY B 751 -44.21 -19.68 37.71
C GLY B 751 -44.24 -18.23 37.24
N THR B 752 -44.07 -18.05 35.93
CA THR B 752 -44.09 -16.73 35.27
C THR B 752 -44.62 -16.83 33.82
N THR B 753 -45.29 -15.77 33.36
CA THR B 753 -46.01 -15.84 32.08
C THR B 753 -45.53 -14.92 30.96
N ALA B 754 -45.40 -13.61 31.21
CA ALA B 754 -44.99 -12.65 30.18
C ALA B 754 -45.63 -11.29 30.41
N LEU B 755 -45.23 -10.31 29.61
CA LEU B 755 -45.91 -9.01 29.58
C LEU B 755 -46.30 -8.57 28.16
N ARG B 756 -45.44 -8.90 27.20
CA ARG B 756 -45.58 -8.50 25.81
C ARG B 756 -44.83 -9.51 24.93
N PRO B 757 -44.94 -9.38 23.60
CA PRO B 757 -44.20 -10.31 22.75
C PRO B 757 -42.81 -9.78 22.37
N SER B 758 -41.79 -10.26 23.09
CA SER B 758 -40.41 -9.77 22.97
C SER B 758 -39.67 -10.38 21.78
N ALA B 759 -38.34 -10.39 21.86
CA ALA B 759 -37.50 -11.01 20.86
C ALA B 759 -37.21 -12.47 21.21
N SER B 760 -37.31 -12.80 22.50
CA SER B 760 -37.14 -14.18 22.99
C SER B 760 -38.35 -15.09 22.69
N THR B 761 -39.49 -14.47 22.46
CA THR B 761 -40.75 -15.17 22.26
C THR B 761 -41.12 -15.27 20.78
N GLN B 762 -40.77 -14.25 20.01
CA GLN B 762 -40.99 -14.22 18.56
C GLN B 762 -39.77 -14.74 17.80
N ALA B 763 -38.87 -15.41 18.51
CA ALA B 763 -37.73 -16.08 17.92
C ALA B 763 -38.20 -17.13 16.91
N LEU B 764 -37.53 -17.20 15.77
CA LEU B 764 -37.93 -18.09 14.68
C LEU B 764 -37.85 -19.57 15.06
N SER B 765 -37.11 -19.85 16.13
CA SER B 765 -36.99 -21.17 16.72
C SER B 765 -36.34 -21.01 18.10
N SER B 766 -36.60 -21.95 19.00
CA SER B 766 -36.19 -21.80 20.41
C SER B 766 -35.69 -23.07 21.08
N SER B 767 -34.92 -22.88 22.13
CA SER B 767 -34.56 -23.95 23.03
C SER B 767 -34.47 -23.40 24.45
N VAL B 768 -34.81 -24.21 25.44
CA VAL B 768 -34.67 -23.80 26.83
C VAL B 768 -33.51 -24.58 27.44
N SER B 769 -33.11 -24.19 28.64
CA SER B 769 -32.08 -24.90 29.36
C SER B 769 -32.62 -26.26 29.75
N SER B 770 -31.77 -27.28 29.56
CA SER B 770 -32.15 -28.67 29.78
C SER B 770 -31.42 -29.29 30.98
N SER B 771 -30.34 -28.64 31.43
CA SER B 771 -29.40 -29.19 32.41
C SER B 771 -29.93 -29.40 33.84
N LYS B 772 -29.24 -30.25 34.59
CA LYS B 772 -29.64 -30.65 35.95
C LYS B 772 -28.51 -30.47 36.98
N LEU B 773 -27.70 -29.42 36.77
CA LEU B 773 -26.50 -29.18 37.60
C LEU B 773 -26.77 -28.63 39.00
N PHE B 774 -27.95 -28.06 39.21
CA PHE B 774 -28.28 -27.40 40.47
C PHE B 774 -29.53 -27.99 41.13
N SER B 775 -29.58 -27.88 42.46
CA SER B 775 -30.73 -28.40 43.24
C SER B 775 -30.86 -27.75 44.64
N SER B 776 -30.57 -26.44 44.72
CA SER B 776 -30.72 -25.68 45.96
C SER B 776 -32.06 -24.95 46.06
N GLY B 786 -48.12 -10.19 42.73
CA GLY B 786 -47.32 -8.99 42.47
C GLY B 786 -45.81 -9.20 42.64
N GLU B 787 -45.26 -10.14 41.87
CA GLU B 787 -43.83 -10.45 41.92
C GLU B 787 -43.21 -10.46 40.50
N GLU B 788 -42.13 -9.70 40.32
CA GLU B 788 -41.35 -9.63 39.07
C GLU B 788 -40.11 -10.54 39.13
N VAL B 789 -39.78 -11.18 38.01
CA VAL B 789 -38.50 -11.89 37.87
C VAL B 789 -37.95 -11.90 36.43
N GLU B 790 -36.72 -11.39 36.27
CA GLU B 790 -35.98 -11.38 35.00
C GLU B 790 -35.75 -12.78 34.39
N VAL B 791 -35.99 -12.90 33.08
CA VAL B 791 -35.67 -14.12 32.34
C VAL B 791 -34.61 -13.77 31.30
N HIS B 792 -33.62 -14.63 31.12
CA HIS B 792 -32.47 -14.32 30.26
C HIS B 792 -32.32 -15.20 29.04
N ASN B 793 -31.67 -14.67 28.01
CA ASN B 793 -31.60 -15.34 26.72
C ASN B 793 -30.39 -15.02 25.90
N LEU B 794 -29.89 -16.02 25.19
CA LEU B 794 -28.97 -15.82 24.09
C LEU B 794 -29.80 -15.72 22.81
N LEU B 795 -29.73 -14.57 22.16
CA LEU B 795 -30.40 -14.37 20.89
C LEU B 795 -29.35 -14.50 19.80
N ILE B 796 -29.67 -15.25 18.74
CA ILE B 796 -28.79 -15.32 17.59
C ILE B 796 -29.39 -14.52 16.44
N ILE B 797 -28.69 -13.45 16.07
CA ILE B 797 -29.18 -12.47 15.10
C ILE B 797 -28.40 -12.57 13.77
N ASP B 798 -29.13 -12.85 12.70
CA ASP B 798 -28.59 -12.76 11.36
C ASP B 798 -28.09 -11.32 11.16
N GLN B 799 -26.90 -11.19 10.56
CA GLN B 799 -26.31 -9.86 10.35
C GLN B 799 -26.94 -9.10 9.19
N HIS B 800 -27.60 -9.83 8.30
CA HIS B 800 -28.18 -9.23 7.09
C HIS B 800 -29.62 -8.77 7.34
N THR B 801 -30.43 -9.62 7.97
CA THR B 801 -31.84 -9.31 8.25
C THR B 801 -32.10 -8.68 9.62
N PHE B 802 -31.17 -8.87 10.54
CA PHE B 802 -31.39 -8.56 11.95
C PHE B 802 -32.70 -9.17 12.46
N GLU B 803 -33.04 -10.32 11.87
CA GLU B 803 -34.08 -11.20 12.38
C GLU B 803 -33.47 -12.07 13.48
N VAL B 804 -34.33 -12.68 14.30
CA VAL B 804 -33.89 -13.49 15.44
C VAL B 804 -33.93 -14.98 15.11
N LEU B 805 -32.84 -15.46 14.52
CA LEU B 805 -32.74 -16.86 14.11
C LEU B 805 -32.89 -17.88 15.24
N HIS B 806 -32.48 -17.51 16.46
CA HIS B 806 -32.57 -18.42 17.61
C HIS B 806 -32.63 -17.70 18.97
N ALA B 807 -33.33 -18.33 19.92
CA ALA B 807 -33.43 -17.85 21.30
C ALA B 807 -33.38 -18.97 22.34
N HIS B 808 -32.19 -19.25 22.86
CA HIS B 808 -32.00 -20.21 23.96
C HIS B 808 -32.28 -19.55 25.30
N GLN B 809 -33.11 -20.19 26.11
CA GLN B 809 -33.50 -19.62 27.41
C GLN B 809 -32.74 -20.29 28.57
N PHE B 810 -31.93 -19.50 29.27
CA PHE B 810 -31.21 -19.98 30.44
C PHE B 810 -32.18 -20.32 31.58
N LEU B 811 -31.68 -21.01 32.60
CA LEU B 811 -32.52 -21.54 33.67
C LEU B 811 -33.23 -20.45 34.45
N GLN B 812 -34.19 -20.87 35.26
CA GLN B 812 -34.87 -19.99 36.20
C GLN B 812 -33.85 -19.28 37.10
N ASN B 813 -34.11 -18.00 37.38
CA ASN B 813 -33.26 -17.19 38.28
C ASN B 813 -31.80 -17.15 37.88
N GLU B 814 -31.48 -17.65 36.69
CA GLU B 814 -30.15 -17.57 36.12
C GLU B 814 -30.05 -16.37 35.17
N TYR B 815 -29.13 -15.46 35.49
CA TYR B 815 -28.82 -14.30 34.62
C TYR B 815 -27.52 -14.66 33.89
N ALA B 816 -27.43 -14.31 32.61
CA ALA B 816 -26.21 -14.53 31.83
C ALA B 816 -25.42 -13.24 31.74
N LEU B 817 -24.13 -13.29 32.03
CA LEU B 817 -23.39 -12.05 32.32
C LEU B 817 -22.23 -11.69 31.38
N SER B 818 -21.93 -12.56 30.42
CA SER B 818 -20.75 -12.40 29.59
C SER B 818 -20.86 -13.19 28.30
N LEU B 819 -20.13 -12.79 27.27
CA LEU B 819 -20.23 -13.43 25.98
C LEU B 819 -18.96 -13.31 25.16
N VAL B 820 -18.46 -14.46 24.71
CA VAL B 820 -17.34 -14.50 23.78
C VAL B 820 -17.75 -15.32 22.56
N SER B 821 -17.14 -15.02 21.41
CA SER B 821 -17.15 -15.96 20.31
C SER B 821 -15.70 -16.26 19.97
N CYS B 822 -15.30 -17.51 20.15
CA CYS B 822 -13.91 -17.86 19.90
C CYS B 822 -13.68 -19.29 19.48
N LYS B 823 -12.46 -19.54 19.00
CA LYS B 823 -11.94 -20.87 18.87
C LYS B 823 -11.15 -21.09 20.14
N LEU B 824 -11.43 -22.20 20.80
CA LEU B 824 -10.69 -22.57 22.01
C LEU B 824 -9.82 -23.79 21.75
N GLY B 825 -8.65 -23.82 22.40
CA GLY B 825 -7.68 -24.92 22.24
C GLY B 825 -7.31 -25.17 20.79
N LYS B 826 -7.33 -26.44 20.40
CA LYS B 826 -7.11 -26.83 19.00
C LYS B 826 -8.41 -27.27 18.29
N ASP B 827 -9.54 -26.89 18.87
CA ASP B 827 -10.86 -27.20 18.32
C ASP B 827 -11.12 -26.35 17.08
N PRO B 828 -11.52 -26.99 15.96
CA PRO B 828 -11.75 -26.26 14.70
C PRO B 828 -13.02 -25.41 14.68
N ASN B 829 -14.03 -25.80 15.45
CA ASN B 829 -15.29 -25.04 15.54
C ASN B 829 -15.12 -23.76 16.32
N THR B 830 -15.90 -22.75 15.95
CA THR B 830 -15.95 -21.50 16.71
C THR B 830 -17.22 -21.50 17.55
N TYR B 831 -17.07 -21.18 18.84
CA TYR B 831 -18.16 -21.33 19.81
C TYR B 831 -18.81 -20.01 20.26
N PHE B 832 -19.90 -20.14 21.02
CA PHE B 832 -20.44 -19.03 21.80
C PHE B 832 -20.35 -19.43 23.25
N ILE B 833 -19.64 -18.64 24.05
CA ILE B 833 -19.47 -18.96 25.47
C ILE B 833 -20.09 -17.88 26.34
N VAL B 834 -20.91 -18.35 27.26
CA VAL B 834 -21.75 -17.51 28.07
C VAL B 834 -21.52 -17.84 29.54
N GLY B 835 -20.89 -16.92 30.27
CA GLY B 835 -20.75 -17.07 31.72
C GLY B 835 -22.01 -16.59 32.40
N THR B 836 -22.47 -17.31 33.42
CA THR B 836 -23.75 -16.98 34.07
C THR B 836 -23.66 -16.76 35.58
N ALA B 837 -24.78 -16.91 36.27
CA ALA B 837 -24.87 -16.80 37.72
C ALA B 837 -26.32 -16.92 38.12
N MET B 838 -26.55 -17.46 39.32
CA MET B 838 -27.90 -17.62 39.87
C MET B 838 -28.17 -16.55 40.92
N VAL B 839 -29.28 -15.86 40.78
CA VAL B 839 -29.58 -14.69 41.60
C VAL B 839 -30.81 -14.92 42.47
N TYR B 840 -30.67 -14.69 43.77
CA TYR B 840 -31.81 -14.73 44.70
C TYR B 840 -31.67 -13.61 45.73
N PRO B 841 -32.72 -12.76 45.89
CA PRO B 841 -32.63 -11.52 46.69
C PRO B 841 -32.33 -11.67 48.19
N GLU B 842 -31.98 -12.89 48.62
CA GLU B 842 -31.49 -13.13 49.97
C GLU B 842 -29.99 -12.91 50.09
N GLU B 843 -29.22 -13.54 49.21
CA GLU B 843 -27.76 -13.44 49.18
C GLU B 843 -27.22 -12.29 48.29
N ALA B 844 -26.47 -11.38 48.91
CA ALA B 844 -25.99 -10.14 48.28
C ALA B 844 -25.06 -10.38 47.09
N GLU B 845 -24.26 -11.45 47.16
CA GLU B 845 -23.47 -11.87 46.01
C GLU B 845 -23.58 -13.39 45.80
N PRO B 846 -23.50 -13.84 44.53
CA PRO B 846 -23.83 -15.24 44.21
C PRO B 846 -22.65 -16.18 44.35
N LYS B 847 -22.92 -17.37 44.87
CA LYS B 847 -21.93 -18.41 45.01
C LYS B 847 -22.24 -19.60 44.07
N GLN B 848 -22.81 -19.28 42.92
CA GLN B 848 -23.23 -20.29 41.95
C GLN B 848 -23.11 -19.77 40.53
N GLY B 849 -23.32 -20.66 39.56
CA GLY B 849 -23.31 -20.26 38.16
C GLY B 849 -22.58 -21.21 37.23
N ARG B 850 -22.96 -21.19 35.95
CA ARG B 850 -22.37 -22.07 34.94
C ARG B 850 -21.73 -21.34 33.77
N ILE B 851 -20.65 -21.90 33.24
CA ILE B 851 -20.06 -21.42 32.01
C ILE B 851 -20.50 -22.39 30.93
N VAL B 852 -21.34 -21.93 30.00
CA VAL B 852 -21.88 -22.78 28.92
C VAL B 852 -21.18 -22.54 27.59
N VAL B 853 -20.96 -23.62 26.84
CA VAL B 853 -20.26 -23.54 25.56
C VAL B 853 -21.19 -23.90 24.39
N PHE B 854 -21.94 -22.90 23.91
CA PHE B 854 -22.84 -23.08 22.78
C PHE B 854 -22.07 -23.18 21.46
N GLN B 855 -22.69 -23.85 20.47
CA GLN B 855 -22.18 -23.88 19.10
C GLN B 855 -23.32 -23.77 18.10
N TYR B 856 -23.21 -22.79 17.21
CA TYR B 856 -24.19 -22.61 16.14
C TYR B 856 -23.69 -23.29 14.87
N SER B 857 -24.52 -24.17 14.31
CA SER B 857 -24.15 -24.97 13.14
C SER B 857 -24.65 -24.37 11.82
N ASP B 858 -25.48 -25.12 11.09
CA ASP B 858 -26.17 -24.62 9.89
C ASP B 858 -27.17 -23.57 10.34
N GLY B 859 -28.30 -24.07 10.86
CA GLY B 859 -29.26 -23.27 11.62
C GLY B 859 -29.53 -24.02 12.91
N LYS B 860 -28.45 -24.39 13.58
CA LYS B 860 -28.53 -25.28 14.74
C LYS B 860 -27.70 -24.79 15.94
N LEU B 861 -28.37 -24.62 17.08
CA LEU B 861 -27.73 -24.18 18.31
C LEU B 861 -27.55 -25.35 19.29
N GLN B 862 -26.31 -25.79 19.47
CA GLN B 862 -26.00 -26.99 20.24
C GLN B 862 -25.32 -26.66 21.57
N THR B 863 -25.85 -27.22 22.66
CA THR B 863 -25.19 -27.11 23.98
C THR B 863 -24.01 -28.09 24.01
N VAL B 864 -22.81 -27.58 23.77
CA VAL B 864 -21.61 -28.42 23.61
C VAL B 864 -20.98 -28.86 24.92
N ALA B 865 -21.04 -28.00 25.92
CA ALA B 865 -20.44 -28.29 27.22
C ALA B 865 -20.79 -27.23 28.24
N GLU B 866 -20.89 -27.67 29.49
CA GLU B 866 -21.02 -26.77 30.63
C GLU B 866 -19.93 -27.03 31.66
N LYS B 867 -19.83 -26.15 32.64
CA LYS B 867 -18.90 -26.31 33.75
C LYS B 867 -19.42 -25.45 34.88
N GLU B 868 -19.53 -26.01 36.08
CA GLU B 868 -20.04 -25.28 37.21
C GLU B 868 -18.97 -24.35 37.80
N VAL B 869 -19.42 -23.31 38.51
CA VAL B 869 -18.55 -22.41 39.25
C VAL B 869 -19.21 -21.93 40.55
N LYS B 870 -18.43 -21.88 41.61
CA LYS B 870 -18.91 -21.49 42.95
C LYS B 870 -18.91 -19.96 43.11
N GLY B 871 -19.48 -19.28 42.11
CA GLY B 871 -19.51 -17.83 42.05
C GLY B 871 -19.91 -17.29 40.68
N ALA B 872 -20.23 -16.00 40.64
CA ALA B 872 -20.69 -15.33 39.40
C ALA B 872 -19.60 -15.14 38.37
N VAL B 873 -19.94 -15.39 37.10
CA VAL B 873 -19.00 -15.14 36.00
C VAL B 873 -19.23 -13.74 35.41
N TYR B 874 -18.31 -12.84 35.70
CA TYR B 874 -18.51 -11.42 35.41
C TYR B 874 -18.09 -11.02 34.02
N SER B 875 -16.92 -11.48 33.60
CA SER B 875 -16.49 -11.29 32.22
C SER B 875 -15.59 -12.45 31.85
N MET B 876 -15.17 -12.50 30.58
CA MET B 876 -14.30 -13.58 30.12
C MET B 876 -13.72 -13.31 28.74
N VAL B 877 -12.54 -12.70 28.72
CA VAL B 877 -11.81 -12.48 27.49
C VAL B 877 -11.25 -13.83 27.02
N GLU B 878 -11.10 -14.00 25.71
CA GLU B 878 -10.41 -15.15 25.16
C GLU B 878 -8.91 -14.85 25.15
N PHE B 879 -8.14 -15.70 25.83
CA PHE B 879 -6.72 -15.45 26.04
C PHE B 879 -5.81 -15.92 24.88
N ASN B 880 -5.34 -17.16 24.94
CA ASN B 880 -4.48 -17.70 23.88
C ASN B 880 -4.95 -19.08 23.45
N GLY B 881 -6.16 -19.14 22.91
CA GLY B 881 -6.86 -20.41 22.70
C GLY B 881 -7.32 -20.97 24.04
N LYS B 882 -7.45 -20.07 25.02
CA LYS B 882 -7.81 -20.42 26.38
C LYS B 882 -8.86 -19.44 26.87
N LEU B 883 -9.86 -19.95 27.60
CA LEU B 883 -10.89 -19.09 28.20
C LEU B 883 -10.47 -18.60 29.58
N LEU B 884 -10.79 -17.34 29.87
CA LEU B 884 -10.21 -16.67 31.03
C LEU B 884 -11.25 -15.84 31.80
N ALA B 885 -11.92 -16.51 32.75
CA ALA B 885 -13.06 -15.92 33.44
C ALA B 885 -12.71 -15.25 34.76
N SER B 886 -13.50 -14.23 35.09
CA SER B 886 -13.41 -13.59 36.40
C SER B 886 -14.67 -13.96 37.19
N ILE B 887 -14.45 -14.64 38.31
CA ILE B 887 -15.52 -15.25 39.07
C ILE B 887 -15.44 -14.84 40.55
N ASN B 888 -16.08 -13.70 40.89
CA ASN B 888 -16.17 -13.19 42.27
C ASN B 888 -14.85 -13.25 43.03
N SER B 889 -14.00 -12.24 42.83
CA SER B 889 -12.69 -12.19 43.51
C SER B 889 -11.74 -13.33 43.09
N THR B 890 -11.94 -13.88 41.89
CA THR B 890 -11.11 -14.97 41.41
C THR B 890 -10.97 -14.86 39.90
N VAL B 891 -9.77 -14.55 39.44
CA VAL B 891 -9.50 -14.55 38.01
C VAL B 891 -8.88 -15.91 37.67
N ARG B 892 -9.45 -16.55 36.66
CA ARG B 892 -9.19 -17.97 36.39
C ARG B 892 -8.97 -18.23 34.90
N LEU B 893 -7.99 -19.07 34.59
CA LEU B 893 -7.70 -19.44 33.20
C LEU B 893 -8.09 -20.89 32.92
N TYR B 894 -8.85 -21.08 31.84
CA TYR B 894 -9.34 -22.41 31.42
C TYR B 894 -8.64 -22.89 30.16
N GLU B 895 -8.48 -24.20 30.05
CA GLU B 895 -7.98 -24.82 28.82
C GLU B 895 -9.12 -25.57 28.14
N TRP B 896 -8.90 -25.97 26.90
CA TRP B 896 -9.92 -26.71 26.16
C TRP B 896 -9.39 -28.07 25.76
N THR B 897 -9.68 -29.05 26.62
CA THR B 897 -9.22 -30.43 26.43
C THR B 897 -9.65 -31.01 25.09
N THR B 898 -8.97 -32.07 24.70
CA THR B 898 -9.23 -32.76 23.46
C THR B 898 -10.63 -33.37 23.45
N GLU B 899 -11.03 -33.96 24.58
CA GLU B 899 -12.34 -34.61 24.72
C GLU B 899 -13.51 -33.63 24.92
N LYS B 900 -13.29 -32.37 24.55
CA LYS B 900 -14.27 -31.27 24.63
C LYS B 900 -14.88 -31.04 26.01
N ASP B 901 -14.01 -30.64 26.94
CA ASP B 901 -14.40 -30.21 28.28
C ASP B 901 -13.43 -29.12 28.76
N VAL B 902 -13.90 -28.25 29.66
CA VAL B 902 -13.11 -27.10 30.11
C VAL B 902 -12.34 -27.43 31.40
N ARG B 903 -11.02 -27.64 31.29
CA ARG B 903 -10.17 -27.93 32.46
C ARG B 903 -9.53 -26.68 33.07
N THR B 904 -9.58 -26.60 34.40
CA THR B 904 -8.99 -25.49 35.14
C THR B 904 -7.47 -25.64 35.17
N GLU B 905 -6.77 -24.52 34.99
CA GLU B 905 -5.32 -24.52 35.01
C GLU B 905 -4.74 -23.62 36.11
N CYS B 906 -5.13 -22.35 36.13
CA CYS B 906 -4.60 -21.39 37.12
C CYS B 906 -5.62 -20.40 37.70
N ASN B 907 -5.29 -19.89 38.90
CA ASN B 907 -6.15 -18.96 39.64
C ASN B 907 -5.37 -17.75 40.13
N HIS B 908 -6.08 -16.64 40.32
CA HIS B 908 -5.55 -15.42 40.91
C HIS B 908 -6.59 -14.82 41.86
N TYR B 909 -6.29 -14.79 43.16
CA TYR B 909 -7.31 -14.50 44.19
C TYR B 909 -7.35 -13.07 44.71
N ASN B 910 -6.33 -12.27 44.38
CA ASN B 910 -6.26 -10.92 44.94
C ASN B 910 -7.13 -9.87 44.23
N ASN B 911 -8.45 -9.99 44.43
CA ASN B 911 -9.41 -9.03 43.91
C ASN B 911 -10.51 -8.75 44.93
N ILE B 912 -10.97 -7.51 45.01
CA ILE B 912 -12.14 -7.20 45.84
C ILE B 912 -13.40 -7.66 45.09
N MET B 913 -13.36 -7.53 43.76
CA MET B 913 -14.31 -8.11 42.80
C MET B 913 -13.86 -7.76 41.37
N ALA B 914 -13.60 -8.79 40.57
CA ALA B 914 -13.04 -8.63 39.23
C ALA B 914 -14.13 -8.49 38.20
N LEU B 915 -14.61 -7.26 38.04
CA LEU B 915 -15.70 -6.99 37.10
C LEU B 915 -15.22 -6.97 35.67
N TYR B 916 -13.98 -6.53 35.47
CA TYR B 916 -13.49 -6.23 34.12
C TYR B 916 -12.19 -6.94 33.79
N LEU B 917 -12.06 -7.33 32.52
CA LEU B 917 -10.89 -8.01 32.01
C LEU B 917 -10.58 -7.56 30.60
N LYS B 918 -9.35 -7.14 30.35
CA LYS B 918 -8.85 -6.95 28.97
C LYS B 918 -7.45 -7.54 28.82
N THR B 919 -7.18 -8.11 27.64
CA THR B 919 -5.91 -8.78 27.35
C THR B 919 -5.17 -8.12 26.20
N LYS B 920 -3.99 -7.58 26.49
CA LYS B 920 -3.13 -7.09 25.41
C LYS B 920 -2.55 -8.31 24.74
N GLY B 921 -3.07 -8.56 23.53
CA GLY B 921 -2.80 -9.72 22.66
C GLY B 921 -1.82 -10.79 23.10
N ASP B 922 -0.74 -10.36 23.75
CA ASP B 922 0.32 -11.26 24.22
C ASP B 922 -0.09 -12.04 25.47
N PHE B 923 0.63 -11.84 26.57
CA PHE B 923 0.38 -12.57 27.79
C PHE B 923 0.15 -11.58 28.94
N ILE B 924 -0.91 -10.78 28.85
CA ILE B 924 -1.15 -9.68 29.81
C ILE B 924 -2.65 -9.46 30.15
N LEU B 925 -2.95 -8.96 31.36
CA LEU B 925 -4.34 -8.81 31.86
C LEU B 925 -4.58 -7.59 32.76
N VAL B 926 -5.84 -7.22 32.99
CA VAL B 926 -6.21 -5.99 33.73
C VAL B 926 -7.66 -6.02 34.32
N GLY B 927 -7.91 -5.40 35.50
CA GLY B 927 -9.31 -5.19 36.02
C GLY B 927 -9.60 -4.96 37.52
N ASP B 928 -10.88 -4.72 37.88
CA ASP B 928 -11.43 -4.69 39.30
C ASP B 928 -12.56 -3.65 39.61
N LEU B 929 -13.34 -3.87 40.69
CA LEU B 929 -14.54 -3.07 41.05
C LEU B 929 -14.34 -1.77 41.84
N MET B 930 -13.77 -1.85 43.03
CA MET B 930 -13.67 -0.67 43.89
C MET B 930 -12.22 -0.23 44.17
N ARG B 931 -11.27 -0.77 43.42
CA ARG B 931 -9.85 -0.57 43.69
C ARG B 931 -8.97 -0.39 42.44
N SER B 932 -9.43 0.46 41.51
CA SER B 932 -8.72 0.73 40.24
C SER B 932 -8.40 -0.55 39.44
N VAL B 933 -7.16 -0.67 38.98
CA VAL B 933 -6.77 -1.79 38.09
C VAL B 933 -5.55 -2.63 38.54
N LEU B 934 -5.40 -3.80 37.91
CA LEU B 934 -4.27 -4.72 38.15
C LEU B 934 -3.65 -5.14 36.83
N LEU B 935 -2.32 -5.09 36.75
CA LEU B 935 -1.63 -5.68 35.62
C LEU B 935 -1.11 -7.05 36.01
N LEU B 936 -1.41 -8.02 35.18
CA LEU B 936 -1.02 -9.40 35.42
C LEU B 936 -0.46 -10.04 34.17
N ALA B 937 0.53 -10.91 34.36
CA ALA B 937 1.07 -11.72 33.27
C ALA B 937 0.78 -13.19 33.50
N TYR B 938 0.48 -13.88 32.41
CA TYR B 938 0.47 -15.33 32.38
C TYR B 938 1.90 -15.78 32.06
N LYS B 939 2.26 -16.96 32.55
CA LYS B 939 3.60 -17.47 32.34
C LYS B 939 3.60 -18.87 31.72
N PRO B 940 4.04 -19.00 30.46
CA PRO B 940 4.35 -20.32 29.91
C PRO B 940 5.50 -20.94 30.69
N MET B 941 6.04 -20.15 31.62
CA MET B 941 6.97 -20.61 32.65
C MET B 941 6.44 -21.91 33.25
N GLU B 942 5.31 -21.83 33.95
CA GLU B 942 4.70 -22.99 34.59
C GLU B 942 3.18 -22.98 34.50
N GLY B 943 2.63 -22.03 33.74
CA GLY B 943 1.18 -21.86 33.64
C GLY B 943 0.64 -21.32 34.95
N ASN B 944 1.08 -20.11 35.30
CA ASN B 944 0.75 -19.48 36.57
C ASN B 944 0.56 -17.97 36.38
N PHE B 945 -0.07 -17.32 37.35
CA PHE B 945 -0.18 -15.87 37.35
C PHE B 945 0.85 -15.22 38.27
N GLU B 946 1.17 -13.97 37.93
CA GLU B 946 2.15 -13.17 38.65
C GLU B 946 1.76 -11.71 38.49
N GLU B 947 1.39 -11.09 39.60
CA GLU B 947 0.87 -9.73 39.62
C GLU B 947 1.97 -8.69 39.37
N ILE B 948 2.16 -8.32 38.10
CA ILE B 948 3.22 -7.37 37.72
C ILE B 948 3.11 -6.08 38.51
N ALA B 949 2.01 -5.37 38.30
CA ALA B 949 1.78 -4.09 38.94
C ALA B 949 0.29 -3.83 39.11
N ARG B 950 -0.04 -2.93 40.04
CA ARG B 950 -1.41 -2.47 40.23
C ARG B 950 -1.38 -0.98 40.51
N ASP B 951 -2.53 -0.33 40.34
CA ASP B 951 -2.70 1.06 40.74
C ASP B 951 -3.13 1.08 42.21
N PHE B 952 -2.50 1.95 42.98
CA PHE B 952 -2.81 2.11 44.38
C PHE B 952 -3.74 3.31 44.54
N ASN B 953 -5.04 3.07 44.37
CA ASN B 953 -6.05 4.12 44.33
C ASN B 953 -7.48 3.59 44.33
N PRO B 954 -8.39 4.30 45.01
CA PRO B 954 -9.76 3.83 45.07
C PRO B 954 -10.65 4.39 43.95
N ASN B 955 -10.45 3.91 42.73
CA ASN B 955 -11.33 4.26 41.62
C ASN B 955 -12.42 3.19 41.45
N TRP B 956 -13.68 3.60 41.46
CA TRP B 956 -14.77 2.63 41.25
C TRP B 956 -15.04 2.44 39.76
N MET B 957 -14.43 1.40 39.21
CA MET B 957 -14.39 1.15 37.77
C MET B 957 -15.75 0.88 37.07
N SER B 958 -15.78 1.19 35.78
CA SER B 958 -16.94 0.89 34.92
C SER B 958 -16.54 0.45 33.49
N ALA B 959 -15.35 0.86 33.08
CA ALA B 959 -14.76 0.41 31.82
C ALA B 959 -13.24 0.34 31.93
N VAL B 960 -12.63 -0.62 31.26
CA VAL B 960 -11.18 -0.79 31.28
C VAL B 960 -10.73 -1.13 29.87
N GLU B 961 -9.64 -0.50 29.42
CA GLU B 961 -9.10 -0.78 28.09
C GLU B 961 -7.58 -0.74 28.08
N ILE B 962 -6.95 -1.65 27.34
CA ILE B 962 -5.51 -1.57 27.16
C ILE B 962 -5.18 -0.76 25.91
N LEU B 963 -4.53 0.39 26.09
CA LEU B 963 -4.19 1.27 24.99
C LEU B 963 -2.96 0.74 24.26
N ASP B 964 -1.95 0.37 25.04
CA ASP B 964 -0.71 -0.21 24.53
C ASP B 964 0.00 -0.94 25.66
N ASP B 965 1.11 -1.59 25.34
CA ASP B 965 1.86 -2.39 26.30
C ASP B 965 2.15 -1.66 27.63
N ASP B 966 2.11 -0.33 27.61
CA ASP B 966 2.44 0.45 28.80
C ASP B 966 1.27 1.21 29.42
N ASN B 967 0.40 1.80 28.58
CA ASN B 967 -0.71 2.66 29.04
C ASN B 967 -2.06 1.94 29.12
N PHE B 968 -2.68 2.01 30.30
CA PHE B 968 -3.99 1.41 30.50
C PHE B 968 -5.02 2.46 30.86
N LEU B 969 -6.18 2.36 30.22
CA LEU B 969 -7.23 3.36 30.33
C LEU B 969 -8.36 2.89 31.24
N GLY B 970 -8.85 3.81 32.07
CA GLY B 970 -9.90 3.54 33.02
C GLY B 970 -11.04 4.53 32.91
N ALA B 971 -12.17 4.16 33.49
CA ALA B 971 -13.35 5.00 33.52
C ALA B 971 -14.03 4.66 34.82
N GLU B 972 -14.50 5.68 35.53
CA GLU B 972 -15.12 5.38 36.81
C GLU B 972 -16.35 6.22 37.15
N ASN B 973 -17.08 5.72 38.14
CA ASN B 973 -18.42 6.15 38.50
C ASN B 973 -18.63 7.64 38.80
N ALA B 974 -17.55 8.42 38.79
CA ALA B 974 -17.66 9.86 38.98
C ALA B 974 -17.53 10.63 37.67
N PHE B 975 -17.51 9.88 36.57
CA PHE B 975 -17.34 10.41 35.21
C PHE B 975 -15.96 11.01 34.95
N ASN B 976 -14.92 10.23 35.26
CA ASN B 976 -13.55 10.60 34.95
C ASN B 976 -12.83 9.49 34.16
N LEU B 977 -11.97 9.90 33.24
CA LEU B 977 -11.07 9.00 32.53
C LEU B 977 -9.66 9.16 33.08
N PHE B 978 -8.96 8.04 33.25
CA PHE B 978 -7.59 8.09 33.72
C PHE B 978 -6.68 7.14 32.96
N VAL B 979 -5.44 7.53 32.79
CA VAL B 979 -4.44 6.67 32.18
C VAL B 979 -3.52 6.18 33.30
N CYS B 980 -3.04 4.95 33.17
CA CYS B 980 -2.04 4.44 34.07
C CYS B 980 -0.94 3.76 33.27
N GLN B 981 0.31 4.00 33.65
CA GLN B 981 1.45 3.30 33.06
C GLN B 981 2.40 2.74 34.13
N LYS B 982 3.11 1.67 33.81
CA LYS B 982 4.08 1.09 34.73
C LYS B 982 5.31 2.00 34.83
N ASP B 983 5.78 2.20 36.06
CA ASP B 983 6.92 3.08 36.38
C ASP B 983 8.24 2.59 35.76
N SER B 984 9.02 3.54 35.25
CA SER B 984 10.35 3.26 34.74
C SER B 984 11.44 3.77 35.70
N ALA B 985 11.33 3.36 36.96
CA ALA B 985 12.33 3.68 37.97
C ALA B 985 13.13 2.44 38.38
N ALA B 986 14.34 2.68 38.89
CA ALA B 986 15.23 1.61 39.39
C ALA B 986 14.72 1.03 40.71
N THR B 987 15.42 0.00 41.20
CA THR B 987 15.06 -0.75 42.42
C THR B 987 13.62 -1.29 42.34
N THR B 988 13.50 -2.46 41.70
CA THR B 988 12.24 -2.89 41.11
C THR B 988 11.40 -3.90 41.94
N ASP B 989 11.54 -3.86 43.26
CA ASP B 989 10.67 -4.64 44.14
C ASP B 989 9.82 -3.74 45.04
N GLU B 990 9.49 -2.56 44.53
CA GLU B 990 8.63 -1.59 45.22
C GLU B 990 8.14 -0.54 44.23
N GLU B 991 9.08 0.23 43.68
CA GLU B 991 8.77 1.28 42.72
C GLU B 991 8.27 0.67 41.41
N ARG B 992 8.54 -0.62 41.23
CA ARG B 992 8.10 -1.37 40.04
C ARG B 992 6.69 -1.90 40.21
N GLN B 993 6.37 -2.31 41.44
CA GLN B 993 5.07 -2.86 41.80
C GLN B 993 3.93 -1.84 41.67
N HIS B 994 4.25 -0.55 41.83
CA HIS B 994 3.27 0.52 41.73
C HIS B 994 3.25 1.10 40.31
N LEU B 995 2.06 1.21 39.70
CA LEU B 995 1.92 1.88 38.40
C LEU B 995 1.20 3.24 38.52
N GLN B 996 1.94 4.32 38.31
CA GLN B 996 1.47 5.69 38.58
C GLN B 996 0.38 6.16 37.63
N GLU B 997 -0.55 6.96 38.15
CA GLU B 997 -1.65 7.54 37.37
C GLU B 997 -1.17 8.76 36.57
N VAL B 998 -0.86 8.56 35.29
CA VAL B 998 -0.22 9.60 34.50
C VAL B 998 -1.14 10.62 33.89
N GLY B 999 -2.43 10.27 33.80
CA GLY B 999 -3.41 11.14 33.15
C GLY B 999 -4.79 11.11 33.75
N LEU B 1000 -5.20 12.25 34.30
CA LEU B 1000 -6.53 12.44 34.86
C LEU B 1000 -7.34 13.25 33.84
N PHE B 1001 -8.65 13.37 34.03
CA PHE B 1001 -9.51 14.15 33.10
C PHE B 1001 -10.99 13.83 33.32
N HIS B 1002 -11.77 14.85 33.63
CA HIS B 1002 -13.21 14.69 33.85
C HIS B 1002 -13.93 14.68 32.53
N LEU B 1003 -14.42 13.52 32.10
CA LEU B 1003 -15.17 13.44 30.84
C LEU B 1003 -16.51 14.20 30.95
N GLY B 1004 -17.28 13.83 31.97
CA GLY B 1004 -18.61 14.39 32.19
C GLY B 1004 -19.61 13.38 31.70
N GLU B 1005 -19.19 12.12 31.58
CA GLU B 1005 -20.02 11.02 31.07
C GLU B 1005 -19.68 9.69 31.74
N PHE B 1006 -20.70 8.91 32.11
CA PHE B 1006 -20.50 7.57 32.64
C PHE B 1006 -20.20 6.63 31.48
N VAL B 1007 -19.08 5.92 31.55
CA VAL B 1007 -18.64 5.10 30.40
C VAL B 1007 -18.90 3.63 30.67
N ASN B 1008 -19.62 3.00 29.75
CA ASN B 1008 -19.96 1.60 29.87
C ASN B 1008 -18.98 0.67 29.21
N VAL B 1009 -18.47 1.07 28.05
CA VAL B 1009 -17.65 0.16 27.27
C VAL B 1009 -16.66 0.85 26.32
N PHE B 1010 -15.40 0.42 26.40
CA PHE B 1010 -14.39 0.77 25.42
C PHE B 1010 -14.28 -0.41 24.46
N CYS B 1011 -13.86 -0.14 23.23
CA CYS B 1011 -13.36 -1.19 22.34
C CYS B 1011 -12.48 -0.55 21.28
N HIS B 1012 -11.59 -1.33 20.66
CA HIS B 1012 -10.80 -0.81 19.57
C HIS B 1012 -11.63 -0.80 18.29
N GLY B 1013 -11.53 0.29 17.52
CA GLY B 1013 -12.31 0.43 16.28
C GLY B 1013 -12.42 1.89 15.85
N SER B 1014 -12.90 2.10 14.64
CA SER B 1014 -12.99 3.42 14.05
C SER B 1014 -14.12 3.41 13.03
N LEU B 1015 -14.77 4.55 12.82
CA LEU B 1015 -15.95 4.60 11.97
C LEU B 1015 -15.70 5.04 10.52
N VAL B 1016 -14.52 5.56 10.31
CA VAL B 1016 -14.12 5.99 9.03
C VAL B 1016 -13.26 5.84 8.00
N MET B 1017 -12.27 4.89 8.13
CA MET B 1017 -11.29 4.58 7.19
C MET B 1017 -11.58 4.47 5.77
N GLN B 1018 -11.34 3.30 5.26
CA GLN B 1018 -11.67 3.07 3.89
C GLN B 1018 -12.97 2.31 3.86
N PRO B 1026 -1.00 12.04 11.43
CA PRO B 1026 -2.11 12.59 12.22
C PRO B 1026 -2.02 12.23 13.70
N THR B 1027 -2.54 11.06 14.08
CA THR B 1027 -2.45 10.51 15.44
C THR B 1027 -1.92 9.06 15.44
N GLN B 1028 -2.48 8.22 16.32
CA GLN B 1028 -2.05 6.85 16.49
C GLN B 1028 -3.01 6.10 17.44
N GLY B 1029 -3.34 4.86 17.09
CA GLY B 1029 -4.32 4.07 17.86
C GLY B 1029 -5.75 4.57 17.70
N SER B 1030 -6.72 3.87 18.32
CA SER B 1030 -8.13 4.32 18.32
C SER B 1030 -9.04 3.47 19.19
N VAL B 1031 -9.62 4.10 20.20
CA VAL B 1031 -10.52 3.43 21.13
C VAL B 1031 -11.85 4.17 21.19
N LEU B 1032 -12.91 3.50 20.74
CA LEU B 1032 -14.25 4.05 20.81
C LEU B 1032 -14.87 3.74 22.17
N PHE B 1033 -15.58 4.70 22.75
CA PHE B 1033 -16.31 4.42 23.99
C PHE B 1033 -17.77 4.81 23.95
N GLY B 1034 -18.61 4.01 24.59
CA GLY B 1034 -20.04 4.21 24.59
C GLY B 1034 -20.56 4.52 25.97
N THR B 1035 -21.21 5.67 26.12
CA THR B 1035 -21.65 6.14 27.42
C THR B 1035 -23.09 5.76 27.78
N VAL B 1036 -23.51 6.13 28.99
CA VAL B 1036 -24.86 5.87 29.48
C VAL B 1036 -25.83 6.86 28.87
N ASN B 1037 -25.33 8.06 28.59
CA ASN B 1037 -26.17 9.10 28.00
C ASN B 1037 -26.37 8.85 26.53
N GLY B 1038 -25.56 7.96 25.97
CA GLY B 1038 -25.71 7.57 24.56
C GLY B 1038 -24.73 8.27 23.64
N MET B 1039 -23.79 9.00 24.25
CA MET B 1039 -22.74 9.70 23.53
C MET B 1039 -21.70 8.65 23.13
N ILE B 1040 -21.23 8.74 21.89
CA ILE B 1040 -20.10 7.92 21.45
C ILE B 1040 -18.88 8.81 21.46
N GLY B 1041 -17.83 8.36 22.14
CA GLY B 1041 -16.61 9.14 22.24
C GLY B 1041 -15.41 8.38 21.71
N LEU B 1042 -14.29 9.08 21.57
CA LEU B 1042 -13.08 8.53 20.94
C LEU B 1042 -11.76 8.95 21.63
N VAL B 1043 -11.07 7.99 22.25
CA VAL B 1043 -9.72 8.23 22.75
C VAL B 1043 -8.69 7.82 21.70
N THR B 1044 -7.75 8.74 21.42
CA THR B 1044 -6.63 8.52 20.49
C THR B 1044 -5.34 9.06 21.12
N SER B 1045 -4.20 8.44 20.80
CA SER B 1045 -2.89 8.74 21.44
C SER B 1045 -1.97 9.60 20.56
N LEU B 1046 -1.13 10.44 21.20
CA LEU B 1046 -0.35 11.50 20.50
C LEU B 1046 1.15 11.39 20.62
N SER B 1047 1.86 12.05 19.70
CA SER B 1047 3.32 12.22 19.80
C SER B 1047 3.71 13.56 20.43
N GLU B 1048 4.76 13.52 21.25
CA GLU B 1048 5.11 14.60 22.20
C GLU B 1048 4.81 16.04 21.74
N SER B 1049 5.29 16.41 20.56
CA SER B 1049 5.19 17.79 20.08
C SER B 1049 3.73 18.20 19.90
N TRP B 1050 2.92 17.26 19.43
CA TRP B 1050 1.51 17.50 19.18
C TRP B 1050 0.76 17.88 20.46
N TYR B 1051 1.02 17.15 21.54
CA TYR B 1051 0.45 17.44 22.85
C TYR B 1051 0.75 18.88 23.25
N ASN B 1052 2.04 19.23 23.28
CA ASN B 1052 2.48 20.54 23.76
C ASN B 1052 1.94 21.69 22.92
N LEU B 1053 1.75 21.42 21.63
CA LEU B 1053 1.15 22.39 20.72
C LEU B 1053 -0.31 22.58 21.10
N LEU B 1054 -1.02 21.46 21.24
CA LEU B 1054 -2.46 21.47 21.49
C LEU B 1054 -2.80 21.93 22.91
N LEU B 1055 -2.02 21.49 23.91
CA LEU B 1055 -2.17 21.94 25.30
C LEU B 1055 -2.03 23.45 25.38
N ASP B 1056 -1.11 23.99 24.60
CA ASP B 1056 -0.96 25.42 24.51
C ASP B 1056 -2.14 26.00 23.75
N MET B 1057 -2.33 25.56 22.50
CA MET B 1057 -3.43 26.01 21.66
C MET B 1057 -4.79 25.89 22.37
N GLN B 1058 -4.80 25.16 23.48
CA GLN B 1058 -5.96 25.07 24.34
C GLN B 1058 -6.08 26.33 25.20
N ASN B 1059 -4.98 26.68 25.88
CA ASN B 1059 -4.94 27.88 26.73
C ASN B 1059 -5.11 29.19 25.97
N ARG B 1060 -4.65 29.21 24.73
CA ARG B 1060 -4.89 30.34 23.84
C ARG B 1060 -6.38 30.38 23.51
N LEU B 1061 -6.94 29.21 23.23
CA LEU B 1061 -8.34 29.04 22.81
C LEU B 1061 -9.37 29.35 23.88
N ASN B 1062 -8.95 29.39 25.14
CA ASN B 1062 -9.89 29.71 26.22
C ASN B 1062 -10.06 31.19 26.47
N LYS B 1063 -8.95 31.94 26.40
CA LYS B 1063 -8.98 33.39 26.53
C LYS B 1063 -9.86 34.02 25.44
N VAL B 1064 -9.87 33.41 24.26
CA VAL B 1064 -10.69 33.88 23.16
C VAL B 1064 -12.15 33.43 23.32
N ILE B 1065 -12.35 32.12 23.52
CA ILE B 1065 -13.69 31.54 23.58
C ILE B 1065 -14.38 31.79 24.93
N LYS B 1066 -15.49 32.52 24.85
CA LYS B 1066 -16.28 32.91 26.01
C LYS B 1066 -17.26 31.79 26.35
N SER B 1067 -17.14 31.24 27.56
CA SER B 1067 -17.98 30.13 28.00
C SER B 1067 -19.42 30.55 28.25
N VAL B 1068 -20.33 29.59 28.14
CA VAL B 1068 -21.76 29.89 28.16
C VAL B 1068 -22.21 30.48 29.50
N GLY B 1069 -22.11 29.69 30.56
CA GLY B 1069 -22.50 30.18 31.89
C GLY B 1069 -21.39 30.96 32.55
N LYS B 1070 -20.36 31.27 31.77
CA LYS B 1070 -19.10 31.85 32.24
C LYS B 1070 -18.35 30.85 33.11
N ILE B 1071 -18.19 29.65 32.60
CA ILE B 1071 -17.52 28.58 33.32
C ILE B 1071 -16.09 28.42 32.80
N GLU B 1072 -15.16 28.39 33.74
CA GLU B 1072 -13.77 28.12 33.47
C GLU B 1072 -13.64 26.73 32.85
N HIS B 1073 -12.97 26.65 31.71
CA HIS B 1073 -12.79 25.38 31.01
C HIS B 1073 -11.86 24.45 31.77
N SER B 1074 -10.80 25.02 32.34
CA SER B 1074 -9.82 24.27 33.12
C SER B 1074 -10.48 23.61 34.34
N PHE B 1075 -11.50 24.27 34.89
CA PHE B 1075 -12.29 23.78 36.02
C PHE B 1075 -13.12 22.58 35.60
N TRP B 1076 -13.99 22.78 34.61
CA TRP B 1076 -14.85 21.73 34.03
C TRP B 1076 -14.12 20.40 33.81
N ARG B 1077 -12.89 20.48 33.33
CA ARG B 1077 -12.10 19.30 33.01
C ARG B 1077 -11.28 18.77 34.20
N SER B 1078 -11.28 19.49 35.31
CA SER B 1078 -10.58 19.07 36.52
C SER B 1078 -11.06 17.71 37.00
N PHE B 1079 -10.11 16.83 37.32
CA PHE B 1079 -10.41 15.49 37.87
C PHE B 1079 -11.24 15.61 39.14
N HIS B 1080 -12.51 15.23 39.06
CA HIS B 1080 -13.36 15.40 40.23
C HIS B 1080 -14.00 14.13 40.81
N THR B 1081 -13.57 13.78 42.01
CA THR B 1081 -14.28 12.79 42.81
C THR B 1081 -14.59 13.42 44.17
N GLU B 1082 -15.53 12.81 44.90
CA GLU B 1082 -15.94 13.33 46.20
C GLU B 1082 -14.89 13.02 47.30
N ARG B 1083 -13.61 13.21 46.95
CA ARG B 1083 -12.52 13.00 47.90
C ARG B 1083 -11.28 13.81 47.52
N LYS B 1084 -11.17 14.14 46.23
CA LYS B 1084 -10.06 14.94 45.74
C LYS B 1084 -10.35 15.65 44.42
N THR B 1085 -9.61 16.72 44.17
CA THR B 1085 -9.70 17.44 42.92
C THR B 1085 -8.31 17.87 42.46
N GLU B 1086 -7.97 17.49 41.23
CA GLU B 1086 -6.71 17.87 40.60
C GLU B 1086 -7.01 18.31 39.15
N PRO B 1087 -6.15 19.15 38.54
CA PRO B 1087 -6.39 19.56 37.17
C PRO B 1087 -6.05 18.46 36.16
N ALA B 1088 -6.63 18.57 34.97
CA ALA B 1088 -6.46 17.57 33.91
C ALA B 1088 -5.03 17.51 33.44
N THR B 1089 -4.52 16.30 33.24
CA THR B 1089 -3.20 16.11 32.63
C THR B 1089 -3.25 15.03 31.58
N GLY B 1090 -2.38 15.15 30.59
CA GLY B 1090 -2.24 14.15 29.53
C GLY B 1090 -3.52 13.80 28.78
N PHE B 1091 -4.35 14.81 28.53
CA PHE B 1091 -5.62 14.65 27.82
C PHE B 1091 -6.04 15.95 27.14
N ILE B 1092 -6.60 15.84 25.94
CA ILE B 1092 -6.97 17.02 25.15
C ILE B 1092 -8.33 16.87 24.46
N ASP B 1093 -9.38 17.56 24.93
CA ASP B 1093 -10.66 17.43 24.21
C ASP B 1093 -10.63 18.20 22.92
N GLY B 1094 -10.52 17.43 21.85
CA GLY B 1094 -10.64 17.92 20.49
C GLY B 1094 -11.99 18.54 20.23
N ASP B 1095 -12.93 18.38 21.15
CA ASP B 1095 -14.15 19.16 21.14
C ASP B 1095 -13.82 20.65 21.21
N LEU B 1096 -12.86 21.00 22.08
CA LEU B 1096 -12.36 22.38 22.18
C LEU B 1096 -11.44 22.73 21.01
N ILE B 1097 -10.39 21.94 20.84
CA ILE B 1097 -9.49 22.09 19.69
C ILE B 1097 -10.30 22.39 18.44
N GLU B 1098 -11.38 21.63 18.24
CA GLU B 1098 -12.28 21.78 17.08
C GLU B 1098 -13.11 23.06 17.09
N SER B 1099 -13.32 23.63 18.28
CA SER B 1099 -14.07 24.87 18.40
C SER B 1099 -13.34 26.06 17.77
N PHE B 1100 -12.07 25.85 17.43
CA PHE B 1100 -11.25 26.80 16.71
C PHE B 1100 -11.91 27.21 15.38
N LEU B 1101 -12.32 26.22 14.60
CA LEU B 1101 -12.83 26.44 13.24
C LEU B 1101 -14.22 27.08 13.19
N ASP B 1102 -14.63 27.68 14.30
CA ASP B 1102 -15.91 28.38 14.38
C ASP B 1102 -15.73 29.84 14.81
N ILE B 1103 -14.51 30.21 15.19
CA ILE B 1103 -14.25 31.60 15.58
C ILE B 1103 -13.99 32.48 14.36
N SER B 1104 -14.39 33.74 14.47
CA SER B 1104 -14.07 34.76 13.49
C SER B 1104 -12.55 34.92 13.40
N ARG B 1105 -12.07 35.25 12.20
CA ARG B 1105 -10.63 35.32 11.93
C ARG B 1105 -9.86 36.37 12.76
N PRO B 1106 -10.49 37.51 13.12
CA PRO B 1106 -9.85 38.47 14.03
C PRO B 1106 -9.41 37.89 15.38
N LYS B 1107 -10.22 36.99 15.92
CA LYS B 1107 -9.94 36.34 17.20
C LYS B 1107 -9.27 34.98 16.99
N MET B 1108 -9.34 34.49 15.76
CA MET B 1108 -8.55 33.35 15.31
C MET B 1108 -7.06 33.74 15.24
N GLN B 1109 -6.80 35.02 14.92
CA GLN B 1109 -5.44 35.57 14.88
C GLN B 1109 -4.81 35.60 16.27
N GLU B 1110 -5.55 36.16 17.23
CA GLU B 1110 -5.11 36.33 18.63
C GLU B 1110 -4.44 35.09 19.20
N VAL B 1111 -5.03 33.93 18.88
CA VAL B 1111 -4.53 32.62 19.26
C VAL B 1111 -3.02 32.56 19.01
N VAL B 1112 -2.59 33.05 17.84
CA VAL B 1112 -1.17 33.05 17.49
C VAL B 1112 -0.44 34.34 17.89
N ALA B 1113 0.53 34.18 18.80
CA ALA B 1113 1.52 35.21 19.13
C ALA B 1113 2.92 34.60 19.01
N ASN B 1114 2.97 33.28 19.21
CA ASN B 1114 4.13 32.42 18.96
C ASN B 1114 3.78 30.95 19.19
N ARG B 1125 11.41 25.73 14.32
CA ARG B 1125 10.06 25.94 14.84
C ARG B 1125 9.38 27.15 14.18
N GLU B 1126 8.04 27.12 14.11
CA GLU B 1126 7.28 28.22 13.51
C GLU B 1126 5.98 28.55 14.23
N ALA B 1127 5.41 29.71 13.89
CA ALA B 1127 4.17 30.21 14.50
C ALA B 1127 3.32 30.96 13.46
N THR B 1128 2.48 30.23 12.73
CA THR B 1128 1.79 30.77 11.56
C THR B 1128 0.46 31.45 11.94
N ALA B 1129 -0.65 30.94 11.39
CA ALA B 1129 -1.98 31.48 11.63
C ALA B 1129 -3.01 30.66 10.85
N ASP B 1130 -2.93 30.75 9.53
CA ASP B 1130 -3.81 29.99 8.65
C ASP B 1130 -3.25 28.59 8.38
N ASP B 1131 -2.28 28.17 9.20
CA ASP B 1131 -1.70 26.84 9.12
C ASP B 1131 -2.31 25.91 10.17
N LEU B 1132 -2.98 26.49 11.16
CA LEU B 1132 -3.70 25.73 12.18
C LEU B 1132 -5.13 25.43 11.74
N ILE B 1133 -5.74 26.37 11.03
CA ILE B 1133 -7.01 26.14 10.35
C ILE B 1133 -6.92 24.86 9.51
N LYS B 1134 -5.69 24.38 9.33
CA LYS B 1134 -5.38 23.19 8.55
C LYS B 1134 -5.11 21.98 9.44
N VAL B 1135 -4.42 22.21 10.55
CA VAL B 1135 -4.06 21.13 11.49
C VAL B 1135 -5.29 20.64 12.25
N VAL B 1136 -6.13 21.57 12.70
CA VAL B 1136 -7.36 21.25 13.41
C VAL B 1136 -8.29 20.45 12.52
N GLU B 1137 -8.20 20.68 11.20
CA GLU B 1137 -8.90 19.86 10.22
C GLU B 1137 -8.31 18.46 10.05
N GLU B 1138 -6.97 18.34 10.12
CA GLU B 1138 -6.32 17.03 10.06
C GLU B 1138 -6.71 16.14 11.26
N LEU B 1139 -7.65 16.62 12.06
CA LEU B 1139 -8.12 15.93 13.25
C LEU B 1139 -9.64 15.75 13.25
N THR B 1140 -10.32 16.50 12.40
CA THR B 1140 -11.77 16.33 12.25
C THR B 1140 -12.05 15.18 11.31
N ARG B 1141 -11.01 14.41 10.99
CA ARG B 1141 -11.14 13.26 10.10
C ARG B 1141 -10.66 11.95 10.73
N ILE B 1142 -10.92 11.75 12.02
CA ILE B 1142 -10.59 10.46 12.67
C ILE B 1142 -11.81 9.67 13.21
N HIS B 1143 -13.02 10.22 13.02
CA HIS B 1143 -14.24 9.57 13.50
C HIS B 1143 -15.44 9.84 12.59
N GLN C 1 31.30 15.59 -36.20
CA GLN C 1 29.95 15.70 -36.85
C GLN C 1 28.87 15.07 -35.97
N ALA C 2 27.62 15.09 -36.44
CA ALA C 2 26.48 14.56 -35.68
C ALA C 2 26.41 13.03 -35.69
N LEU C 3 26.86 12.44 -36.80
CA LEU C 3 26.86 10.98 -37.00
C LEU C 3 28.14 10.27 -36.54
N PRO C 4 29.33 10.77 -36.93
CA PRO C 4 30.56 10.36 -36.24
C PRO C 4 30.42 10.33 -34.72
N ALA C 5 29.49 11.10 -34.17
CA ALA C 5 29.16 11.04 -32.75
C ALA C 5 28.22 9.87 -32.42
N LEU C 6 27.33 9.55 -33.37
CA LEU C 6 26.26 8.56 -33.16
C LEU C 6 26.65 7.08 -33.35
N ARG C 7 27.80 6.82 -33.98
CA ARG C 7 28.38 5.46 -34.03
C ARG C 7 29.50 5.30 -33.00
N GLU C 8 29.55 6.25 -32.07
CA GLU C 8 30.50 6.24 -30.98
C GLU C 8 29.77 6.35 -29.64
N ARG C 9 28.54 6.87 -29.69
CA ARG C 9 27.65 6.90 -28.52
C ARG C 9 26.95 5.55 -28.30
N GLU C 10 26.86 4.77 -29.38
CA GLU C 10 26.36 3.40 -29.31
C GLU C 10 27.43 2.40 -28.85
N LEU C 11 28.68 2.87 -28.75
CA LEU C 11 29.81 2.03 -28.34
C LEU C 11 30.40 2.42 -26.97
N GLY C 12 30.39 3.72 -26.66
CA GLY C 12 30.97 4.22 -25.41
C GLY C 12 32.30 4.96 -25.57
N SER C 13 32.25 6.29 -25.39
CA SER C 13 33.40 7.20 -25.52
C SER C 13 34.33 6.87 -26.70
N GLN D 1 -28.02 -6.01 45.90
CA GLN D 1 -27.01 -7.07 45.60
C GLN D 1 -25.98 -6.57 44.58
N ALA D 2 -24.80 -7.19 44.56
CA ALA D 2 -23.69 -6.80 43.67
C ALA D 2 -23.93 -7.10 42.19
N LEU D 3 -25.12 -7.62 41.86
CA LEU D 3 -25.54 -7.85 40.47
C LEU D 3 -26.73 -6.98 40.06
N PRO D 4 -27.86 -7.02 40.82
CA PRO D 4 -28.90 -5.99 40.66
C PRO D 4 -28.33 -4.57 40.63
N ALA D 5 -27.22 -4.33 41.35
CA ALA D 5 -26.53 -3.04 41.32
C ALA D 5 -25.73 -2.82 40.03
N LEU D 6 -25.45 -3.92 39.31
CA LEU D 6 -24.67 -3.86 38.07
C LEU D 6 -25.48 -3.67 36.77
N ARG D 7 -26.78 -4.02 36.81
CA ARG D 7 -27.67 -3.68 35.70
C ARG D 7 -28.23 -2.26 35.87
N GLU D 8 -28.19 -1.75 37.09
CA GLU D 8 -28.62 -0.38 37.41
C GLU D 8 -27.60 0.67 36.96
N ARG D 9 -26.37 0.54 37.45
CA ARG D 9 -25.29 1.50 37.16
C ARG D 9 -24.94 1.65 35.66
N GLU D 10 -25.16 0.59 34.89
CA GLU D 10 -25.01 0.64 33.43
C GLU D 10 -26.17 1.35 32.73
N LEU D 11 -27.16 1.82 33.51
CA LEU D 11 -28.35 2.48 32.96
C LEU D 11 -28.56 3.91 33.49
N GLY D 12 -28.08 4.19 34.69
CA GLY D 12 -28.23 5.52 35.30
C GLY D 12 -29.05 5.54 36.60
N SER D 13 -28.54 6.24 37.60
CA SER D 13 -29.22 6.34 38.89
C SER D 13 -30.05 5.09 39.18
#